data_6X9Z
# 
_entry.id   6X9Z 
# 
_audit_conform.dict_name       mmcif_pdbx.dic 
_audit_conform.dict_version    5.389 
_audit_conform.dict_location   http://mmcif.pdb.org/dictionaries/ascii/mmcif_pdbx.dic 
# 
loop_
_database_2.database_id 
_database_2.database_code 
_database_2.pdbx_database_accession 
_database_2.pdbx_DOI 
PDB   6X9Z         pdb_00006x9z 10.2210/pdb6x9z/pdb 
WWPDB D_1000249817 ?            ?                   
# 
loop_
_pdbx_audit_revision_history.ordinal 
_pdbx_audit_revision_history.data_content_type 
_pdbx_audit_revision_history.major_revision 
_pdbx_audit_revision_history.minor_revision 
_pdbx_audit_revision_history.revision_date 
1 'Structure model' 1 0 2021-02-17 
2 'Structure model' 1 1 2021-03-03 
3 'Structure model' 1 2 2024-03-06 
4 'Structure model' 1 3 2024-04-03 
# 
_pdbx_audit_revision_details.ordinal             1 
_pdbx_audit_revision_details.revision_ordinal    1 
_pdbx_audit_revision_details.data_content_type   'Structure model' 
_pdbx_audit_revision_details.provider            repository 
_pdbx_audit_revision_details.type                'Initial release' 
_pdbx_audit_revision_details.description         ? 
_pdbx_audit_revision_details.details             ? 
# 
loop_
_pdbx_audit_revision_group.ordinal 
_pdbx_audit_revision_group.revision_ordinal 
_pdbx_audit_revision_group.data_content_type 
_pdbx_audit_revision_group.group 
1 2 'Structure model' 'Database references'    
2 3 'Structure model' 'Data collection'        
3 3 'Structure model' 'Database references'    
4 4 'Structure model' 'Refinement description' 
# 
loop_
_pdbx_audit_revision_category.ordinal 
_pdbx_audit_revision_category.revision_ordinal 
_pdbx_audit_revision_category.data_content_type 
_pdbx_audit_revision_category.category 
1 2 'Structure model' citation                      
2 2 'Structure model' citation_author               
3 3 'Structure model' chem_comp_atom                
4 3 'Structure model' chem_comp_bond                
5 3 'Structure model' database_2                    
6 4 'Structure model' pdbx_initial_refinement_model 
# 
loop_
_pdbx_audit_revision_item.ordinal 
_pdbx_audit_revision_item.revision_ordinal 
_pdbx_audit_revision_item.data_content_type 
_pdbx_audit_revision_item.item 
1 2 'Structure model' '_citation.journal_volume'            
2 2 'Structure model' '_citation.pdbx_database_id_PubMed'   
3 2 'Structure model' '_citation.title'                     
4 2 'Structure model' '_citation_author.identifier_ORCID'   
5 3 'Structure model' '_database_2.pdbx_DOI'                
6 3 'Structure model' '_database_2.pdbx_database_accession' 
# 
_pdbx_database_status.status_code                     REL 
_pdbx_database_status.status_code_sf                  REL 
_pdbx_database_status.status_code_mr                  ? 
_pdbx_database_status.entry_id                        6X9Z 
_pdbx_database_status.recvd_initial_deposition_date   2020-06-03 
_pdbx_database_status.SG_entry                        N 
_pdbx_database_status.deposit_site                    RCSB 
_pdbx_database_status.process_site                    RCSB 
_pdbx_database_status.status_code_cs                  ? 
_pdbx_database_status.status_code_nmr_data            ? 
_pdbx_database_status.methods_development_category    ? 
_pdbx_database_status.pdb_format_compatible           Y 
# 
loop_
_audit_author.name 
_audit_author.pdbx_ordinal 
_audit_author.identifier_ORCID 
'Bera, A.K.'      1 ? 
'Vorobieva, A.A.' 2 ? 
'Kang, A.S.'      3 ? 
'Baker, D.'       4 ? 
# 
_citation.abstract                  ? 
_citation.abstract_id_CAS           ? 
_citation.book_id_ISBN              ? 
_citation.book_publisher            ? 
_citation.book_publisher_city       ? 
_citation.book_title                ? 
_citation.coordinate_linkage        ? 
_citation.country                   US 
_citation.database_id_Medline       ? 
_citation.details                   ? 
_citation.id                        primary 
_citation.journal_abbrev            Science 
_citation.journal_id_ASTM           SCIEAS 
_citation.journal_id_CSD            0038 
_citation.journal_id_ISSN           1095-9203 
_citation.journal_full              ? 
_citation.journal_issue             ? 
_citation.journal_volume            371 
_citation.language                  ? 
_citation.page_first                ? 
_citation.page_last                 ? 
_citation.title                     'De novo design of transmembrane beta barrels.' 
_citation.year                      2021 
_citation.database_id_CSD           ? 
_citation.pdbx_database_id_DOI      10.1126/science.abc8182 
_citation.pdbx_database_id_PubMed   33602829 
_citation.unpublished_flag          ? 
# 
loop_
_citation_author.citation_id 
_citation_author.name 
_citation_author.ordinal 
_citation_author.identifier_ORCID 
primary 'Vorobieva, A.A.' 1  0000-0001-5554-1398 
primary 'White, P.'       2  0000-0001-7536-4552 
primary 'Liang, B.'       3  0000-0001-9347-4958 
primary 'Horne, J.E.'     4  0000-0001-5260-2634 
primary 'Bera, A.K.'      5  ?                   
primary 'Chow, C.M.'      6  0000-0001-5351-6412 
primary 'Gerben, S.'      7  0000-0003-0313-6248 
primary 'Marx, S.'        8  0000-0002-6126-6019 
primary 'Kang, A.'        9  0000-0001-5487-0499 
primary 'Stiving, A.Q.'   10 ?                   
primary 'Harvey, S.R.'    11 0000-0003-0763-8173 
primary 'Marx, D.C.'      12 0000-0003-0149-3778 
primary 'Khan, G.N.'      13 0000-0002-1834-2485 
primary 'Fleming, K.G.'   14 0000-0001-5417-8830 
primary 'Wysocki, V.H.'   15 0000-0003-0495-2538 
primary 'Brockwell, D.J.' 16 0000-0002-0802-5937 
primary 'Tamm, L.K.'      17 0000-0002-1674-4464 
primary 'Radford, S.E.'   18 0000-0002-3079-8039 
primary 'Baker, D.'       19 0000-0001-7896-6217 
# 
loop_
_entity.id 
_entity.type 
_entity.src_method 
_entity.pdbx_description 
_entity.formula_weight 
_entity.pdbx_number_of_molecules 
_entity.pdbx_ec 
_entity.pdbx_mutation 
_entity.pdbx_fragment 
_entity.details 
1 polymer syn 'Transmembrane beta-barrels' 13424.055 1  ? ? ? ? 
2 water   nat water                        18.015    30 ? ? ? ? 
# 
_entity_poly.entity_id                      1 
_entity_poly.type                           'polypeptide(L)' 
_entity_poly.nstd_linkage                   no 
_entity_poly.nstd_monomer                   no 
_entity_poly.pdbx_seq_one_letter_code       
;MEQKPGTLMVYVVVGYNTDNTVDVVGGAQYAVSPYLFLDVGYGWNNSSLNFLEVGGGVSYKVSPDLEPYVKAGFEYNTDN
TIKPTAGAGALYRVSPNLALMVEYGWNNSSLQKVAIGIAYKVKD
;
_entity_poly.pdbx_seq_one_letter_code_can   
;MEQKPGTLMVYVVVGYNTDNTVDVVGGAQYAVSPYLFLDVGYGWNNSSLNFLEVGGGVSYKVSPDLEPYVKAGFEYNTDN
TIKPTAGAGALYRVSPNLALMVEYGWNNSSLQKVAIGIAYKVKD
;
_entity_poly.pdbx_strand_id                 A 
_entity_poly.pdbx_target_identifier         ? 
# 
_pdbx_entity_nonpoly.entity_id   2 
_pdbx_entity_nonpoly.name        water 
_pdbx_entity_nonpoly.comp_id     HOH 
# 
loop_
_entity_poly_seq.entity_id 
_entity_poly_seq.num 
_entity_poly_seq.mon_id 
_entity_poly_seq.hetero 
1 1   MET n 
1 2   GLU n 
1 3   GLN n 
1 4   LYS n 
1 5   PRO n 
1 6   GLY n 
1 7   THR n 
1 8   LEU n 
1 9   MET n 
1 10  VAL n 
1 11  TYR n 
1 12  VAL n 
1 13  VAL n 
1 14  VAL n 
1 15  GLY n 
1 16  TYR n 
1 17  ASN n 
1 18  THR n 
1 19  ASP n 
1 20  ASN n 
1 21  THR n 
1 22  VAL n 
1 23  ASP n 
1 24  VAL n 
1 25  VAL n 
1 26  GLY n 
1 27  GLY n 
1 28  ALA n 
1 29  GLN n 
1 30  TYR n 
1 31  ALA n 
1 32  VAL n 
1 33  SER n 
1 34  PRO n 
1 35  TYR n 
1 36  LEU n 
1 37  PHE n 
1 38  LEU n 
1 39  ASP n 
1 40  VAL n 
1 41  GLY n 
1 42  TYR n 
1 43  GLY n 
1 44  TRP n 
1 45  ASN n 
1 46  ASN n 
1 47  SER n 
1 48  SER n 
1 49  LEU n 
1 50  ASN n 
1 51  PHE n 
1 52  LEU n 
1 53  GLU n 
1 54  VAL n 
1 55  GLY n 
1 56  GLY n 
1 57  GLY n 
1 58  VAL n 
1 59  SER n 
1 60  TYR n 
1 61  LYS n 
1 62  VAL n 
1 63  SER n 
1 64  PRO n 
1 65  ASP n 
1 66  LEU n 
1 67  GLU n 
1 68  PRO n 
1 69  TYR n 
1 70  VAL n 
1 71  LYS n 
1 72  ALA n 
1 73  GLY n 
1 74  PHE n 
1 75  GLU n 
1 76  TYR n 
1 77  ASN n 
1 78  THR n 
1 79  ASP n 
1 80  ASN n 
1 81  THR n 
1 82  ILE n 
1 83  LYS n 
1 84  PRO n 
1 85  THR n 
1 86  ALA n 
1 87  GLY n 
1 88  ALA n 
1 89  GLY n 
1 90  ALA n 
1 91  LEU n 
1 92  TYR n 
1 93  ARG n 
1 94  VAL n 
1 95  SER n 
1 96  PRO n 
1 97  ASN n 
1 98  LEU n 
1 99  ALA n 
1 100 LEU n 
1 101 MET n 
1 102 VAL n 
1 103 GLU n 
1 104 TYR n 
1 105 GLY n 
1 106 TRP n 
1 107 ASN n 
1 108 ASN n 
1 109 SER n 
1 110 SER n 
1 111 LEU n 
1 112 GLN n 
1 113 LYS n 
1 114 VAL n 
1 115 ALA n 
1 116 ILE n 
1 117 GLY n 
1 118 ILE n 
1 119 ALA n 
1 120 TYR n 
1 121 LYS n 
1 122 VAL n 
1 123 LYS n 
1 124 ASP n 
# 
_pdbx_entity_src_syn.entity_id              1 
_pdbx_entity_src_syn.pdbx_src_id            1 
_pdbx_entity_src_syn.pdbx_alt_source_flag   sample 
_pdbx_entity_src_syn.pdbx_beg_seq_num       1 
_pdbx_entity_src_syn.pdbx_end_seq_num       124 
_pdbx_entity_src_syn.organism_scientific    'synthetic construct' 
_pdbx_entity_src_syn.organism_common_name   ? 
_pdbx_entity_src_syn.ncbi_taxonomy_id       32630 
_pdbx_entity_src_syn.details                ? 
# 
loop_
_chem_comp.id 
_chem_comp.type 
_chem_comp.mon_nstd_flag 
_chem_comp.name 
_chem_comp.pdbx_synonyms 
_chem_comp.formula 
_chem_comp.formula_weight 
ALA 'L-peptide linking' y ALANINE         ? 'C3 H7 N O2'     89.093  
ARG 'L-peptide linking' y ARGININE        ? 'C6 H15 N4 O2 1' 175.209 
ASN 'L-peptide linking' y ASPARAGINE      ? 'C4 H8 N2 O3'    132.118 
ASP 'L-peptide linking' y 'ASPARTIC ACID' ? 'C4 H7 N O4'     133.103 
GLN 'L-peptide linking' y GLUTAMINE       ? 'C5 H10 N2 O3'   146.144 
GLU 'L-peptide linking' y 'GLUTAMIC ACID' ? 'C5 H9 N O4'     147.129 
GLY 'peptide linking'   y GLYCINE         ? 'C2 H5 N O2'     75.067  
HOH non-polymer         . WATER           ? 'H2 O'           18.015  
ILE 'L-peptide linking' y ISOLEUCINE      ? 'C6 H13 N O2'    131.173 
LEU 'L-peptide linking' y LEUCINE         ? 'C6 H13 N O2'    131.173 
LYS 'L-peptide linking' y LYSINE          ? 'C6 H15 N2 O2 1' 147.195 
MET 'L-peptide linking' y METHIONINE      ? 'C5 H11 N O2 S'  149.211 
PHE 'L-peptide linking' y PHENYLALANINE   ? 'C9 H11 N O2'    165.189 
PRO 'L-peptide linking' y PROLINE         ? 'C5 H9 N O2'     115.130 
SER 'L-peptide linking' y SERINE          ? 'C3 H7 N O3'     105.093 
THR 'L-peptide linking' y THREONINE       ? 'C4 H9 N O3'     119.119 
TRP 'L-peptide linking' y TRYPTOPHAN      ? 'C11 H12 N2 O2'  204.225 
TYR 'L-peptide linking' y TYROSINE        ? 'C9 H11 N O3'    181.189 
VAL 'L-peptide linking' y VALINE          ? 'C5 H11 N O2'    117.146 
# 
loop_
_pdbx_poly_seq_scheme.asym_id 
_pdbx_poly_seq_scheme.entity_id 
_pdbx_poly_seq_scheme.seq_id 
_pdbx_poly_seq_scheme.mon_id 
_pdbx_poly_seq_scheme.ndb_seq_num 
_pdbx_poly_seq_scheme.pdb_seq_num 
_pdbx_poly_seq_scheme.auth_seq_num 
_pdbx_poly_seq_scheme.pdb_mon_id 
_pdbx_poly_seq_scheme.auth_mon_id 
_pdbx_poly_seq_scheme.pdb_strand_id 
_pdbx_poly_seq_scheme.pdb_ins_code 
_pdbx_poly_seq_scheme.hetero 
A 1 1   MET 1   1   1   MET MET A . n 
A 1 2   GLU 2   2   2   GLU GLU A . n 
A 1 3   GLN 3   3   3   GLN GLN A . n 
A 1 4   LYS 4   4   4   LYS LYS A . n 
A 1 5   PRO 5   5   5   PRO PRO A . n 
A 1 6   GLY 6   6   6   GLY GLY A . n 
A 1 7   THR 7   7   7   THR THR A . n 
A 1 8   LEU 8   8   8   LEU LEU A . n 
A 1 9   MET 9   9   9   MET MET A . n 
A 1 10  VAL 10  10  10  VAL VAL A . n 
A 1 11  TYR 11  11  11  TYR TYR A . n 
A 1 12  VAL 12  12  12  VAL VAL A . n 
A 1 13  VAL 13  13  13  VAL VAL A . n 
A 1 14  VAL 14  14  14  VAL VAL A . n 
A 1 15  GLY 15  15  15  GLY GLY A . n 
A 1 16  TYR 16  16  16  TYR TYR A . n 
A 1 17  ASN 17  17  17  ASN ASN A . n 
A 1 18  THR 18  18  18  THR THR A . n 
A 1 19  ASP 19  19  19  ASP ASP A . n 
A 1 20  ASN 20  20  20  ASN ASN A . n 
A 1 21  THR 21  21  21  THR THR A . n 
A 1 22  VAL 22  22  22  VAL VAL A . n 
A 1 23  ASP 23  23  23  ASP ASP A . n 
A 1 24  VAL 24  24  24  VAL VAL A . n 
A 1 25  VAL 25  25  25  VAL VAL A . n 
A 1 26  GLY 26  26  26  GLY GLY A . n 
A 1 27  GLY 27  27  27  GLY GLY A . n 
A 1 28  ALA 28  28  28  ALA ALA A . n 
A 1 29  GLN 29  29  29  GLN GLN A . n 
A 1 30  TYR 30  30  30  TYR TYR A . n 
A 1 31  ALA 31  31  31  ALA ALA A . n 
A 1 32  VAL 32  32  32  VAL VAL A . n 
A 1 33  SER 33  33  33  SER SER A . n 
A 1 34  PRO 34  34  34  PRO PRO A . n 
A 1 35  TYR 35  35  35  TYR TYR A . n 
A 1 36  LEU 36  36  36  LEU LEU A . n 
A 1 37  PHE 37  37  37  PHE PHE A . n 
A 1 38  LEU 38  38  38  LEU LEU A . n 
A 1 39  ASP 39  39  39  ASP ASP A . n 
A 1 40  VAL 40  40  40  VAL VAL A . n 
A 1 41  GLY 41  41  41  GLY GLY A . n 
A 1 42  TYR 42  42  42  TYR TYR A . n 
A 1 43  GLY 43  43  43  GLY GLY A . n 
A 1 44  TRP 44  44  44  TRP TRP A . n 
A 1 45  ASN 45  45  45  ASN ASN A . n 
A 1 46  ASN 46  46  46  ASN ASN A . n 
A 1 47  SER 47  47  47  SER SER A . n 
A 1 48  SER 48  48  48  SER SER A . n 
A 1 49  LEU 49  49  49  LEU LEU A . n 
A 1 50  ASN 50  50  50  ASN ASN A . n 
A 1 51  PHE 51  51  51  PHE PHE A . n 
A 1 52  LEU 52  52  52  LEU LEU A . n 
A 1 53  GLU 53  53  53  GLU GLU A . n 
A 1 54  VAL 54  54  54  VAL VAL A . n 
A 1 55  GLY 55  55  55  GLY GLY A . n 
A 1 56  GLY 56  56  56  GLY GLY A . n 
A 1 57  GLY 57  57  57  GLY GLY A . n 
A 1 58  VAL 58  58  58  VAL VAL A . n 
A 1 59  SER 59  59  59  SER SER A . n 
A 1 60  TYR 60  60  60  TYR TYR A . n 
A 1 61  LYS 61  61  61  LYS LYS A . n 
A 1 62  VAL 62  62  62  VAL VAL A . n 
A 1 63  SER 63  63  63  SER SER A . n 
A 1 64  PRO 64  64  64  PRO PRO A . n 
A 1 65  ASP 65  65  65  ASP ASP A . n 
A 1 66  LEU 66  66  66  LEU LEU A . n 
A 1 67  GLU 67  67  67  GLU GLU A . n 
A 1 68  PRO 68  68  68  PRO PRO A . n 
A 1 69  TYR 69  69  69  TYR TYR A . n 
A 1 70  VAL 70  70  70  VAL VAL A . n 
A 1 71  LYS 71  71  71  LYS LYS A . n 
A 1 72  ALA 72  72  72  ALA ALA A . n 
A 1 73  GLY 73  73  73  GLY GLY A . n 
A 1 74  PHE 74  74  74  PHE PHE A . n 
A 1 75  GLU 75  75  75  GLU GLU A . n 
A 1 76  TYR 76  76  76  TYR TYR A . n 
A 1 77  ASN 77  77  77  ASN ASN A . n 
A 1 78  THR 78  78  78  THR THR A . n 
A 1 79  ASP 79  79  79  ASP ASP A . n 
A 1 80  ASN 80  80  80  ASN ASN A . n 
A 1 81  THR 81  81  81  THR THR A . n 
A 1 82  ILE 82  82  82  ILE ILE A . n 
A 1 83  LYS 83  83  83  LYS LYS A . n 
A 1 84  PRO 84  84  84  PRO PRO A . n 
A 1 85  THR 85  85  85  THR THR A . n 
A 1 86  ALA 86  86  86  ALA ALA A . n 
A 1 87  GLY 87  87  87  GLY GLY A . n 
A 1 88  ALA 88  88  88  ALA ALA A . n 
A 1 89  GLY 89  89  89  GLY GLY A . n 
A 1 90  ALA 90  90  90  ALA ALA A . n 
A 1 91  LEU 91  91  91  LEU LEU A . n 
A 1 92  TYR 92  92  92  TYR TYR A . n 
A 1 93  ARG 93  93  93  ARG ARG A . n 
A 1 94  VAL 94  94  94  VAL VAL A . n 
A 1 95  SER 95  95  95  SER SER A . n 
A 1 96  PRO 96  96  96  PRO PRO A . n 
A 1 97  ASN 97  97  97  ASN ASN A . n 
A 1 98  LEU 98  98  98  LEU LEU A . n 
A 1 99  ALA 99  99  99  ALA ALA A . n 
A 1 100 LEU 100 100 100 LEU LEU A . n 
A 1 101 MET 101 101 101 MET MET A . n 
A 1 102 VAL 102 102 102 VAL VAL A . n 
A 1 103 GLU 103 103 103 GLU GLU A . n 
A 1 104 TYR 104 104 104 TYR TYR A . n 
A 1 105 GLY 105 105 105 GLY GLY A . n 
A 1 106 TRP 106 106 106 TRP TRP A . n 
A 1 107 ASN 107 107 107 ASN ASN A . n 
A 1 108 ASN 108 108 ?   ?   ?   A . n 
A 1 109 SER 109 109 ?   ?   ?   A . n 
A 1 110 SER 110 110 110 SER SER A . n 
A 1 111 LEU 111 111 111 LEU LEU A . n 
A 1 112 GLN 112 112 112 GLN GLN A . n 
A 1 113 LYS 113 113 113 LYS LYS A . n 
A 1 114 VAL 114 114 114 VAL VAL A . n 
A 1 115 ALA 115 115 115 ALA ALA A . n 
A 1 116 ILE 116 116 116 ILE ILE A . n 
A 1 117 GLY 117 117 117 GLY GLY A . n 
A 1 118 ILE 118 118 118 ILE ILE A . n 
A 1 119 ALA 119 119 119 ALA ALA A . n 
A 1 120 TYR 120 120 120 TYR TYR A . n 
A 1 121 LYS 121 121 121 LYS LYS A . n 
A 1 122 VAL 122 122 122 VAL VAL A . n 
A 1 123 LYS 123 123 ?   ?   ?   A . n 
A 1 124 ASP 124 124 ?   ?   ?   A . n 
# 
loop_
_pdbx_nonpoly_scheme.asym_id 
_pdbx_nonpoly_scheme.entity_id 
_pdbx_nonpoly_scheme.mon_id 
_pdbx_nonpoly_scheme.ndb_seq_num 
_pdbx_nonpoly_scheme.pdb_seq_num 
_pdbx_nonpoly_scheme.auth_seq_num 
_pdbx_nonpoly_scheme.pdb_mon_id 
_pdbx_nonpoly_scheme.auth_mon_id 
_pdbx_nonpoly_scheme.pdb_strand_id 
_pdbx_nonpoly_scheme.pdb_ins_code 
B 2 HOH 1  201 22 HOH HOH A . 
B 2 HOH 2  202 14 HOH HOH A . 
B 2 HOH 3  203 5  HOH HOH A . 
B 2 HOH 4  204 31 HOH HOH A . 
B 2 HOH 5  205 10 HOH HOH A . 
B 2 HOH 6  206 11 HOH HOH A . 
B 2 HOH 7  207 9  HOH HOH A . 
B 2 HOH 8  208 3  HOH HOH A . 
B 2 HOH 9  209 26 HOH HOH A . 
B 2 HOH 10 210 7  HOH HOH A . 
B 2 HOH 11 211 1  HOH HOH A . 
B 2 HOH 12 212 32 HOH HOH A . 
B 2 HOH 13 213 21 HOH HOH A . 
B 2 HOH 14 214 12 HOH HOH A . 
B 2 HOH 15 215 24 HOH HOH A . 
B 2 HOH 16 216 25 HOH HOH A . 
B 2 HOH 17 217 13 HOH HOH A . 
B 2 HOH 18 218 15 HOH HOH A . 
B 2 HOH 19 219 16 HOH HOH A . 
B 2 HOH 20 220 20 HOH HOH A . 
B 2 HOH 21 221 28 HOH HOH A . 
B 2 HOH 22 222 4  HOH HOH A . 
B 2 HOH 23 223 27 HOH HOH A . 
B 2 HOH 24 224 2  HOH HOH A . 
B 2 HOH 25 225 23 HOH HOH A . 
B 2 HOH 26 226 33 HOH HOH A . 
B 2 HOH 27 227 18 HOH HOH A . 
B 2 HOH 28 228 8  HOH HOH A . 
B 2 HOH 29 229 30 HOH HOH A . 
B 2 HOH 30 230 17 HOH HOH A . 
# 
loop_
_pdbx_unobs_or_zero_occ_atoms.id 
_pdbx_unobs_or_zero_occ_atoms.PDB_model_num 
_pdbx_unobs_or_zero_occ_atoms.polymer_flag 
_pdbx_unobs_or_zero_occ_atoms.occupancy_flag 
_pdbx_unobs_or_zero_occ_atoms.auth_asym_id 
_pdbx_unobs_or_zero_occ_atoms.auth_comp_id 
_pdbx_unobs_or_zero_occ_atoms.auth_seq_id 
_pdbx_unobs_or_zero_occ_atoms.PDB_ins_code 
_pdbx_unobs_or_zero_occ_atoms.auth_atom_id 
_pdbx_unobs_or_zero_occ_atoms.label_alt_id 
_pdbx_unobs_or_zero_occ_atoms.label_asym_id 
_pdbx_unobs_or_zero_occ_atoms.label_comp_id 
_pdbx_unobs_or_zero_occ_atoms.label_seq_id 
_pdbx_unobs_or_zero_occ_atoms.label_atom_id 
1 1 Y 1 A ASN 80 ? CG  ? A ASN 80 CG  
2 1 Y 1 A ASN 80 ? OD1 ? A ASN 80 OD1 
3 1 Y 1 A ASN 80 ? ND2 ? A ASN 80 ND2 
4 1 Y 1 A LYS 83 ? CG  ? A LYS 83 CG  
5 1 Y 1 A LYS 83 ? CD  ? A LYS 83 CD  
6 1 Y 1 A LYS 83 ? CE  ? A LYS 83 CE  
7 1 Y 1 A LYS 83 ? NZ  ? A LYS 83 NZ  
# 
loop_
_software.citation_id 
_software.classification 
_software.compiler_name 
_software.compiler_version 
_software.contact_author 
_software.contact_author_email 
_software.date 
_software.description 
_software.dependencies 
_software.hardware 
_software.language 
_software.location 
_software.mods 
_software.name 
_software.os 
_software.os_version 
_software.type 
_software.version 
_software.pdbx_ordinal 
? refinement       ? ? ? ? ? ? ? ? ? ? ? PHENIX ? ? ? 1.17.1_3660 1 
? 'data reduction' ? ? ? ? ? ? ? ? ? ? ? XDS    ? ? ? .           2 
? 'data scaling'   ? ? ? ? ? ? ? ? ? ? ? XDS    ? ? ? .           3 
? phasing          ? ? ? ? ? ? ? ? ? ? ? PHASER ? ? ? .           4 
# 
_cell.angle_alpha                  90.000 
_cell.angle_alpha_esd              ? 
_cell.angle_beta                   90.000 
_cell.angle_beta_esd               ? 
_cell.angle_gamma                  120.000 
_cell.angle_gamma_esd              ? 
_cell.entry_id                     6X9Z 
_cell.details                      ? 
_cell.formula_units_Z              ? 
_cell.length_a                     51.083 
_cell.length_a_esd                 ? 
_cell.length_b                     51.083 
_cell.length_b_esd                 ? 
_cell.length_c                     116.710 
_cell.length_c_esd                 ? 
_cell.volume                       263749.406 
_cell.volume_esd                   ? 
_cell.Z_PDB                        9 
_cell.reciprocal_angle_alpha       ? 
_cell.reciprocal_angle_beta        ? 
_cell.reciprocal_angle_gamma       ? 
_cell.reciprocal_angle_alpha_esd   ? 
_cell.reciprocal_angle_beta_esd    ? 
_cell.reciprocal_angle_gamma_esd   ? 
_cell.reciprocal_length_a          ? 
_cell.reciprocal_length_b          ? 
_cell.reciprocal_length_c          ? 
_cell.reciprocal_length_a_esd      ? 
_cell.reciprocal_length_b_esd      ? 
_cell.reciprocal_length_c_esd      ? 
_cell.pdbx_unique_axis             ? 
# 
_symmetry.entry_id                         6X9Z 
_symmetry.cell_setting                     ? 
_symmetry.Int_Tables_number                146 
_symmetry.space_group_name_Hall            'R 3' 
_symmetry.space_group_name_H-M             'H 3' 
_symmetry.pdbx_full_space_group_name_H-M   ? 
# 
_exptl.absorpt_coefficient_mu     ? 
_exptl.absorpt_correction_T_max   ? 
_exptl.absorpt_correction_T_min   ? 
_exptl.absorpt_correction_type    ? 
_exptl.absorpt_process_details    ? 
_exptl.entry_id                   6X9Z 
_exptl.crystals_number            1 
_exptl.details                    ? 
_exptl.method                     'X-RAY DIFFRACTION' 
_exptl.method_details             ? 
# 
_exptl_crystal.colour                      ? 
_exptl_crystal.density_diffrn              ? 
_exptl_crystal.density_Matthews            2.18 
_exptl_crystal.density_method              ? 
_exptl_crystal.density_percent_sol         43.66 
_exptl_crystal.description                 ? 
_exptl_crystal.F_000                       ? 
_exptl_crystal.id                          1 
_exptl_crystal.preparation                 ? 
_exptl_crystal.size_max                    ? 
_exptl_crystal.size_mid                    ? 
_exptl_crystal.size_min                    ? 
_exptl_crystal.size_rad                    ? 
_exptl_crystal.colour_lustre               ? 
_exptl_crystal.colour_modifier             ? 
_exptl_crystal.colour_primary              ? 
_exptl_crystal.density_meas                ? 
_exptl_crystal.density_meas_esd            ? 
_exptl_crystal.density_meas_gt             ? 
_exptl_crystal.density_meas_lt             ? 
_exptl_crystal.density_meas_temp           ? 
_exptl_crystal.density_meas_temp_esd       ? 
_exptl_crystal.density_meas_temp_gt        ? 
_exptl_crystal.density_meas_temp_lt        ? 
_exptl_crystal.pdbx_crystal_image_url      ? 
_exptl_crystal.pdbx_crystal_image_format   ? 
_exptl_crystal.pdbx_mosaicity              ? 
_exptl_crystal.pdbx_mosaicity_esd          ? 
# 
_exptl_crystal_grow.apparatus       ? 
_exptl_crystal_grow.atmosphere      ? 
_exptl_crystal_grow.crystal_id      1 
_exptl_crystal_grow.details         ? 
_exptl_crystal_grow.method          'VAPOR DIFFUSION, SITTING DROP' 
_exptl_crystal_grow.method_ref      ? 
_exptl_crystal_grow.pH              8.5 
_exptl_crystal_grow.pressure        ? 
_exptl_crystal_grow.pressure_esd    ? 
_exptl_crystal_grow.seeding         ? 
_exptl_crystal_grow.seeding_ref     ? 
_exptl_crystal_grow.temp            293 
_exptl_crystal_grow.temp_details    ? 
_exptl_crystal_grow.temp_esd        ? 
_exptl_crystal_grow.time            ? 
_exptl_crystal_grow.pdbx_details    'Tris pH 8.5 and 10% PEG8000' 
_exptl_crystal_grow.pdbx_pH_range   ? 
# 
_diffrn.ambient_environment              ? 
_diffrn.ambient_temp                     100 
_diffrn.ambient_temp_details             ? 
_diffrn.ambient_temp_esd                 ? 
_diffrn.crystal_id                       1 
_diffrn.crystal_support                  ? 
_diffrn.crystal_treatment                ? 
_diffrn.details                          ? 
_diffrn.id                               1 
_diffrn.ambient_pressure                 ? 
_diffrn.ambient_pressure_esd             ? 
_diffrn.ambient_pressure_gt              ? 
_diffrn.ambient_pressure_lt              ? 
_diffrn.ambient_temp_gt                  ? 
_diffrn.ambient_temp_lt                  ? 
_diffrn.pdbx_serial_crystal_experiment   N 
# 
_diffrn_detector.details                      ? 
_diffrn_detector.detector                     PIXEL 
_diffrn_detector.diffrn_id                    1 
_diffrn_detector.type                         'DECTRIS PILATUS 6M-F' 
_diffrn_detector.area_resol_mean              ? 
_diffrn_detector.dtime                        ? 
_diffrn_detector.pdbx_frames_total            ? 
_diffrn_detector.pdbx_collection_time_total   ? 
_diffrn_detector.pdbx_collection_date         2020-05-29 
_diffrn_detector.pdbx_frequency               ? 
# 
_diffrn_radiation.collimation                      ? 
_diffrn_radiation.diffrn_id                        1 
_diffrn_radiation.filter_edge                      ? 
_diffrn_radiation.inhomogeneity                    ? 
_diffrn_radiation.monochromator                    ? 
_diffrn_radiation.polarisn_norm                    ? 
_diffrn_radiation.polarisn_ratio                   ? 
_diffrn_radiation.probe                            ? 
_diffrn_radiation.type                             ? 
_diffrn_radiation.xray_symbol                      ? 
_diffrn_radiation.wavelength_id                    1 
_diffrn_radiation.pdbx_monochromatic_or_laue_m_l   M 
_diffrn_radiation.pdbx_wavelength_list             ? 
_diffrn_radiation.pdbx_wavelength                  ? 
_diffrn_radiation.pdbx_diffrn_protocol             'SINGLE WAVELENGTH' 
_diffrn_radiation.pdbx_analyzer                    ? 
_diffrn_radiation.pdbx_scattering_type             x-ray 
# 
_diffrn_radiation_wavelength.id           1 
_diffrn_radiation_wavelength.wavelength   0.97918 
_diffrn_radiation_wavelength.wt           1.0 
# 
_diffrn_source.current                     ? 
_diffrn_source.details                     ? 
_diffrn_source.diffrn_id                   1 
_diffrn_source.power                       ? 
_diffrn_source.size                        ? 
_diffrn_source.source                      SYNCHROTRON 
_diffrn_source.target                      ? 
_diffrn_source.type                        'APS BEAMLINE 24-ID-E' 
_diffrn_source.voltage                     ? 
_diffrn_source.take-off_angle              ? 
_diffrn_source.pdbx_wavelength_list        0.97918 
_diffrn_source.pdbx_wavelength             ? 
_diffrn_source.pdbx_synchrotron_beamline   24-ID-E 
_diffrn_source.pdbx_synchrotron_site       APS 
# 
_reflns.B_iso_Wilson_estimate            32.25 
_reflns.entry_id                         6X9Z 
_reflns.data_reduction_details           ? 
_reflns.data_reduction_method            ? 
_reflns.d_resolution_high                2.05 
_reflns.d_resolution_low                 41.37 
_reflns.details                          ? 
_reflns.limit_h_max                      ? 
_reflns.limit_h_min                      ? 
_reflns.limit_k_max                      ? 
_reflns.limit_k_min                      ? 
_reflns.limit_l_max                      ? 
_reflns.limit_l_min                      ? 
_reflns.number_all                       ? 
_reflns.number_obs                       7132 
_reflns.observed_criterion               ? 
_reflns.observed_criterion_F_max         ? 
_reflns.observed_criterion_F_min         ? 
_reflns.observed_criterion_I_max         ? 
_reflns.observed_criterion_I_min         ? 
_reflns.observed_criterion_sigma_F       ? 
_reflns.observed_criterion_sigma_I       ? 
_reflns.percent_possible_obs             99.54 
_reflns.R_free_details                   ? 
_reflns.Rmerge_F_all                     ? 
_reflns.Rmerge_F_obs                     ? 
_reflns.Friedel_coverage                 ? 
_reflns.number_gt                        ? 
_reflns.threshold_expression             ? 
_reflns.pdbx_redundancy                  7.9 
_reflns.pdbx_Rmerge_I_obs                ? 
_reflns.pdbx_Rmerge_I_all                ? 
_reflns.pdbx_Rsym_value                  ? 
_reflns.pdbx_netI_over_av_sigmaI         ? 
_reflns.pdbx_netI_over_sigmaI            6.66 
_reflns.pdbx_res_netI_over_av_sigmaI_2   ? 
_reflns.pdbx_res_netI_over_sigmaI_2      ? 
_reflns.pdbx_chi_squared                 ? 
_reflns.pdbx_scaling_rejects             ? 
_reflns.pdbx_d_res_high_opt              ? 
_reflns.pdbx_d_res_low_opt               ? 
_reflns.pdbx_d_res_opt_method            ? 
_reflns.phase_calculation_details        ? 
_reflns.pdbx_Rrim_I_all                  ? 
_reflns.pdbx_Rpim_I_all                  ? 
_reflns.pdbx_d_opt                       ? 
_reflns.pdbx_number_measured_all         ? 
_reflns.pdbx_diffrn_id                   1 
_reflns.pdbx_ordinal                     1 
_reflns.pdbx_CC_half                     0.995 
_reflns.pdbx_CC_star                     0.999 
_reflns.pdbx_R_split                     ? 
# 
_reflns_shell.d_res_high                  2.05 
_reflns_shell.d_res_low                   2.12 
_reflns_shell.meanI_over_sigI_all         ? 
_reflns_shell.meanI_over_sigI_obs         1.18 
_reflns_shell.number_measured_all         ? 
_reflns_shell.number_measured_obs         ? 
_reflns_shell.number_possible             ? 
_reflns_shell.number_unique_all           ? 
_reflns_shell.number_unique_obs           735 
_reflns_shell.percent_possible_all        98.13 
_reflns_shell.percent_possible_obs        ? 
_reflns_shell.Rmerge_F_all                ? 
_reflns_shell.Rmerge_F_obs                ? 
_reflns_shell.Rmerge_I_all                ? 
_reflns_shell.Rmerge_I_obs                ? 
_reflns_shell.meanI_over_sigI_gt          ? 
_reflns_shell.meanI_over_uI_all           ? 
_reflns_shell.meanI_over_uI_gt            ? 
_reflns_shell.number_measured_gt          ? 
_reflns_shell.number_unique_gt            ? 
_reflns_shell.percent_possible_gt         ? 
_reflns_shell.Rmerge_F_gt                 ? 
_reflns_shell.Rmerge_I_gt                 ? 
_reflns_shell.pdbx_redundancy             7.7 
_reflns_shell.pdbx_Rsym_value             ? 
_reflns_shell.pdbx_chi_squared            ? 
_reflns_shell.pdbx_netI_over_sigmaI_all   ? 
_reflns_shell.pdbx_netI_over_sigmaI_obs   ? 
_reflns_shell.pdbx_Rrim_I_all             ? 
_reflns_shell.pdbx_Rpim_I_all             ? 
_reflns_shell.pdbx_rejects                ? 
_reflns_shell.pdbx_ordinal                1 
_reflns_shell.pdbx_diffrn_id              1 
_reflns_shell.pdbx_CC_half                0.689 
_reflns_shell.pdbx_CC_star                0.903 
_reflns_shell.pdbx_R_split                ? 
# 
_refine.aniso_B[1][1]                            ? 
_refine.aniso_B[1][2]                            ? 
_refine.aniso_B[1][3]                            ? 
_refine.aniso_B[2][2]                            ? 
_refine.aniso_B[2][3]                            ? 
_refine.aniso_B[3][3]                            ? 
_refine.B_iso_max                                ? 
_refine.B_iso_mean                               36.28 
_refine.B_iso_min                                ? 
_refine.correlation_coeff_Fo_to_Fc               ? 
_refine.correlation_coeff_Fo_to_Fc_free          ? 
_refine.details                                  ? 
_refine.diff_density_max                         ? 
_refine.diff_density_max_esd                     ? 
_refine.diff_density_min                         ? 
_refine.diff_density_min_esd                     ? 
_refine.diff_density_rms                         ? 
_refine.diff_density_rms_esd                     ? 
_refine.entry_id                                 6X9Z 
_refine.pdbx_refine_id                           'X-RAY DIFFRACTION' 
_refine.ls_abs_structure_details                 ? 
_refine.ls_abs_structure_Flack                   ? 
_refine.ls_abs_structure_Flack_esd               ? 
_refine.ls_abs_structure_Rogers                  ? 
_refine.ls_abs_structure_Rogers_esd              ? 
_refine.ls_d_res_high                            2.05 
_refine.ls_d_res_low                             41.37 
_refine.ls_extinction_coef                       ? 
_refine.ls_extinction_coef_esd                   ? 
_refine.ls_extinction_expression                 ? 
_refine.ls_extinction_method                     ? 
_refine.ls_goodness_of_fit_all                   ? 
_refine.ls_goodness_of_fit_all_esd               ? 
_refine.ls_goodness_of_fit_obs                   ? 
_refine.ls_goodness_of_fit_obs_esd               ? 
_refine.ls_hydrogen_treatment                    ? 
_refine.ls_matrix_type                           ? 
_refine.ls_number_constraints                    ? 
_refine.ls_number_parameters                     ? 
_refine.ls_number_reflns_all                     ? 
_refine.ls_number_reflns_obs                     7114 
_refine.ls_number_reflns_R_free                  389 
_refine.ls_number_reflns_R_work                  6725 
_refine.ls_number_restraints                     ? 
_refine.ls_percent_reflns_obs                    99.54 
_refine.ls_percent_reflns_R_free                 5.47 
_refine.ls_R_factor_all                          ? 
_refine.ls_R_factor_obs                          0.2611 
_refine.ls_R_factor_R_free                       0.2736 
_refine.ls_R_factor_R_free_error                 ? 
_refine.ls_R_factor_R_free_error_details         ? 
_refine.ls_R_factor_R_work                       0.2603 
_refine.ls_R_Fsqd_factor_obs                     ? 
_refine.ls_R_I_factor_obs                        ? 
_refine.ls_redundancy_reflns_all                 ? 
_refine.ls_redundancy_reflns_obs                 ? 
_refine.ls_restrained_S_all                      ? 
_refine.ls_restrained_S_obs                      ? 
_refine.ls_shift_over_esd_max                    ? 
_refine.ls_shift_over_esd_mean                   ? 
_refine.ls_structure_factor_coef                 ? 
_refine.ls_weighting_details                     ? 
_refine.ls_weighting_scheme                      ? 
_refine.ls_wR_factor_all                         ? 
_refine.ls_wR_factor_obs                         ? 
_refine.ls_wR_factor_R_free                      ? 
_refine.ls_wR_factor_R_work                      ? 
_refine.occupancy_max                            ? 
_refine.occupancy_min                            ? 
_refine.solvent_model_details                    'FLAT BULK SOLVENT MODEL' 
_refine.solvent_model_param_bsol                 ? 
_refine.solvent_model_param_ksol                 ? 
_refine.pdbx_R_complete                          ? 
_refine.ls_R_factor_gt                           ? 
_refine.ls_goodness_of_fit_gt                    ? 
_refine.ls_goodness_of_fit_ref                   ? 
_refine.ls_shift_over_su_max                     ? 
_refine.ls_shift_over_su_max_lt                  ? 
_refine.ls_shift_over_su_mean                    ? 
_refine.ls_shift_over_su_mean_lt                 ? 
_refine.pdbx_ls_sigma_I                          ? 
_refine.pdbx_ls_sigma_F                          2.01 
_refine.pdbx_ls_sigma_Fsqd                       ? 
_refine.pdbx_data_cutoff_high_absF               ? 
_refine.pdbx_data_cutoff_high_rms_absF           ? 
_refine.pdbx_data_cutoff_low_absF                ? 
_refine.pdbx_isotropic_thermal_model             ? 
_refine.pdbx_ls_cross_valid_method               'FREE R-VALUE' 
_refine.pdbx_method_to_determine_struct          'MOLECULAR REPLACEMENT' 
_refine.pdbx_starting_model                      'Designed model' 
_refine.pdbx_stereochemistry_target_values       'GeoStd + Monomer Library + CDL v1.2' 
_refine.pdbx_R_Free_selection_details            ? 
_refine.pdbx_stereochem_target_val_spec_case     ? 
_refine.pdbx_overall_ESU_R                       ? 
_refine.pdbx_overall_ESU_R_Free                  ? 
_refine.pdbx_solvent_vdw_probe_radii             1.1100 
_refine.pdbx_solvent_ion_probe_radii             ? 
_refine.pdbx_solvent_shrinkage_radii             0.9000 
_refine.pdbx_real_space_R                        ? 
_refine.pdbx_density_correlation                 ? 
_refine.pdbx_pd_number_of_powder_patterns        ? 
_refine.pdbx_pd_number_of_points                 ? 
_refine.pdbx_pd_meas_number_of_points            ? 
_refine.pdbx_pd_proc_ls_prof_R_factor            ? 
_refine.pdbx_pd_proc_ls_prof_wR_factor           ? 
_refine.pdbx_pd_Marquardt_correlation_coeff      ? 
_refine.pdbx_pd_Fsqrd_R_factor                   ? 
_refine.pdbx_pd_ls_matrix_band_width             ? 
_refine.pdbx_overall_phase_error                 34.2737 
_refine.pdbx_overall_SU_R_free_Cruickshank_DPI   ? 
_refine.pdbx_overall_SU_R_free_Blow_DPI          ? 
_refine.pdbx_overall_SU_R_Blow_DPI               ? 
_refine.pdbx_TLS_residual_ADP_flag               ? 
_refine.pdbx_diffrn_id                           1 
_refine.overall_SU_B                             ? 
_refine.overall_SU_ML                            0.2553 
_refine.overall_SU_R_Cruickshank_DPI             ? 
_refine.overall_SU_R_free                        ? 
_refine.overall_FOM_free_R_set                   ? 
_refine.overall_FOM_work_R_set                   ? 
_refine.pdbx_average_fsc_overall                 ? 
_refine.pdbx_average_fsc_work                    ? 
_refine.pdbx_average_fsc_free                    ? 
# 
_refine_hist.pdbx_refine_id                   'X-RAY DIFFRACTION' 
_refine_hist.cycle_id                         LAST 
_refine_hist.details                          ? 
_refine_hist.d_res_high                       2.05 
_refine_hist.d_res_low                        41.37 
_refine_hist.number_atoms_solvent             31 
_refine_hist.number_atoms_total               940 
_refine_hist.number_reflns_all                ? 
_refine_hist.number_reflns_obs                ? 
_refine_hist.number_reflns_R_free             ? 
_refine_hist.number_reflns_R_work             ? 
_refine_hist.R_factor_all                     ? 
_refine_hist.R_factor_obs                     ? 
_refine_hist.R_factor_R_free                  ? 
_refine_hist.R_factor_R_work                  ? 
_refine_hist.pdbx_number_residues_total       ? 
_refine_hist.pdbx_B_iso_mean_ligand           ? 
_refine_hist.pdbx_B_iso_mean_solvent          ? 
_refine_hist.pdbx_number_atoms_protein        909 
_refine_hist.pdbx_number_atoms_nucleic_acid   0 
_refine_hist.pdbx_number_atoms_ligand         0 
_refine_hist.pdbx_number_atoms_lipid          ? 
_refine_hist.pdbx_number_atoms_carb           ? 
_refine_hist.pdbx_pseudo_atom_details         ? 
# 
loop_
_refine_ls_restr.pdbx_refine_id 
_refine_ls_restr.criterion 
_refine_ls_restr.dev_ideal 
_refine_ls_restr.dev_ideal_target 
_refine_ls_restr.number 
_refine_ls_restr.rejects 
_refine_ls_restr.type 
_refine_ls_restr.weight 
_refine_ls_restr.pdbx_restraint_function 
'X-RAY DIFFRACTION' ? 0.0032  ? 941  ? f_bond_d           ? ? 
'X-RAY DIFFRACTION' ? 0.6182  ? 1289 ? f_angle_d          ? ? 
'X-RAY DIFFRACTION' ? 0.0501  ? 145  ? f_chiral_restr     ? ? 
'X-RAY DIFFRACTION' ? 0.0068  ? 164  ? f_plane_restr      ? ? 
'X-RAY DIFFRACTION' ? 14.1304 ? 326  ? f_dihedral_angle_d ? ? 
# 
loop_
_refine_ls_shell.pdbx_refine_id 
_refine_ls_shell.d_res_high 
_refine_ls_shell.d_res_low 
_refine_ls_shell.number_reflns_all 
_refine_ls_shell.number_reflns_obs 
_refine_ls_shell.number_reflns_R_free 
_refine_ls_shell.number_reflns_R_work 
_refine_ls_shell.percent_reflns_obs 
_refine_ls_shell.percent_reflns_R_free 
_refine_ls_shell.R_factor_all 
_refine_ls_shell.R_factor_obs 
_refine_ls_shell.R_factor_R_free 
_refine_ls_shell.R_factor_R_free_error 
_refine_ls_shell.R_factor_R_work 
_refine_ls_shell.redundancy_reflns_all 
_refine_ls_shell.redundancy_reflns_obs 
_refine_ls_shell.wR_factor_all 
_refine_ls_shell.wR_factor_obs 
_refine_ls_shell.wR_factor_R_free 
_refine_ls_shell.wR_factor_R_work 
_refine_ls_shell.pdbx_R_complete 
_refine_ls_shell.pdbx_total_number_of_bins_used 
_refine_ls_shell.pdbx_phase_error 
_refine_ls_shell.pdbx_fsc_work 
_refine_ls_shell.pdbx_fsc_free 
'X-RAY DIFFRACTION' 2.05 2.12  . . 126 2260 99.38 . . . 0.2933 . 0.2860 . . . . . . . . . . . 
'X-RAY DIFFRACTION' 2.35 2.96  . . 126 2227 99.49 . . . 0.3384 . 0.3116 . . . . . . . . . . . 
'X-RAY DIFFRACTION' 2.96 41.37 . . 137 2238 99.75 . . . 0.2497 . 0.2370 . . . . . . . . . . . 
# 
_struct.entry_id                     6X9Z 
_struct.title                        'De novo design of transmembrane beta-barrels' 
_struct.pdbx_model_details           ? 
_struct.pdbx_formula_weight          ? 
_struct.pdbx_formula_weight_method   ? 
_struct.pdbx_model_type_details      ? 
_struct.pdbx_CASP_flag               N 
# 
_struct_keywords.entry_id        6X9Z 
_struct_keywords.text            'transmembrane beta-barrels, de novo design, de novo protein' 
_struct_keywords.pdbx_keywords   'DE NOVO PROTEIN' 
# 
loop_
_struct_asym.id 
_struct_asym.pdbx_blank_PDB_chainid_flag 
_struct_asym.pdbx_modified 
_struct_asym.entity_id 
_struct_asym.details 
A N N 1 ? 
B N N 2 ? 
# 
_struct_ref.id                         1 
_struct_ref.db_name                    PDB 
_struct_ref.db_code                    6X9Z 
_struct_ref.pdbx_db_accession          6X9Z 
_struct_ref.pdbx_db_isoform            ? 
_struct_ref.entity_id                  1 
_struct_ref.pdbx_seq_one_letter_code   ? 
_struct_ref.pdbx_align_begin           1 
# 
_struct_ref_seq.align_id                      1 
_struct_ref_seq.ref_id                        1 
_struct_ref_seq.pdbx_PDB_id_code              6X9Z 
_struct_ref_seq.pdbx_strand_id                A 
_struct_ref_seq.seq_align_beg                 1 
_struct_ref_seq.pdbx_seq_align_beg_ins_code   ? 
_struct_ref_seq.seq_align_end                 124 
_struct_ref_seq.pdbx_seq_align_end_ins_code   ? 
_struct_ref_seq.pdbx_db_accession             6X9Z 
_struct_ref_seq.db_align_beg                  1 
_struct_ref_seq.pdbx_db_align_beg_ins_code    ? 
_struct_ref_seq.db_align_end                  124 
_struct_ref_seq.pdbx_db_align_end_ins_code    ? 
_struct_ref_seq.pdbx_auth_seq_align_beg       1 
_struct_ref_seq.pdbx_auth_seq_align_end       124 
# 
_pdbx_struct_assembly.id                   1 
_pdbx_struct_assembly.details              author_and_software_defined_assembly 
_pdbx_struct_assembly.method_details       PISA 
_pdbx_struct_assembly.oligomeric_details   monomeric 
_pdbx_struct_assembly.oligomeric_count     1 
# 
loop_
_pdbx_struct_assembly_prop.biol_id 
_pdbx_struct_assembly_prop.type 
_pdbx_struct_assembly_prop.value 
_pdbx_struct_assembly_prop.details 
1 'ABSA (A^2)' 0    ? 
1 MORE         0    ? 
1 'SSA (A^2)'  6570 ? 
# 
_pdbx_struct_assembly_gen.assembly_id       1 
_pdbx_struct_assembly_gen.oper_expression   1 
_pdbx_struct_assembly_gen.asym_id_list      A,B 
# 
_pdbx_struct_assembly_auth_evidence.id                     1 
_pdbx_struct_assembly_auth_evidence.assembly_id            1 
_pdbx_struct_assembly_auth_evidence.experimental_support   none 
_pdbx_struct_assembly_auth_evidence.details                ? 
# 
_pdbx_struct_oper_list.id                   1 
_pdbx_struct_oper_list.type                 'identity operation' 
_pdbx_struct_oper_list.name                 1_555 
_pdbx_struct_oper_list.symmetry_operation   x,y,z 
_pdbx_struct_oper_list.matrix[1][1]         1.0000000000 
_pdbx_struct_oper_list.matrix[1][2]         0.0000000000 
_pdbx_struct_oper_list.matrix[1][3]         0.0000000000 
_pdbx_struct_oper_list.vector[1]            0.0000000000 
_pdbx_struct_oper_list.matrix[2][1]         0.0000000000 
_pdbx_struct_oper_list.matrix[2][2]         1.0000000000 
_pdbx_struct_oper_list.matrix[2][3]         0.0000000000 
_pdbx_struct_oper_list.vector[2]            0.0000000000 
_pdbx_struct_oper_list.matrix[3][1]         0.0000000000 
_pdbx_struct_oper_list.matrix[3][2]         0.0000000000 
_pdbx_struct_oper_list.matrix[3][3]         1.0000000000 
_pdbx_struct_oper_list.vector[3]            0.0000000000 
# 
_struct_sheet.id               AA1 
_struct_sheet.type             ? 
_struct_sheet.number_strands   9 
_struct_sheet.details          ? 
# 
loop_
_struct_sheet_order.sheet_id 
_struct_sheet_order.range_id_1 
_struct_sheet_order.range_id_2 
_struct_sheet_order.offset 
_struct_sheet_order.sense 
AA1 1 2 ? anti-parallel 
AA1 2 3 ? anti-parallel 
AA1 3 4 ? anti-parallel 
AA1 4 5 ? anti-parallel 
AA1 5 6 ? anti-parallel 
AA1 6 7 ? anti-parallel 
AA1 7 8 ? anti-parallel 
AA1 8 9 ? anti-parallel 
# 
loop_
_struct_sheet_range.sheet_id 
_struct_sheet_range.id 
_struct_sheet_range.beg_label_comp_id 
_struct_sheet_range.beg_label_asym_id 
_struct_sheet_range.beg_label_seq_id 
_struct_sheet_range.pdbx_beg_PDB_ins_code 
_struct_sheet_range.end_label_comp_id 
_struct_sheet_range.end_label_asym_id 
_struct_sheet_range.end_label_seq_id 
_struct_sheet_range.pdbx_end_PDB_ins_code 
_struct_sheet_range.beg_auth_comp_id 
_struct_sheet_range.beg_auth_asym_id 
_struct_sheet_range.beg_auth_seq_id 
_struct_sheet_range.end_auth_comp_id 
_struct_sheet_range.end_auth_asym_id 
_struct_sheet_range.end_auth_seq_id 
AA1 1 LEU A 8   ? ASN A 17  ? LEU A 8   ASN A 17  
AA1 2 VAL A 22  ? ALA A 31  ? VAL A 22  ALA A 31  
AA1 3 LEU A 36  ? ASN A 45  ? LEU A 36  ASN A 45  
AA1 4 LEU A 49  ? SER A 59  ? LEU A 49  SER A 59  
AA1 5 LEU A 66  ? ASN A 77  ? LEU A 66  ASN A 77  
AA1 6 ILE A 82  ? ARG A 93  ? ILE A 82  ARG A 93  
AA1 7 LEU A 98  ? TRP A 106 ? LEU A 98  TRP A 106 
AA1 8 GLN A 112 ? LYS A 121 ? GLN A 112 LYS A 121 
AA1 9 LEU A 8   ? ASN A 17  ? LEU A 8   ASN A 17  
# 
loop_
_pdbx_struct_sheet_hbond.sheet_id 
_pdbx_struct_sheet_hbond.range_id_1 
_pdbx_struct_sheet_hbond.range_id_2 
_pdbx_struct_sheet_hbond.range_1_label_atom_id 
_pdbx_struct_sheet_hbond.range_1_label_comp_id 
_pdbx_struct_sheet_hbond.range_1_label_asym_id 
_pdbx_struct_sheet_hbond.range_1_label_seq_id 
_pdbx_struct_sheet_hbond.range_1_PDB_ins_code 
_pdbx_struct_sheet_hbond.range_1_auth_atom_id 
_pdbx_struct_sheet_hbond.range_1_auth_comp_id 
_pdbx_struct_sheet_hbond.range_1_auth_asym_id 
_pdbx_struct_sheet_hbond.range_1_auth_seq_id 
_pdbx_struct_sheet_hbond.range_2_label_atom_id 
_pdbx_struct_sheet_hbond.range_2_label_comp_id 
_pdbx_struct_sheet_hbond.range_2_label_asym_id 
_pdbx_struct_sheet_hbond.range_2_label_seq_id 
_pdbx_struct_sheet_hbond.range_2_PDB_ins_code 
_pdbx_struct_sheet_hbond.range_2_auth_atom_id 
_pdbx_struct_sheet_hbond.range_2_auth_comp_id 
_pdbx_struct_sheet_hbond.range_2_auth_asym_id 
_pdbx_struct_sheet_hbond.range_2_auth_seq_id 
AA1 1 2 N GLY A 15  ? N GLY A 15  O ASP A 23  ? O ASP A 23  
AA1 2 3 N GLY A 26  ? N GLY A 26  O TYR A 42  ? O TYR A 42  
AA1 3 4 N ASP A 39  ? N ASP A 39  O GLY A 55  ? O GLY A 55  
AA1 4 5 N LEU A 52  ? N LEU A 52  O TYR A 76  ? O TYR A 76  
AA1 5 6 N LYS A 71  ? N LYS A 71  O GLY A 87  ? O GLY A 87  
AA1 6 7 N TYR A 92  ? N TYR A 92  O LEU A 100 ? O LEU A 100 
AA1 7 8 N MET A 101 ? N MET A 101 O GLY A 117 ? O GLY A 117 
AA1 8 9 O TYR A 120 ? O TYR A 120 N VAL A 10  ? N VAL A 10  
# 
loop_
_pdbx_validate_torsion.id 
_pdbx_validate_torsion.PDB_model_num 
_pdbx_validate_torsion.auth_comp_id 
_pdbx_validate_torsion.auth_asym_id 
_pdbx_validate_torsion.auth_seq_id 
_pdbx_validate_torsion.PDB_ins_code 
_pdbx_validate_torsion.label_alt_id 
_pdbx_validate_torsion.phi 
_pdbx_validate_torsion.psi 
1 1 ASN A 46 ? ? -67.53 8.44  
2 1 SER A 48 ? ? 61.45  72.54 
3 1 PRO A 64 ? ? -59.98 -9.56 
# 
_pdbx_struct_special_symmetry.id              1 
_pdbx_struct_special_symmetry.PDB_model_num   1 
_pdbx_struct_special_symmetry.auth_asym_id    A 
_pdbx_struct_special_symmetry.auth_comp_id    HOH 
_pdbx_struct_special_symmetry.auth_seq_id     224 
_pdbx_struct_special_symmetry.PDB_ins_code    ? 
_pdbx_struct_special_symmetry.label_asym_id   B 
_pdbx_struct_special_symmetry.label_comp_id   HOH 
_pdbx_struct_special_symmetry.label_seq_id    . 
# 
loop_
_space_group_symop.id 
_space_group_symop.operation_xyz 
1 x,y,z                 
2 -y,x-y,z              
3 -x+y,-x,z             
4 x+1/3,y+2/3,z+2/3     
5 -y+1/3,x-y+2/3,z+2/3  
6 -x+y+1/3,-x+2/3,z+2/3 
7 x+2/3,y+1/3,z+1/3     
8 -y+2/3,x-y+1/3,z+1/3  
9 -x+y+2/3,-x+1/3,z+1/3 
# 
loop_
_pdbx_unobs_or_zero_occ_residues.id 
_pdbx_unobs_or_zero_occ_residues.PDB_model_num 
_pdbx_unobs_or_zero_occ_residues.polymer_flag 
_pdbx_unobs_or_zero_occ_residues.occupancy_flag 
_pdbx_unobs_or_zero_occ_residues.auth_asym_id 
_pdbx_unobs_or_zero_occ_residues.auth_comp_id 
_pdbx_unobs_or_zero_occ_residues.auth_seq_id 
_pdbx_unobs_or_zero_occ_residues.PDB_ins_code 
_pdbx_unobs_or_zero_occ_residues.label_asym_id 
_pdbx_unobs_or_zero_occ_residues.label_comp_id 
_pdbx_unobs_or_zero_occ_residues.label_seq_id 
1 1 Y 1 A ASN 108 ? A ASN 108 
2 1 Y 1 A SER 109 ? A SER 109 
3 1 Y 1 A LYS 123 ? A LYS 123 
4 1 Y 1 A ASP 124 ? A ASP 124 
# 
loop_
_chem_comp_atom.comp_id 
_chem_comp_atom.atom_id 
_chem_comp_atom.type_symbol 
_chem_comp_atom.pdbx_aromatic_flag 
_chem_comp_atom.pdbx_stereo_config 
_chem_comp_atom.pdbx_ordinal 
ALA N    N N N 1   
ALA CA   C N S 2   
ALA C    C N N 3   
ALA O    O N N 4   
ALA CB   C N N 5   
ALA OXT  O N N 6   
ALA H    H N N 7   
ALA H2   H N N 8   
ALA HA   H N N 9   
ALA HB1  H N N 10  
ALA HB2  H N N 11  
ALA HB3  H N N 12  
ALA HXT  H N N 13  
ARG N    N N N 14  
ARG CA   C N S 15  
ARG C    C N N 16  
ARG O    O N N 17  
ARG CB   C N N 18  
ARG CG   C N N 19  
ARG CD   C N N 20  
ARG NE   N N N 21  
ARG CZ   C N N 22  
ARG NH1  N N N 23  
ARG NH2  N N N 24  
ARG OXT  O N N 25  
ARG H    H N N 26  
ARG H2   H N N 27  
ARG HA   H N N 28  
ARG HB2  H N N 29  
ARG HB3  H N N 30  
ARG HG2  H N N 31  
ARG HG3  H N N 32  
ARG HD2  H N N 33  
ARG HD3  H N N 34  
ARG HE   H N N 35  
ARG HH11 H N N 36  
ARG HH12 H N N 37  
ARG HH21 H N N 38  
ARG HH22 H N N 39  
ARG HXT  H N N 40  
ASN N    N N N 41  
ASN CA   C N S 42  
ASN C    C N N 43  
ASN O    O N N 44  
ASN CB   C N N 45  
ASN CG   C N N 46  
ASN OD1  O N N 47  
ASN ND2  N N N 48  
ASN OXT  O N N 49  
ASN H    H N N 50  
ASN H2   H N N 51  
ASN HA   H N N 52  
ASN HB2  H N N 53  
ASN HB3  H N N 54  
ASN HD21 H N N 55  
ASN HD22 H N N 56  
ASN HXT  H N N 57  
ASP N    N N N 58  
ASP CA   C N S 59  
ASP C    C N N 60  
ASP O    O N N 61  
ASP CB   C N N 62  
ASP CG   C N N 63  
ASP OD1  O N N 64  
ASP OD2  O N N 65  
ASP OXT  O N N 66  
ASP H    H N N 67  
ASP H2   H N N 68  
ASP HA   H N N 69  
ASP HB2  H N N 70  
ASP HB3  H N N 71  
ASP HD2  H N N 72  
ASP HXT  H N N 73  
GLN N    N N N 74  
GLN CA   C N S 75  
GLN C    C N N 76  
GLN O    O N N 77  
GLN CB   C N N 78  
GLN CG   C N N 79  
GLN CD   C N N 80  
GLN OE1  O N N 81  
GLN NE2  N N N 82  
GLN OXT  O N N 83  
GLN H    H N N 84  
GLN H2   H N N 85  
GLN HA   H N N 86  
GLN HB2  H N N 87  
GLN HB3  H N N 88  
GLN HG2  H N N 89  
GLN HG3  H N N 90  
GLN HE21 H N N 91  
GLN HE22 H N N 92  
GLN HXT  H N N 93  
GLU N    N N N 94  
GLU CA   C N S 95  
GLU C    C N N 96  
GLU O    O N N 97  
GLU CB   C N N 98  
GLU CG   C N N 99  
GLU CD   C N N 100 
GLU OE1  O N N 101 
GLU OE2  O N N 102 
GLU OXT  O N N 103 
GLU H    H N N 104 
GLU H2   H N N 105 
GLU HA   H N N 106 
GLU HB2  H N N 107 
GLU HB3  H N N 108 
GLU HG2  H N N 109 
GLU HG3  H N N 110 
GLU HE2  H N N 111 
GLU HXT  H N N 112 
GLY N    N N N 113 
GLY CA   C N N 114 
GLY C    C N N 115 
GLY O    O N N 116 
GLY OXT  O N N 117 
GLY H    H N N 118 
GLY H2   H N N 119 
GLY HA2  H N N 120 
GLY HA3  H N N 121 
GLY HXT  H N N 122 
HOH O    O N N 123 
HOH H1   H N N 124 
HOH H2   H N N 125 
ILE N    N N N 126 
ILE CA   C N S 127 
ILE C    C N N 128 
ILE O    O N N 129 
ILE CB   C N S 130 
ILE CG1  C N N 131 
ILE CG2  C N N 132 
ILE CD1  C N N 133 
ILE OXT  O N N 134 
ILE H    H N N 135 
ILE H2   H N N 136 
ILE HA   H N N 137 
ILE HB   H N N 138 
ILE HG12 H N N 139 
ILE HG13 H N N 140 
ILE HG21 H N N 141 
ILE HG22 H N N 142 
ILE HG23 H N N 143 
ILE HD11 H N N 144 
ILE HD12 H N N 145 
ILE HD13 H N N 146 
ILE HXT  H N N 147 
LEU N    N N N 148 
LEU CA   C N S 149 
LEU C    C N N 150 
LEU O    O N N 151 
LEU CB   C N N 152 
LEU CG   C N N 153 
LEU CD1  C N N 154 
LEU CD2  C N N 155 
LEU OXT  O N N 156 
LEU H    H N N 157 
LEU H2   H N N 158 
LEU HA   H N N 159 
LEU HB2  H N N 160 
LEU HB3  H N N 161 
LEU HG   H N N 162 
LEU HD11 H N N 163 
LEU HD12 H N N 164 
LEU HD13 H N N 165 
LEU HD21 H N N 166 
LEU HD22 H N N 167 
LEU HD23 H N N 168 
LEU HXT  H N N 169 
LYS N    N N N 170 
LYS CA   C N S 171 
LYS C    C N N 172 
LYS O    O N N 173 
LYS CB   C N N 174 
LYS CG   C N N 175 
LYS CD   C N N 176 
LYS CE   C N N 177 
LYS NZ   N N N 178 
LYS OXT  O N N 179 
LYS H    H N N 180 
LYS H2   H N N 181 
LYS HA   H N N 182 
LYS HB2  H N N 183 
LYS HB3  H N N 184 
LYS HG2  H N N 185 
LYS HG3  H N N 186 
LYS HD2  H N N 187 
LYS HD3  H N N 188 
LYS HE2  H N N 189 
LYS HE3  H N N 190 
LYS HZ1  H N N 191 
LYS HZ2  H N N 192 
LYS HZ3  H N N 193 
LYS HXT  H N N 194 
MET N    N N N 195 
MET CA   C N S 196 
MET C    C N N 197 
MET O    O N N 198 
MET CB   C N N 199 
MET CG   C N N 200 
MET SD   S N N 201 
MET CE   C N N 202 
MET OXT  O N N 203 
MET H    H N N 204 
MET H2   H N N 205 
MET HA   H N N 206 
MET HB2  H N N 207 
MET HB3  H N N 208 
MET HG2  H N N 209 
MET HG3  H N N 210 
MET HE1  H N N 211 
MET HE2  H N N 212 
MET HE3  H N N 213 
MET HXT  H N N 214 
PHE N    N N N 215 
PHE CA   C N S 216 
PHE C    C N N 217 
PHE O    O N N 218 
PHE CB   C N N 219 
PHE CG   C Y N 220 
PHE CD1  C Y N 221 
PHE CD2  C Y N 222 
PHE CE1  C Y N 223 
PHE CE2  C Y N 224 
PHE CZ   C Y N 225 
PHE OXT  O N N 226 
PHE H    H N N 227 
PHE H2   H N N 228 
PHE HA   H N N 229 
PHE HB2  H N N 230 
PHE HB3  H N N 231 
PHE HD1  H N N 232 
PHE HD2  H N N 233 
PHE HE1  H N N 234 
PHE HE2  H N N 235 
PHE HZ   H N N 236 
PHE HXT  H N N 237 
PRO N    N N N 238 
PRO CA   C N S 239 
PRO C    C N N 240 
PRO O    O N N 241 
PRO CB   C N N 242 
PRO CG   C N N 243 
PRO CD   C N N 244 
PRO OXT  O N N 245 
PRO H    H N N 246 
PRO HA   H N N 247 
PRO HB2  H N N 248 
PRO HB3  H N N 249 
PRO HG2  H N N 250 
PRO HG3  H N N 251 
PRO HD2  H N N 252 
PRO HD3  H N N 253 
PRO HXT  H N N 254 
SER N    N N N 255 
SER CA   C N S 256 
SER C    C N N 257 
SER O    O N N 258 
SER CB   C N N 259 
SER OG   O N N 260 
SER OXT  O N N 261 
SER H    H N N 262 
SER H2   H N N 263 
SER HA   H N N 264 
SER HB2  H N N 265 
SER HB3  H N N 266 
SER HG   H N N 267 
SER HXT  H N N 268 
THR N    N N N 269 
THR CA   C N S 270 
THR C    C N N 271 
THR O    O N N 272 
THR CB   C N R 273 
THR OG1  O N N 274 
THR CG2  C N N 275 
THR OXT  O N N 276 
THR H    H N N 277 
THR H2   H N N 278 
THR HA   H N N 279 
THR HB   H N N 280 
THR HG1  H N N 281 
THR HG21 H N N 282 
THR HG22 H N N 283 
THR HG23 H N N 284 
THR HXT  H N N 285 
TRP N    N N N 286 
TRP CA   C N S 287 
TRP C    C N N 288 
TRP O    O N N 289 
TRP CB   C N N 290 
TRP CG   C Y N 291 
TRP CD1  C Y N 292 
TRP CD2  C Y N 293 
TRP NE1  N Y N 294 
TRP CE2  C Y N 295 
TRP CE3  C Y N 296 
TRP CZ2  C Y N 297 
TRP CZ3  C Y N 298 
TRP CH2  C Y N 299 
TRP OXT  O N N 300 
TRP H    H N N 301 
TRP H2   H N N 302 
TRP HA   H N N 303 
TRP HB2  H N N 304 
TRP HB3  H N N 305 
TRP HD1  H N N 306 
TRP HE1  H N N 307 
TRP HE3  H N N 308 
TRP HZ2  H N N 309 
TRP HZ3  H N N 310 
TRP HH2  H N N 311 
TRP HXT  H N N 312 
TYR N    N N N 313 
TYR CA   C N S 314 
TYR C    C N N 315 
TYR O    O N N 316 
TYR CB   C N N 317 
TYR CG   C Y N 318 
TYR CD1  C Y N 319 
TYR CD2  C Y N 320 
TYR CE1  C Y N 321 
TYR CE2  C Y N 322 
TYR CZ   C Y N 323 
TYR OH   O N N 324 
TYR OXT  O N N 325 
TYR H    H N N 326 
TYR H2   H N N 327 
TYR HA   H N N 328 
TYR HB2  H N N 329 
TYR HB3  H N N 330 
TYR HD1  H N N 331 
TYR HD2  H N N 332 
TYR HE1  H N N 333 
TYR HE2  H N N 334 
TYR HH   H N N 335 
TYR HXT  H N N 336 
VAL N    N N N 337 
VAL CA   C N S 338 
VAL C    C N N 339 
VAL O    O N N 340 
VAL CB   C N N 341 
VAL CG1  C N N 342 
VAL CG2  C N N 343 
VAL OXT  O N N 344 
VAL H    H N N 345 
VAL H2   H N N 346 
VAL HA   H N N 347 
VAL HB   H N N 348 
VAL HG11 H N N 349 
VAL HG12 H N N 350 
VAL HG13 H N N 351 
VAL HG21 H N N 352 
VAL HG22 H N N 353 
VAL HG23 H N N 354 
VAL HXT  H N N 355 
# 
loop_
_chem_comp_bond.comp_id 
_chem_comp_bond.atom_id_1 
_chem_comp_bond.atom_id_2 
_chem_comp_bond.value_order 
_chem_comp_bond.pdbx_aromatic_flag 
_chem_comp_bond.pdbx_stereo_config 
_chem_comp_bond.pdbx_ordinal 
ALA N   CA   sing N N 1   
ALA N   H    sing N N 2   
ALA N   H2   sing N N 3   
ALA CA  C    sing N N 4   
ALA CA  CB   sing N N 5   
ALA CA  HA   sing N N 6   
ALA C   O    doub N N 7   
ALA C   OXT  sing N N 8   
ALA CB  HB1  sing N N 9   
ALA CB  HB2  sing N N 10  
ALA CB  HB3  sing N N 11  
ALA OXT HXT  sing N N 12  
ARG N   CA   sing N N 13  
ARG N   H    sing N N 14  
ARG N   H2   sing N N 15  
ARG CA  C    sing N N 16  
ARG CA  CB   sing N N 17  
ARG CA  HA   sing N N 18  
ARG C   O    doub N N 19  
ARG C   OXT  sing N N 20  
ARG CB  CG   sing N N 21  
ARG CB  HB2  sing N N 22  
ARG CB  HB3  sing N N 23  
ARG CG  CD   sing N N 24  
ARG CG  HG2  sing N N 25  
ARG CG  HG3  sing N N 26  
ARG CD  NE   sing N N 27  
ARG CD  HD2  sing N N 28  
ARG CD  HD3  sing N N 29  
ARG NE  CZ   sing N N 30  
ARG NE  HE   sing N N 31  
ARG CZ  NH1  sing N N 32  
ARG CZ  NH2  doub N N 33  
ARG NH1 HH11 sing N N 34  
ARG NH1 HH12 sing N N 35  
ARG NH2 HH21 sing N N 36  
ARG NH2 HH22 sing N N 37  
ARG OXT HXT  sing N N 38  
ASN N   CA   sing N N 39  
ASN N   H    sing N N 40  
ASN N   H2   sing N N 41  
ASN CA  C    sing N N 42  
ASN CA  CB   sing N N 43  
ASN CA  HA   sing N N 44  
ASN C   O    doub N N 45  
ASN C   OXT  sing N N 46  
ASN CB  CG   sing N N 47  
ASN CB  HB2  sing N N 48  
ASN CB  HB3  sing N N 49  
ASN CG  OD1  doub N N 50  
ASN CG  ND2  sing N N 51  
ASN ND2 HD21 sing N N 52  
ASN ND2 HD22 sing N N 53  
ASN OXT HXT  sing N N 54  
ASP N   CA   sing N N 55  
ASP N   H    sing N N 56  
ASP N   H2   sing N N 57  
ASP CA  C    sing N N 58  
ASP CA  CB   sing N N 59  
ASP CA  HA   sing N N 60  
ASP C   O    doub N N 61  
ASP C   OXT  sing N N 62  
ASP CB  CG   sing N N 63  
ASP CB  HB2  sing N N 64  
ASP CB  HB3  sing N N 65  
ASP CG  OD1  doub N N 66  
ASP CG  OD2  sing N N 67  
ASP OD2 HD2  sing N N 68  
ASP OXT HXT  sing N N 69  
GLN N   CA   sing N N 70  
GLN N   H    sing N N 71  
GLN N   H2   sing N N 72  
GLN CA  C    sing N N 73  
GLN CA  CB   sing N N 74  
GLN CA  HA   sing N N 75  
GLN C   O    doub N N 76  
GLN C   OXT  sing N N 77  
GLN CB  CG   sing N N 78  
GLN CB  HB2  sing N N 79  
GLN CB  HB3  sing N N 80  
GLN CG  CD   sing N N 81  
GLN CG  HG2  sing N N 82  
GLN CG  HG3  sing N N 83  
GLN CD  OE1  doub N N 84  
GLN CD  NE2  sing N N 85  
GLN NE2 HE21 sing N N 86  
GLN NE2 HE22 sing N N 87  
GLN OXT HXT  sing N N 88  
GLU N   CA   sing N N 89  
GLU N   H    sing N N 90  
GLU N   H2   sing N N 91  
GLU CA  C    sing N N 92  
GLU CA  CB   sing N N 93  
GLU CA  HA   sing N N 94  
GLU C   O    doub N N 95  
GLU C   OXT  sing N N 96  
GLU CB  CG   sing N N 97  
GLU CB  HB2  sing N N 98  
GLU CB  HB3  sing N N 99  
GLU CG  CD   sing N N 100 
GLU CG  HG2  sing N N 101 
GLU CG  HG3  sing N N 102 
GLU CD  OE1  doub N N 103 
GLU CD  OE2  sing N N 104 
GLU OE2 HE2  sing N N 105 
GLU OXT HXT  sing N N 106 
GLY N   CA   sing N N 107 
GLY N   H    sing N N 108 
GLY N   H2   sing N N 109 
GLY CA  C    sing N N 110 
GLY CA  HA2  sing N N 111 
GLY CA  HA3  sing N N 112 
GLY C   O    doub N N 113 
GLY C   OXT  sing N N 114 
GLY OXT HXT  sing N N 115 
HOH O   H1   sing N N 116 
HOH O   H2   sing N N 117 
ILE N   CA   sing N N 118 
ILE N   H    sing N N 119 
ILE N   H2   sing N N 120 
ILE CA  C    sing N N 121 
ILE CA  CB   sing N N 122 
ILE CA  HA   sing N N 123 
ILE C   O    doub N N 124 
ILE C   OXT  sing N N 125 
ILE CB  CG1  sing N N 126 
ILE CB  CG2  sing N N 127 
ILE CB  HB   sing N N 128 
ILE CG1 CD1  sing N N 129 
ILE CG1 HG12 sing N N 130 
ILE CG1 HG13 sing N N 131 
ILE CG2 HG21 sing N N 132 
ILE CG2 HG22 sing N N 133 
ILE CG2 HG23 sing N N 134 
ILE CD1 HD11 sing N N 135 
ILE CD1 HD12 sing N N 136 
ILE CD1 HD13 sing N N 137 
ILE OXT HXT  sing N N 138 
LEU N   CA   sing N N 139 
LEU N   H    sing N N 140 
LEU N   H2   sing N N 141 
LEU CA  C    sing N N 142 
LEU CA  CB   sing N N 143 
LEU CA  HA   sing N N 144 
LEU C   O    doub N N 145 
LEU C   OXT  sing N N 146 
LEU CB  CG   sing N N 147 
LEU CB  HB2  sing N N 148 
LEU CB  HB3  sing N N 149 
LEU CG  CD1  sing N N 150 
LEU CG  CD2  sing N N 151 
LEU CG  HG   sing N N 152 
LEU CD1 HD11 sing N N 153 
LEU CD1 HD12 sing N N 154 
LEU CD1 HD13 sing N N 155 
LEU CD2 HD21 sing N N 156 
LEU CD2 HD22 sing N N 157 
LEU CD2 HD23 sing N N 158 
LEU OXT HXT  sing N N 159 
LYS N   CA   sing N N 160 
LYS N   H    sing N N 161 
LYS N   H2   sing N N 162 
LYS CA  C    sing N N 163 
LYS CA  CB   sing N N 164 
LYS CA  HA   sing N N 165 
LYS C   O    doub N N 166 
LYS C   OXT  sing N N 167 
LYS CB  CG   sing N N 168 
LYS CB  HB2  sing N N 169 
LYS CB  HB3  sing N N 170 
LYS CG  CD   sing N N 171 
LYS CG  HG2  sing N N 172 
LYS CG  HG3  sing N N 173 
LYS CD  CE   sing N N 174 
LYS CD  HD2  sing N N 175 
LYS CD  HD3  sing N N 176 
LYS CE  NZ   sing N N 177 
LYS CE  HE2  sing N N 178 
LYS CE  HE3  sing N N 179 
LYS NZ  HZ1  sing N N 180 
LYS NZ  HZ2  sing N N 181 
LYS NZ  HZ3  sing N N 182 
LYS OXT HXT  sing N N 183 
MET N   CA   sing N N 184 
MET N   H    sing N N 185 
MET N   H2   sing N N 186 
MET CA  C    sing N N 187 
MET CA  CB   sing N N 188 
MET CA  HA   sing N N 189 
MET C   O    doub N N 190 
MET C   OXT  sing N N 191 
MET CB  CG   sing N N 192 
MET CB  HB2  sing N N 193 
MET CB  HB3  sing N N 194 
MET CG  SD   sing N N 195 
MET CG  HG2  sing N N 196 
MET CG  HG3  sing N N 197 
MET SD  CE   sing N N 198 
MET CE  HE1  sing N N 199 
MET CE  HE2  sing N N 200 
MET CE  HE3  sing N N 201 
MET OXT HXT  sing N N 202 
PHE N   CA   sing N N 203 
PHE N   H    sing N N 204 
PHE N   H2   sing N N 205 
PHE CA  C    sing N N 206 
PHE CA  CB   sing N N 207 
PHE CA  HA   sing N N 208 
PHE C   O    doub N N 209 
PHE C   OXT  sing N N 210 
PHE CB  CG   sing N N 211 
PHE CB  HB2  sing N N 212 
PHE CB  HB3  sing N N 213 
PHE CG  CD1  doub Y N 214 
PHE CG  CD2  sing Y N 215 
PHE CD1 CE1  sing Y N 216 
PHE CD1 HD1  sing N N 217 
PHE CD2 CE2  doub Y N 218 
PHE CD2 HD2  sing N N 219 
PHE CE1 CZ   doub Y N 220 
PHE CE1 HE1  sing N N 221 
PHE CE2 CZ   sing Y N 222 
PHE CE2 HE2  sing N N 223 
PHE CZ  HZ   sing N N 224 
PHE OXT HXT  sing N N 225 
PRO N   CA   sing N N 226 
PRO N   CD   sing N N 227 
PRO N   H    sing N N 228 
PRO CA  C    sing N N 229 
PRO CA  CB   sing N N 230 
PRO CA  HA   sing N N 231 
PRO C   O    doub N N 232 
PRO C   OXT  sing N N 233 
PRO CB  CG   sing N N 234 
PRO CB  HB2  sing N N 235 
PRO CB  HB3  sing N N 236 
PRO CG  CD   sing N N 237 
PRO CG  HG2  sing N N 238 
PRO CG  HG3  sing N N 239 
PRO CD  HD2  sing N N 240 
PRO CD  HD3  sing N N 241 
PRO OXT HXT  sing N N 242 
SER N   CA   sing N N 243 
SER N   H    sing N N 244 
SER N   H2   sing N N 245 
SER CA  C    sing N N 246 
SER CA  CB   sing N N 247 
SER CA  HA   sing N N 248 
SER C   O    doub N N 249 
SER C   OXT  sing N N 250 
SER CB  OG   sing N N 251 
SER CB  HB2  sing N N 252 
SER CB  HB3  sing N N 253 
SER OG  HG   sing N N 254 
SER OXT HXT  sing N N 255 
THR N   CA   sing N N 256 
THR N   H    sing N N 257 
THR N   H2   sing N N 258 
THR CA  C    sing N N 259 
THR CA  CB   sing N N 260 
THR CA  HA   sing N N 261 
THR C   O    doub N N 262 
THR C   OXT  sing N N 263 
THR CB  OG1  sing N N 264 
THR CB  CG2  sing N N 265 
THR CB  HB   sing N N 266 
THR OG1 HG1  sing N N 267 
THR CG2 HG21 sing N N 268 
THR CG2 HG22 sing N N 269 
THR CG2 HG23 sing N N 270 
THR OXT HXT  sing N N 271 
TRP N   CA   sing N N 272 
TRP N   H    sing N N 273 
TRP N   H2   sing N N 274 
TRP CA  C    sing N N 275 
TRP CA  CB   sing N N 276 
TRP CA  HA   sing N N 277 
TRP C   O    doub N N 278 
TRP C   OXT  sing N N 279 
TRP CB  CG   sing N N 280 
TRP CB  HB2  sing N N 281 
TRP CB  HB3  sing N N 282 
TRP CG  CD1  doub Y N 283 
TRP CG  CD2  sing Y N 284 
TRP CD1 NE1  sing Y N 285 
TRP CD1 HD1  sing N N 286 
TRP CD2 CE2  doub Y N 287 
TRP CD2 CE3  sing Y N 288 
TRP NE1 CE2  sing Y N 289 
TRP NE1 HE1  sing N N 290 
TRP CE2 CZ2  sing Y N 291 
TRP CE3 CZ3  doub Y N 292 
TRP CE3 HE3  sing N N 293 
TRP CZ2 CH2  doub Y N 294 
TRP CZ2 HZ2  sing N N 295 
TRP CZ3 CH2  sing Y N 296 
TRP CZ3 HZ3  sing N N 297 
TRP CH2 HH2  sing N N 298 
TRP OXT HXT  sing N N 299 
TYR N   CA   sing N N 300 
TYR N   H    sing N N 301 
TYR N   H2   sing N N 302 
TYR CA  C    sing N N 303 
TYR CA  CB   sing N N 304 
TYR CA  HA   sing N N 305 
TYR C   O    doub N N 306 
TYR C   OXT  sing N N 307 
TYR CB  CG   sing N N 308 
TYR CB  HB2  sing N N 309 
TYR CB  HB3  sing N N 310 
TYR CG  CD1  doub Y N 311 
TYR CG  CD2  sing Y N 312 
TYR CD1 CE1  sing Y N 313 
TYR CD1 HD1  sing N N 314 
TYR CD2 CE2  doub Y N 315 
TYR CD2 HD2  sing N N 316 
TYR CE1 CZ   doub Y N 317 
TYR CE1 HE1  sing N N 318 
TYR CE2 CZ   sing Y N 319 
TYR CE2 HE2  sing N N 320 
TYR CZ  OH   sing N N 321 
TYR OH  HH   sing N N 322 
TYR OXT HXT  sing N N 323 
VAL N   CA   sing N N 324 
VAL N   H    sing N N 325 
VAL N   H2   sing N N 326 
VAL CA  C    sing N N 327 
VAL CA  CB   sing N N 328 
VAL CA  HA   sing N N 329 
VAL C   O    doub N N 330 
VAL C   OXT  sing N N 331 
VAL CB  CG1  sing N N 332 
VAL CB  CG2  sing N N 333 
VAL CB  HB   sing N N 334 
VAL CG1 HG11 sing N N 335 
VAL CG1 HG12 sing N N 336 
VAL CG1 HG13 sing N N 337 
VAL CG2 HG21 sing N N 338 
VAL CG2 HG22 sing N N 339 
VAL CG2 HG23 sing N N 340 
VAL OXT HXT  sing N N 341 
# 
_pdbx_audit_support.funding_organization   'Howard Hughes Medical Institute (HHMI)' 
_pdbx_audit_support.country                'United States' 
_pdbx_audit_support.grant_number           ? 
_pdbx_audit_support.ordinal                1 
# 
_pdbx_initial_refinement_model.accession_code   ? 
_pdbx_initial_refinement_model.id               1 
_pdbx_initial_refinement_model.entity_id_list   ? 
_pdbx_initial_refinement_model.type             'in silico model' 
_pdbx_initial_refinement_model.source_name      Other 
_pdbx_initial_refinement_model.details          'Designed model' 
# 
_space_group.name_H-M_alt     'R 3 :H' 
_space_group.name_Hall        'R 3' 
_space_group.IT_number        146 
_space_group.crystal_system   trigonal 
_space_group.id               1 
# 
_atom_sites.entry_id                    6X9Z 
_atom_sites.Cartn_transf_matrix[1][1]   ? 
_atom_sites.Cartn_transf_matrix[1][2]   ? 
_atom_sites.Cartn_transf_matrix[1][3]   ? 
_atom_sites.Cartn_transf_matrix[2][1]   ? 
_atom_sites.Cartn_transf_matrix[2][2]   ? 
_atom_sites.Cartn_transf_matrix[2][3]   ? 
_atom_sites.Cartn_transf_matrix[3][1]   ? 
_atom_sites.Cartn_transf_matrix[3][2]   ? 
_atom_sites.Cartn_transf_matrix[3][3]   ? 
_atom_sites.Cartn_transf_vector[1]      ? 
_atom_sites.Cartn_transf_vector[2]      ? 
_atom_sites.Cartn_transf_vector[3]      ? 
_atom_sites.fract_transf_matrix[1][1]   -0.01781538 
_atom_sites.fract_transf_matrix[1][2]   -0.01152197 
_atom_sites.fract_transf_matrix[1][3]   0.00779817 
_atom_sites.fract_transf_matrix[2][1]   -0.00664275 
_atom_sites.fract_transf_matrix[2][2]   0.00261425 
_atom_sites.fract_transf_matrix[2][3]   0.02144715 
_atom_sites.fract_transf_matrix[3][1]   -0.00517957 
_atom_sites.fract_transf_matrix[3][2]   0.00639533 
_atom_sites.fract_transf_matrix[3][3]   -0.00238379 
_atom_sites.fract_transf_vector[1]      0.720844 
_atom_sites.fract_transf_vector[2]      0.675579 
_atom_sites.fract_transf_vector[3]      0.411687 
_atom_sites.solution_primary            ? 
_atom_sites.solution_secondary          ? 
_atom_sites.solution_hydrogens          ? 
_atom_sites.special_details             ? 
# 
loop_
_atom_type.symbol 
_atom_type.scat_dispersion_real 
_atom_type.scat_dispersion_imag 
_atom_type.scat_Cromer_Mann_a1 
_atom_type.scat_Cromer_Mann_a2 
_atom_type.scat_Cromer_Mann_a3 
_atom_type.scat_Cromer_Mann_a4 
_atom_type.scat_Cromer_Mann_b1 
_atom_type.scat_Cromer_Mann_b2 
_atom_type.scat_Cromer_Mann_b3 
_atom_type.scat_Cromer_Mann_b4 
_atom_type.scat_Cromer_Mann_c 
_atom_type.scat_source 
_atom_type.scat_dispersion_source 
C ? ? 3.54356 2.42580 ? ? 25.62398 1.50364  ? ? 0.0 
;2-Gaussian fit: Grosse-Kunstleve RW, Sauter NK, Adams PD: Newsletter of the IUCr Commission on Crystallographic Computing 2004, 3, 22-31.
;
? 
N ? ? 4.01032 2.96436 ? ? 19.97189 1.75589  ? ? 0.0 
;2-Gaussian fit: Grosse-Kunstleve RW, Sauter NK, Adams PD: Newsletter of the IUCr Commission on Crystallographic Computing 2004, 3, 22-31.
;
? 
O ? ? 4.49882 3.47563 ? ? 15.80542 1.70748  ? ? 0.0 
;2-Gaussian fit: Grosse-Kunstleve RW, Sauter NK, Adams PD: Newsletter of the IUCr Commission on Crystallographic Computing 2004, 3, 22-31.
;
? 
S ? ? 9.55732 6.39887 ? ? 1.23737  29.19336 ? ? 0.0 
;2-Gaussian fit: Grosse-Kunstleve RW, Sauter NK, Adams PD: Newsletter of the IUCr Commission on Crystallographic Computing 2004, 3, 22-31.
;
? 
# 
loop_
_atom_site.group_PDB 
_atom_site.id 
_atom_site.type_symbol 
_atom_site.label_atom_id 
_atom_site.label_alt_id 
_atom_site.label_comp_id 
_atom_site.label_asym_id 
_atom_site.label_entity_id 
_atom_site.label_seq_id 
_atom_site.pdbx_PDB_ins_code 
_atom_site.Cartn_x 
_atom_site.Cartn_y 
_atom_site.Cartn_z 
_atom_site.occupancy 
_atom_site.B_iso_or_equiv 
_atom_site.pdbx_formal_charge 
_atom_site.auth_seq_id 
_atom_site.auth_comp_id 
_atom_site.auth_asym_id 
_atom_site.auth_atom_id 
_atom_site.pdbx_PDB_model_num 
ATOM   1   N N   . MET A 1 1   ? 3.43197   -17.05366 9.92377   1.000 34.72100 ? 1   MET A N   1 
ATOM   2   C CA  . MET A 1 1   ? 4.79832   -16.60510 9.67496   1.000 34.34687 ? 1   MET A CA  1 
ATOM   3   C C   . MET A 1 1   ? 4.94301   -15.08575 9.76303   1.000 33.55767 ? 1   MET A C   1 
ATOM   4   O O   . MET A 1 1   ? 3.95434   -14.34990 9.73089   1.000 32.93891 ? 1   MET A O   1 
ATOM   5   C CB  . MET A 1 1   ? 5.27799   -17.09267 8.30724   1.000 34.60500 ? 1   MET A CB  1 
ATOM   6   C CG  . MET A 1 1   ? 5.78164   -18.52212 8.31242   1.000 34.90399 ? 1   MET A CG  1 
ATOM   7   S SD  . MET A 1 1   ? 4.48153   -19.70353 8.69651   1.000 35.90462 ? 1   MET A SD  1 
ATOM   8   C CE  . MET A 1 1   ? 3.65224   -19.80492 7.11421   1.000 35.39099 ? 1   MET A CE  1 
ATOM   9   N N   . GLU A 1 2   ? 6.19115   -14.63297 9.84961   1.000 33.88801 ? 2   GLU A N   1 
ATOM   10  C CA  . GLU A 1 2   ? 6.54752   -13.24396 10.10371  1.000 34.02926 ? 2   GLU A CA  1 
ATOM   11  C C   . GLU A 1 2   ? 7.07871   -12.57396 8.84146   1.000 33.57067 ? 2   GLU A C   1 
ATOM   12  O O   . GLU A 1 2   ? 7.33895   -13.21422 7.81976   1.000 33.89518 ? 2   GLU A O   1 
ATOM   13  C CB  . GLU A 1 2   ? 7.61198   -13.15171 11.20628  1.000 34.16616 ? 2   GLU A CB  1 
ATOM   14  C CG  . GLU A 1 2   ? 7.22758   -13.77298 12.53985  1.000 34.68152 ? 2   GLU A CG  1 
ATOM   15  C CD  . GLU A 1 2   ? 8.38341   -13.78619 13.53830  1.000 36.17543 ? 2   GLU A CD  1 
ATOM   16  O OE1 . GLU A 1 2   ? 9.45932   -13.23054 13.22713  1.000 35.70710 ? 2   GLU A OE1 1 
ATOM   17  O OE2 . GLU A 1 2   ? 8.21248   -14.35401 14.63646  1.000 40.49542 ? 2   GLU A OE2 1 
ATOM   18  N N   . GLN A 1 3   ? 7.24472   -11.25831 8.92850   1.000 32.83834 ? 3   GLN A N   1 
ATOM   19  C CA  . GLN A 1 3   ? 8.05824   -10.54875 7.95723   1.000 32.51805 ? 3   GLN A CA  1 
ATOM   20  C C   . GLN A 1 3   ? 9.53424   -10.78639 8.25282   1.000 32.45553 ? 3   GLN A C   1 
ATOM   21  O O   . GLN A 1 3   ? 9.92020   -11.14074 9.36884   1.000 32.83980 ? 3   GLN A O   1 
ATOM   22  C CB  . GLN A 1 3   ? 7.78619   -9.04589  7.99566   1.000 31.62597 ? 3   GLN A CB  1 
ATOM   23  C CG  . GLN A 1 3   ? 6.37192   -8.61607  7.68732   1.000 31.62554 ? 3   GLN A CG  1 
ATOM   24  C CD  . GLN A 1 3   ? 6.17496   -7.13837  7.95627   1.000 31.34413 ? 3   GLN A CD  1 
ATOM   25  O OE1 . GLN A 1 3   ? 5.59110   -6.41575  7.14576   1.000 31.22921 ? 3   GLN A OE1 1 
ATOM   26  N NE2 . GLN A 1 3   ? 6.66725   -6.67802  9.10377   1.000 30.80400 ? 3   GLN A NE2 1 
ATOM   27  N N   . LYS A 1 4   ? 10.36478  -10.56896 7.23752   0.379 32.71113 ? 4   LYS A N   1 
ATOM   28  C CA  . LYS A 1 4   ? 11.80419  -10.53494 7.43578   1.000 32.81775 ? 4   LYS A CA  1 
ATOM   29  C C   . LYS A 1 4   ? 12.20908  -9.08960  7.67068   1.000 32.42429 ? 4   LYS A C   1 
ATOM   30  O O   . LYS A 1 4   ? 12.18704  -8.29448  6.71956   1.000 32.26966 ? 4   LYS A O   1 
ATOM   31  C CB  . LYS A 1 4   ? 12.53473  -11.10491 6.22269   1.000 33.08804 ? 4   LYS A CB  1 
ATOM   32  C CG  . LYS A 1 4   ? 14.03163  -11.26127 6.41777   1.000 33.00954 ? 4   LYS A CG  1 
ATOM   33  C CD  . LYS A 1 4   ? 14.31821  -12.20112 7.57344   1.000 33.93483 ? 4   LYS A CD  1 
ATOM   34  C CE  . LYS A 1 4   ? 15.79421  -12.51137 7.70316   0.199 34.75205 ? 4   LYS A CE  1 
ATOM   35  N NZ  . LYS A 1 4   ? 16.00634  -13.48389 8.80484   1.000 34.92270 ? 4   LYS A NZ  1 
ATOM   36  N N   . PRO A 1 5   ? 12.55611  -8.69499  8.89692   1.000 32.10529 ? 5   PRO A N   1 
ATOM   37  C CA  . PRO A 1 5   ? 12.89585  -7.28965  9.15695   1.000 31.75342 ? 5   PRO A CA  1 
ATOM   38  C C   . PRO A 1 5   ? 14.01657  -6.80737  8.24940   1.000 31.92782 ? 5   PRO A C   1 
ATOM   39  O O   . PRO A 1 5   ? 15.02110  -7.49552  8.04814   1.000 31.22762 ? 5   PRO A O   1 
ATOM   40  C CB  . PRO A 1 5   ? 13.31952  -7.29816  10.62977  1.000 31.65888 ? 5   PRO A CB  1 
ATOM   41  C CG  . PRO A 1 5   ? 12.54806  -8.43259  11.21456  1.000 32.35960 ? 5   PRO A CG  1 
ATOM   42  C CD  . PRO A 1 5   ? 12.54798  -9.48904  10.13703  1.000 32.73377 ? 5   PRO A CD  1 
ATOM   43  N N   . GLY A 1 6   ? 13.82652  -5.61290  7.69184   1.000 31.49352 ? 6   GLY A N   1 
ATOM   44  C CA  . GLY A 1 6   ? 14.73099  -5.06731  6.70836   1.000 31.76053 ? 6   GLY A CA  1 
ATOM   45  C C   . GLY A 1 6   ? 14.31544  -5.31598  5.27600   1.000 31.77600 ? 6   GLY A C   1 
ATOM   46  O O   . GLY A 1 6   ? 14.96897  -4.80044  4.36084   1.000 31.94838 ? 6   GLY A O   1 
ATOM   47  N N   . THR A 1 7   ? 13.26413  -6.10117  5.05473   1.000 31.67301 ? 7   THR A N   1 
ATOM   48  C CA  . THR A 1 7   ? 12.75139  -6.30991  3.70731   1.000 32.63834 ? 7   THR A CA  1 
ATOM   49  C C   . THR A 1 7   ? 12.25702  -4.98687  3.14066   1.000 32.03456 ? 7   THR A C   1 
ATOM   50  O O   . THR A 1 7   ? 11.46851  -4.28635  3.78108   1.000 31.81603 ? 7   THR A O   1 
ATOM   51  C CB  . THR A 1 7   ? 11.62421  -7.33962  3.71469   1.000 33.29640 ? 7   THR A CB  1 
ATOM   52  O OG1 . THR A 1 7   ? 12.14382  -8.61638  4.11032   1.000 33.69836 ? 7   THR A OG1 1 
ATOM   53  C CG2 . THR A 1 7   ? 11.00092  -7.45718  2.32969   1.000 34.29115 ? 7   THR A CG2 1 
ATOM   54  N N   . LEU A 1 8   ? 12.73498  -4.63689  1.95208   0.460 32.28661 ? 8   LEU A N   1 
ATOM   55  C CA  . LEU A 1 8   ? 12.29587  -3.44442  1.24399   1.000 32.68016 ? 8   LEU A CA  1 
ATOM   56  C C   . LEU A 1 8   ? 11.59575  -3.86663  -0.03553  1.000 34.15996 ? 8   LEU A C   1 
ATOM   57  O O   . LEU A 1 8   ? 12.12945  -4.67294  -0.80637  1.000 34.38579 ? 8   LEU A O   1 
ATOM   58  C CB  . LEU A 1 8   ? 13.47094  -2.52120  0.92150   1.000 33.20562 ? 8   LEU A CB  1 
ATOM   59  C CG  . LEU A 1 8   ? 13.10047  -1.18433  0.27254   1.000 32.60938 ? 8   LEU A CG  1 
ATOM   60  C CD1 . LEU A 1 8   ? 12.27501  -0.33834  1.21382   1.000 32.04496 ? 8   LEU A CD1 1 
ATOM   61  C CD2 . LEU A 1 8   ? 14.35970  -0.44140  -0.16385  1.000 33.83060 ? 8   LEU A CD2 1 
ATOM   62  N N   . MET A 1 9   ? 10.39933  -3.33487  -0.25280  1.000 33.65998 ? 9   MET A N   1 
ATOM   63  C CA  . MET A 1 9   ? 9.63706   -3.65443  -1.44760  1.000 33.66090 ? 9   MET A CA  1 
ATOM   64  C C   . MET A 1 9   ? 9.10452   -2.37011  -2.05469  1.000 33.33296 ? 9   MET A C   1 
ATOM   65  O O   . MET A 1 9   ? 8.49615   -1.55569  -1.35539  1.000 33.09264 ? 9   MET A O   1 
ATOM   66  C CB  . MET A 1 9   ? 8.50050   -4.62514  -1.13164  1.000 33.34179 ? 9   MET A CB  1 
ATOM   67  C CG  . MET A 1 9   ? 9.00415   -6.03191  -0.85820  1.000 34.25332 ? 9   MET A CG  1 
ATOM   68  S SD  . MET A 1 9   ? 7.63978   -7.18309  -0.72886  1.000 35.79772 ? 9   MET A SD  1 
ATOM   69  C CE  . MET A 1 9   ? 6.88569   -6.56181  0.76762   1.000 37.15287 ? 9   MET A CE  1 
ATOM   70  N N   . VAL A 1 10  ? 9.35475   -2.19260  -3.34521  1.000 32.89936 ? 10  VAL A N   1 
ATOM   71  C CA  . VAL A 1 10  ? 8.79621   -1.08998  -4.11413  1.000 32.30483 ? 10  VAL A CA  1 
ATOM   72  C C   . VAL A 1 10  ? 7.52823   -1.58753  -4.78562  1.000 32.40836 ? 10  VAL A C   1 
ATOM   73  O O   . VAL A 1 10  ? 7.51242   -2.67799  -5.37097  1.000 31.74510 ? 10  VAL A O   1 
ATOM   74  C CB  . VAL A 1 10  ? 9.80554   -0.57392  -5.15308  1.000 31.87728 ? 10  VAL A CB  1 
ATOM   75  C CG1 . VAL A 1 10  ? 9.14383   0.43430   -6.07701  1.000 32.38999 ? 10  VAL A CG1 1 
ATOM   76  C CG2 . VAL A 1 10  ? 11.00682  0.03961   -4.45779  1.000 32.48464 ? 10  VAL A CG2 1 
ATOM   77  N N   . TYR A 1 11  ? 6.46225   -0.79921  -4.69341  1.000 31.42207 ? 11  TYR A N   1 
ATOM   78  C CA  . TYR A 1 11  ? 5.18041   -1.17341  -5.25747  1.000 31.16707 ? 11  TYR A CA  1 
ATOM   79  C C   . TYR A 1 11  ? 4.68088   -0.07536  -6.18220  1.000 31.64719 ? 11  TYR A C   1 
ATOM   80  O O   . TYR A 1 11  ? 5.06353   1.09196   -6.05623  1.000 31.38476 ? 11  TYR A O   1 
ATOM   81  C CB  . TYR A 1 11  ? 4.14449   -1.44908  -4.15920  1.000 30.87941 ? 11  TYR A CB  1 
ATOM   82  C CG  . TYR A 1 11  ? 3.73784   -0.23901  -3.34293  1.000 32.12501 ? 11  TYR A CG  1 
ATOM   83  C CD1 . TYR A 1 11  ? 2.71271   0.59672   -3.77250  1.000 32.28416 ? 11  TYR A CD1 1 
ATOM   84  C CD2 . TYR A 1 11  ? 4.35855   0.05535   -2.13523  1.000 32.77510 ? 11  TYR A CD2 1 
ATOM   85  C CE1 . TYR A 1 11  ? 2.32334   1.69331   -3.03687  1.000 32.90328 ? 11  TYR A CE1 1 
ATOM   86  C CE2 . TYR A 1 11  ? 3.97418   1.15569   -1.38675  1.000 33.57057 ? 11  TYR A CE2 1 
ATOM   87  C CZ  . TYR A 1 11  ? 2.95367   1.97283   -1.84526  1.000 34.14530 ? 11  TYR A CZ  1 
ATOM   88  O OH  . TYR A 1 11  ? 2.55844   3.06982   -1.10998  1.000 35.74803 ? 11  TYR A OH  1 
ATOM   89  N N   . VAL A 1 12  ? 3.82626   -0.46901  -7.11930  1.000 31.00398 ? 12  VAL A N   1 
ATOM   90  C CA  . VAL A 1 12  ? 3.08540   0.46809   -7.95408  1.000 31.36798 ? 12  VAL A CA  1 
ATOM   91  C C   . VAL A 1 12  ? 1.66142   -0.05123  -8.06611  1.000 31.74658 ? 12  VAL A C   1 
ATOM   92  O O   . VAL A 1 12  ? 1.44613   -1.22188  -8.39717  1.000 31.32933 ? 12  VAL A O   1 
ATOM   93  C CB  . VAL A 1 12  ? 3.72847   0.64466   -9.34355  1.000 30.95687 ? 12  VAL A CB  1 
ATOM   94  C CG1 . VAL A 1 12  ? 4.99471   1.47954   -9.23417  1.000 30.53142 ? 12  VAL A CG1 1 
ATOM   95  C CG2 . VAL A 1 12  ? 4.04674   -0.70066  -9.96127  1.000 30.51776 ? 12  VAL A CG2 1 
ATOM   96  N N   . VAL A 1 13  ? 0.68606   0.79863   -7.75440  1.000 31.92201 ? 13  VAL A N   1 
ATOM   97  C CA  . VAL A 1 13  ? -0.70428  0.36898   -7.74733  1.000 32.30301 ? 13  VAL A CA  1 
ATOM   98  C C   . VAL A 1 13  ? -1.56650  1.39621   -8.45958  1.000 32.61897 ? 13  VAL A C   1 
ATOM   99  O O   . VAL A 1 13  ? -1.24472  2.58410   -8.52796  0.879 33.02783 ? 13  VAL A O   1 
ATOM   100 C CB  . VAL A 1 13  ? -1.24940  0.12910   -6.32173  1.000 32.15345 ? 13  VAL A CB  1 
ATOM   101 C CG1 . VAL A 1 13  ? -0.39020  -0.87421  -5.58677  1.000 31.19798 ? 13  VAL A CG1 1 
ATOM   102 C CG2 . VAL A 1 13  ? -1.35027  1.43969   -5.54999  1.000 33.18491 ? 13  VAL A CG2 1 
ATOM   103 N N   . VAL A 1 14  ? -2.68113  0.90912   -8.99088  1.000 32.93921 ? 14  VAL A N   1 
ATOM   104 C CA  . VAL A 1 14  ? -3.73465  1.74384   -9.54584  1.000 33.45537 ? 14  VAL A CA  1 
ATOM   105 C C   . VAL A 1 14  ? -4.96501  1.54510   -8.67396  1.000 33.70819 ? 14  VAL A C   1 
ATOM   106 O O   . VAL A 1 14  ? -5.38405  0.40552   -8.43006  1.000 33.52290 ? 14  VAL A O   1 
ATOM   107 C CB  . VAL A 1 14  ? -4.02137  1.40321   -11.01655 1.000 32.95766 ? 14  VAL A CB  1 
ATOM   108 C CG1 . VAL A 1 14  ? -4.11875  -0.10847  -11.21389 1.000 33.12881 ? 14  VAL A CG1 1 
ATOM   109 C CG2 . VAL A 1 14  ? -5.28659  2.09706   -11.48040 1.000 33.73488 ? 14  VAL A CG2 1 
ATOM   110 N N   . GLY A 1 15  ? -5.52196  2.64486   -8.18229  1.000 34.41061 ? 15  GLY A N   1 
ATOM   111 C CA  . GLY A 1 15  ? -6.64424  2.61402   -7.25663  1.000 35.15268 ? 15  GLY A CA  1 
ATOM   112 C C   . GLY A 1 15  ? -7.86068  3.28282   -7.87091  1.000 35.28308 ? 15  GLY A C   1 
ATOM   113 O O   . GLY A 1 15  ? -7.75508  4.36059   -8.45901  1.000 35.22630 ? 15  GLY A O   1 
ATOM   114 N N   . TYR A 1 16  ? -9.01057  2.63416   -7.72468  1.000 35.09625 ? 16  TYR A N   1 
ATOM   115 C CA  . TYR A 1 16  ? -10.27756 3.12327   -8.25486  1.000 35.64410 ? 16  TYR A CA  1 
ATOM   116 C C   . TYR A 1 16  ? -11.16385 3.50673   -7.07603  1.000 36.22826 ? 16  TYR A C   1 
ATOM   117 O O   . TYR A 1 16  ? -11.62652 2.63519   -6.33153  1.000 36.22819 ? 16  TYR A O   1 
ATOM   118 C CB  . TYR A 1 16  ? -10.94759 2.06587   -9.12870  1.000 34.73712 ? 16  TYR A CB  1 
ATOM   119 C CG  . TYR A 1 16  ? -10.08226 1.55637   -10.25804 1.000 34.33555 ? 16  TYR A CG  1 
ATOM   120 C CD1 . TYR A 1 16  ? -10.19460 2.08526   -11.53703 0.479 34.14757 ? 16  TYR A CD1 1 
ATOM   121 C CD2 . TYR A 1 16  ? -9.15995  0.53780   -10.04764 0.619 33.93187 ? 16  TYR A CD2 1 
ATOM   122 C CE1 . TYR A 1 16  ? -9.41078  1.61851   -12.57201 1.000 33.63095 ? 16  TYR A CE1 1 
ATOM   123 C CE2 . TYR A 1 16  ? -8.37079  0.06763   -11.07492 0.822 33.62194 ? 16  TYR A CE2 1 
ATOM   124 C CZ  . TYR A 1 16  ? -8.50154  0.61086   -12.33589 0.470 33.53851 ? 16  TYR A CZ  1 
ATOM   125 O OH  . TYR A 1 16  ? -7.71929  0.14489   -13.36600 0.100 33.30389 ? 16  TYR A OH  1 
ATOM   126 N N   . ASN A 1 17  ? -11.39624 4.80464   -6.91261  1.000 36.77919 ? 17  ASN A N   1 
ATOM   127 C CA  . ASN A 1 17  ? -12.13052 5.34536   -5.77995  1.000 37.25080 ? 17  ASN A CA  1 
ATOM   128 C C   . ASN A 1 17  ? -13.62727 5.39024   -6.06825  1.000 36.78739 ? 17  ASN A C   1 
ATOM   129 O O   . ASN A 1 17  ? -14.06420 5.41452   -7.22114  1.000 36.20159 ? 17  ASN A O   1 
ATOM   130 C CB  . ASN A 1 17  ? -11.63511 6.75132   -5.43852  1.000 37.65509 ? 17  ASN A CB  1 
ATOM   131 C CG  . ASN A 1 17  ? -10.13915 6.80462   -5.18811  1.000 38.29374 ? 17  ASN A CG  1 
ATOM   132 O OD1 . ASN A 1 17  ? -9.67911  6.62350   -4.06072  1.000 39.73041 ? 17  ASN A OD1 1 
ATOM   133 N ND2 . ASN A 1 17  ? -9.37260  7.06508   -6.23996  1.000 37.55655 ? 17  ASN A ND2 1 
ATOM   134 N N   . THR A 1 18  ? -14.41285 5.44065   -4.98835  1.000 37.04364 ? 18  THR A N   1 
ATOM   135 C CA  . THR A 1 18  ? -15.86602 5.43873   -5.10712  1.000 36.44973 ? 18  THR A CA  1 
ATOM   136 C C   . THR A 1 18  ? -16.40948 6.72037   -5.72885  1.000 36.67985 ? 18  THR A C   1 
ATOM   137 O O   . THR A 1 18  ? -17.55956 6.73059   -6.18246  1.000 36.83686 ? 18  THR A O   1 
ATOM   138 C CB  . THR A 1 18  ? -16.50708 5.21216   -3.73568  1.000 38.02843 ? 18  THR A CB  1 
ATOM   139 O OG1 . THR A 1 18  ? -15.89356 6.07217   -2.76924  0.811 40.35978 ? 18  THR A OG1 1 
ATOM   140 C CG2 . THR A 1 18  ? -16.34381 3.76257   -3.30195  0.726 39.50276 ? 18  THR A CG2 1 
ATOM   141 N N   . ASP A 1 19  ? -15.61868 7.79326   -5.76896  1.000 36.09128 ? 19  ASP A N   1 
ATOM   142 C CA  . ASP A 1 19  ? -16.02362 9.02563   -6.43151  0.944 35.55883 ? 19  ASP A CA  1 
ATOM   143 C C   . ASP A 1 19  ? -15.70807 9.01909   -7.92490  1.000 35.59506 ? 19  ASP A C   1 
ATOM   144 O O   . ASP A 1 19  ? -15.73479 10.08068  -8.55846  0.462 35.87946 ? 19  ASP A O   1 
ATOM   145 C CB  . ASP A 1 19  ? -15.36800 10.23434  -5.75698  0.564 34.98705 ? 19  ASP A CB  1 
ATOM   146 C CG  . ASP A 1 19  ? -13.85314 10.22044  -5.86515  1.000 35.39208 ? 19  ASP A CG  1 
ATOM   147 O OD1 . ASP A 1 19  ? -13.29010 9.20147   -6.31574  0.623 35.80090 ? 19  ASP A OD1 1 
ATOM   148 O OD2 . ASP A 1 19  ? -13.21928 11.23314  -5.49655  1.000 35.01144 ? 19  ASP A OD2 1 
ATOM   149 N N   . ASN A 1 20  ? -15.40323 7.84856   -8.48907  1.000 35.51211 ? 20  ASN A N   1 
ATOM   150 C CA  . ASN A 1 20  ? -15.09355 7.68651   -9.91117  0.791 35.51909 ? 20  ASN A CA  1 
ATOM   151 C C   . ASN A 1 20  ? -13.83477 8.44519   -10.31493 1.000 35.44589 ? 20  ASN A C   1 
ATOM   152 O O   . ASN A 1 20  ? -13.66746 8.81862   -11.47862 0.440 35.88203 ? 20  ASN A O   1 
ATOM   153 C CB  . ASN A 1 20  ? -16.26841 8.10207   -10.79879 1.000 37.07170 ? 20  ASN A CB  1 
ATOM   154 C CG  . ASN A 1 20  ? -17.50602 7.27279   -10.55001 1.000 38.03954 ? 20  ASN A CG  1 
ATOM   155 O OD1 . ASN A 1 20  ? -18.58937 7.80811   -10.29691 1.000 41.27744 ? 20  ASN A OD1 1 
ATOM   156 N ND2 . ASN A 1 20  ? -17.35665 5.95571   -10.62423 1.000 38.10905 ? 20  ASN A ND2 1 
ATOM   157 N N   . THR A 1 21  ? -12.94850 8.69068   -9.36163  1.000 35.20324 ? 21  THR A N   1 
ATOM   158 C CA  . THR A 1 21  ? -11.59277 9.10605   -9.67380  1.000 35.45664 ? 21  THR A CA  1 
ATOM   159 C C   . THR A 1 21  ? -10.67631 7.88619   -9.62628  1.000 35.86849 ? 21  THR A C   1 
ATOM   160 O O   . THR A 1 21  ? -11.06408 6.80272   -9.18414  1.000 35.75708 ? 21  THR A O   1 
ATOM   161 C CB  . THR A 1 21  ? -11.11517 10.19825  -8.71047  1.000 35.37999 ? 21  THR A CB  1 
ATOM   162 O OG1 . THR A 1 21  ? -10.98330 9.66006   -7.38916  1.000 35.21059 ? 21  THR A OG1 1 
ATOM   163 C CG2 . THR A 1 21  ? -12.10443 11.35428  -8.68987  0.683 34.89204 ? 21  THR A CG2 1 
ATOM   164 N N   . VAL A 1 22  ? -9.45107  8.06871   -10.10989 1.000 36.02935 ? 22  VAL A N   1 
ATOM   165 C CA  . VAL A 1 22  ? -8.47230  6.99331   -10.22172 1.000 36.09848 ? 22  VAL A CA  1 
ATOM   166 C C   . VAL A 1 22  ? -7.13486  7.51510   -9.71734  1.000 36.22107 ? 22  VAL A C   1 
ATOM   167 O O   . VAL A 1 22  ? -6.70759  8.60885   -10.10334 1.000 35.77062 ? 22  VAL A O   1 
ATOM   168 C CB  . VAL A 1 22  ? -8.34517  6.48440   -11.67353 1.000 35.40973 ? 22  VAL A CB  1 
ATOM   169 C CG1 . VAL A 1 22  ? -7.18596  5.51050   -11.80626 1.000 35.02840 ? 22  VAL A CG1 1 
ATOM   170 C CG2 . VAL A 1 22  ? -9.64666  5.83065   -12.13324 1.000 34.82812 ? 22  VAL A CG2 1 
ATOM   171 N N   . ASP A 1 23  ? -6.48741  6.74760   -8.84317  1.000 36.61689 ? 23  ASP A N   1 
ATOM   172 C CA  . ASP A 1 23  ? -5.14795  7.05876   -8.36819  1.000 36.46265 ? 23  ASP A CA  1 
ATOM   173 C C   . ASP A 1 23  ? -4.14211  6.09033   -8.97264  1.000 36.16831 ? 23  ASP A C   1 
ATOM   174 O O   . ASP A 1 23  ? -4.44817  4.92003   -9.21452  1.000 35.78290 ? 23  ASP A O   1 
ATOM   175 C CB  . ASP A 1 23  ? -5.04110  6.97549   -6.83792  1.000 36.93870 ? 23  ASP A CB  1 
ATOM   176 C CG  . ASP A 1 23  ? -6.05433  7.84734   -6.12105  1.000 38.82574 ? 23  ASP A CG  1 
ATOM   177 O OD1 . ASP A 1 23  ? -7.13568  7.32946   -5.77293  1.000 42.91234 ? 23  ASP A OD1 1 
ATOM   178 O OD2 . ASP A 1 23  ? -5.76882  9.04397   -5.89306  1.000 37.91990 ? 23  ASP A OD2 1 
ATOM   179 N N   . VAL A 1 24  ? -2.93411  6.58957   -9.20557  1.000 36.16487 ? 24  VAL A N   1 
ATOM   180 C CA  . VAL A 1 24  ? -1.76151  5.75740   -9.43858  1.000 35.62708 ? 24  VAL A CA  1 
ATOM   181 C C   . VAL A 1 24  ? -0.75417  6.11172   -8.35295  1.000 35.17356 ? 24  VAL A C   1 
ATOM   182 O O   . VAL A 1 24  ? -0.39193  7.28466   -8.19473  0.613 35.52723 ? 24  VAL A O   1 
ATOM   183 C CB  . VAL A 1 24  ? -1.17730  5.95661   -10.84815 0.930 35.74236 ? 24  VAL A CB  1 
ATOM   184 C CG1 . VAL A 1 24  ? -2.06952  5.29504   -11.88606 0.631 34.99250 ? 24  VAL A CG1 1 
ATOM   185 C CG2 . VAL A 1 24  ? -1.02443  7.43263   -11.16731 1.000 35.70855 ? 24  VAL A CG2 1 
ATOM   186 N N   . VAL A 1 25  ? -0.33579  5.11297   -7.58141  1.000 34.36651 ? 25  VAL A N   1 
ATOM   187 C CA  . VAL A 1 25  ? 0.52241   5.32693   -6.42788  1.000 34.49022 ? 25  VAL A CA  1 
ATOM   188 C C   . VAL A 1 25  ? 1.77238   4.47969   -6.59353  1.000 33.87425 ? 25  VAL A C   1 
ATOM   189 O O   . VAL A 1 25  ? 1.68710   3.26836   -6.83191  1.000 33.19421 ? 25  VAL A O   1 
ATOM   190 C CB  . VAL A 1 25  ? -0.19873  4.99186   -5.10892  1.000 35.56918 ? 25  VAL A CB  1 
ATOM   191 C CG1 . VAL A 1 25  ? 0.72436   5.19556   -3.92599  1.000 35.85405 ? 25  VAL A CG1 1 
ATOM   192 C CG2 . VAL A 1 25  ? -1.45480  5.84722   -4.95392  1.000 36.92741 ? 25  VAL A CG2 1 
ATOM   193 N N   . GLY A 1 26  ? 2.93004   5.12446   -6.48554  1.000 34.44169 ? 26  GLY A N   1 
ATOM   194 C CA  . GLY A 1 26  ? 4.20023   4.42340   -6.43498  1.000 32.78602 ? 26  GLY A CA  1 
ATOM   195 C C   . GLY A 1 26  ? 4.87898   4.70329   -5.11209  1.000 33.15240 ? 26  GLY A C   1 
ATOM   196 O O   . GLY A 1 26  ? 4.86073   5.84327   -4.63209  1.000 34.01797 ? 26  GLY A O   1 
ATOM   197 N N   . GLY A 1 27  ? 5.47296   3.67954   -4.50392  1.000 32.43175 ? 27  GLY A N   1 
ATOM   198 C CA  . GLY A 1 27  ? 6.08431   3.86332   -3.20115  1.000 32.74341 ? 27  GLY A CA  1 
ATOM   199 C C   . GLY A 1 27  ? 6.87250   2.67614   -2.68171  1.000 33.12892 ? 27  GLY A C   1 
ATOM   200 O O   . GLY A 1 27  ? 7.34522   1.84796   -3.46667  1.000 32.43674 ? 27  GLY A O   1 
ATOM   201 N N   . ALA A 1 28  ? 7.00852   2.57536   -1.35905  1.000 33.11409 ? 28  ALA A N   1 
ATOM   202 C CA  . ALA A 1 28  ? 7.75731   1.48093   -0.76382  1.000 33.13206 ? 28  ALA A CA  1 
ATOM   203 C C   . ALA A 1 28  ? 7.14955   1.10100   0.57635   1.000 32.86991 ? 28  ALA A C   1 
ATOM   204 O O   . ALA A 1 28  ? 6.55793   1.93172   1.27008   1.000 33.31484 ? 28  ALA A O   1 
ATOM   205 C CB  . ALA A 1 28  ? 9.23454   1.84322   -0.58577  1.000 32.22308 ? 28  ALA A CB  1 
ATOM   206 N N   . GLN A 1 29  ? 7.30574   -0.17031  0.92606   1.000 32.65262 ? 29  GLN A N   1 
ATOM   207 C CA  . GLN A 1 29  ? 6.93692   -0.69555  2.23233   1.000 32.35445 ? 29  GLN A CA  1 
ATOM   208 C C   . GLN A 1 29  ? 8.16962   -1.35023  2.83507   1.000 32.18613 ? 29  GLN A C   1 
ATOM   209 O O   . GLN A 1 29  ? 8.75450   -2.25634  2.23158   1.000 32.53183 ? 29  GLN A O   1 
ATOM   210 C CB  . GLN A 1 29  ? 5.77936   -1.69052  2.11980   1.000 32.59707 ? 29  GLN A CB  1 
ATOM   211 C CG  . GLN A 1 29  ? 4.46644   -1.04421  1.67606   1.000 33.85023 ? 29  GLN A CG  1 
ATOM   212 C CD  . GLN A 1 29  ? 3.32737   -2.04042  1.52460   1.000 34.34990 ? 29  GLN A CD  1 
ATOM   213 O OE1 . GLN A 1 29  ? 3.55059   -3.24734  1.42172   1.000 34.53646 ? 29  GLN A OE1 1 
ATOM   214 N NE2 . GLN A 1 29  ? 2.09637   -1.53567  1.51539   1.000 34.24055 ? 29  GLN A NE2 1 
ATOM   215 N N   . TYR A 1 30  ? 8.56504   -0.88785  4.01610   1.000 31.45740 ? 30  TYR A N   1 
ATOM   216 C CA  . TYR A 1 30  ? 9.76414   -1.36597  4.68689   1.000 31.26797 ? 30  TYR A CA  1 
ATOM   217 C C   . TYR A 1 30  ? 9.35969   -2.00681  6.00617   1.000 31.32463 ? 30  TYR A C   1 
ATOM   218 O O   . TYR A 1 30  ? 8.78199   -1.34117  6.87084   1.000 30.59363 ? 30  TYR A O   1 
ATOM   219 C CB  . TYR A 1 30  ? 10.75343  -0.22030  4.91025   1.000 31.16292 ? 30  TYR A CB  1 
ATOM   220 C CG  . TYR A 1 30  ? 12.01866  -0.64033  5.61942   1.000 31.10258 ? 30  TYR A CG  1 
ATOM   221 C CD1 . TYR A 1 30  ? 12.19148  -0.38554  6.97079   1.000 31.41063 ? 30  TYR A CD1 1 
ATOM   222 C CD2 . TYR A 1 30  ? 13.03557  -1.30008  4.94213   1.000 31.08644 ? 30  TYR A CD2 1 
ATOM   223 C CE1 . TYR A 1 30  ? 13.33696  -0.77043  7.62759   1.000 31.26666 ? 30  TYR A CE1 1 
ATOM   224 C CE2 . TYR A 1 30  ? 14.19057  -1.68994  5.59389   1.000 30.87645 ? 30  TYR A CE2 1 
ATOM   225 C CZ  . TYR A 1 30  ? 14.33158  -1.42036  6.93784   1.000 31.29670 ? 30  TYR A CZ  1 
ATOM   226 O OH  . TYR A 1 30  ? 15.46922  -1.79306  7.60803   1.000 31.84558 ? 30  TYR A OH  1 
ATOM   227 N N   . ALA A 1 31  ? 9.65325   -3.29677  6.15219   1.000 30.92946 ? 31  ALA A N   1 
ATOM   228 C CA  . ALA A 1 31  ? 9.34580   -4.02415  7.37858   1.000 30.62194 ? 31  ALA A CA  1 
ATOM   229 C C   . ALA A 1 31  ? 10.38923  -3.67263  8.42999   1.000 30.66568 ? 31  ALA A C   1 
ATOM   230 O O   . ALA A 1 31  ? 11.56781  -4.00687  8.27981   1.000 30.71357 ? 31  ALA A O   1 
ATOM   231 C CB  . ALA A 1 31  ? 9.31355   -5.52703  7.11876   1.000 31.00841 ? 31  ALA A CB  1 
ATOM   232 N N   . VAL A 1 32  ? 9.95837   -2.99184  9.49720   1.000 30.63064 ? 32  VAL A N   1 
ATOM   233 C CA  . VAL A 1 32  ? 10.86748  -2.59757  10.57217  1.000 30.56064 ? 32  VAL A CA  1 
ATOM   234 C C   . VAL A 1 32  ? 10.96924  -3.64251  11.67469  1.000 30.24261 ? 32  VAL A C   1 
ATOM   235 O O   . VAL A 1 32  ? 11.90286  -3.57748  12.48760  1.000 30.30357 ? 32  VAL A O   1 
ATOM   236 C CB  . VAL A 1 32  ? 10.43290  -1.26107  11.20502  1.000 30.48483 ? 32  VAL A CB  1 
ATOM   237 C CG1 . VAL A 1 32  ? 10.37358  -0.15939  10.14787  1.000 30.13326 ? 32  VAL A CG1 1 
ATOM   238 C CG2 . VAL A 1 32  ? 9.09051   -1.42051  11.88815  1.000 30.16334 ? 32  VAL A CG2 1 
ATOM   239 N N   . SER A 1 33  ? 10.04272  -4.59307  11.73134  1.000 30.52533 ? 33  SER A N   1 
ATOM   240 C CA  . SER A 1 33  ? 10.00240  -5.61353  12.77244  1.000 30.95950 ? 33  SER A CA  1 
ATOM   241 C C   . SER A 1 33  ? 9.27150   -6.82452  12.19903  1.000 31.27750 ? 33  SER A C   1 
ATOM   242 O O   . SER A 1 33  ? 8.82795   -6.79300  11.04255  1.000 31.61664 ? 33  SER A O   1 
ATOM   243 C CB  . SER A 1 33  ? 9.31367   -5.07695  14.04286  1.000 30.88640 ? 33  SER A CB  1 
ATOM   244 O OG  . SER A 1 33  ? 7.96666   -4.71704  13.79804  1.000 31.02193 ? 33  SER A OG  1 
ATOM   245 N N   . PRO A 1 34  ? 9.15476   -7.92369  12.96152  1.000 32.17421 ? 34  PRO A N   1 
ATOM   246 C CA  . PRO A 1 34  ? 8.42960   -9.09091  12.42324  1.000 31.99580 ? 34  PRO A CA  1 
ATOM   247 C C   . PRO A 1 34  ? 7.01467   -8.81145  11.94333  1.000 32.02806 ? 34  PRO A C   1 
ATOM   248 O O   . PRO A 1 34  ? 6.53894   -9.51424  11.04155  0.408 31.94195 ? 34  PRO A O   1 
ATOM   249 C CB  . PRO A 1 34  ? 8.43630   -10.06871 13.60337  1.000 32.92441 ? 34  PRO A CB  1 
ATOM   250 C CG  . PRO A 1 34  ? 9.73636   -9.81197  14.24547  1.000 34.06245 ? 34  PRO A CG  1 
ATOM   251 C CD  . PRO A 1 34  ? 9.94932   -8.30613  14.14702  1.000 33.06363 ? 34  PRO A CD  1 
ATOM   252 N N   . TYR A 1 35  ? 6.32336   -7.81539  12.49621  1.000 31.19531 ? 35  TYR A N   1 
ATOM   253 C CA  . TYR A 1 35  ? 4.93408   -7.57871  12.12567  1.000 31.45744 ? 35  TYR A CA  1 
ATOM   254 C C   . TYR A 1 35  ? 4.61682   -6.14377  11.72379  1.000 30.71828 ? 35  TYR A C   1 
ATOM   255 O O   . TYR A 1 35  ? 3.57409   -5.92568  11.09853  0.802 30.96136 ? 35  TYR A O   1 
ATOM   256 C CB  . TYR A 1 35  ? 3.99655   -8.00542  13.26930  1.000 32.40296 ? 35  TYR A CB  1 
ATOM   257 C CG  . TYR A 1 35  ? 4.11901   -9.47940  13.62206  1.000 32.92209 ? 35  TYR A CG  1 
ATOM   258 C CD1 . TYR A 1 35  ? 4.60487   -9.88705  14.86076  1.000 33.66988 ? 35  TYR A CD1 1 
ATOM   259 C CD2 . TYR A 1 35  ? 3.76912   -10.46165 12.70393  1.000 33.04170 ? 35  TYR A CD2 1 
ATOM   260 C CE1 . TYR A 1 35  ? 4.72651   -11.23476 15.17838  1.000 34.44992 ? 35  TYR A CE1 1 
ATOM   261 C CE2 . TYR A 1 35  ? 3.88417   -11.80666 13.01123  1.000 33.98331 ? 35  TYR A CE2 1 
ATOM   262 C CZ  . TYR A 1 35  ? 4.36420   -12.18840 14.24769  1.000 34.79344 ? 35  TYR A CZ  1 
ATOM   263 O OH  . TYR A 1 35  ? 4.47728   -13.52677 14.54934  1.000 34.41712 ? 35  TYR A OH  1 
ATOM   264 N N   . LEU A 1 36  ? 5.47167   -5.17099  12.02427  1.000 30.70810 ? 36  LEU A N   1 
ATOM   265 C CA  . LEU A 1 36  ? 5.20816   -3.78370  11.66930  1.000 31.02770 ? 36  LEU A CA  1 
ATOM   266 C C   . LEU A 1 36  ? 5.99101   -3.38730  10.42406  1.000 31.08376 ? 36  LEU A C   1 
ATOM   267 O O   . LEU A 1 36  ? 7.03619   -3.95986  10.11135  1.000 29.93601 ? 36  LEU A O   1 
ATOM   268 C CB  . LEU A 1 36  ? 5.56066   -2.83805  12.82286  1.000 31.06397 ? 36  LEU A CB  1 
ATOM   269 C CG  . LEU A 1 36  ? 4.81745   -3.09793  14.13617  1.000 30.60832 ? 36  LEU A CG  1 
ATOM   270 C CD1 . LEU A 1 36  ? 5.18827   -2.07064  15.19502  1.000 30.37835 ? 36  LEU A CD1 1 
ATOM   271 C CD2 . LEU A 1 36  ? 3.31602   -3.12719  13.90724  1.000 30.24816 ? 36  LEU A CD2 1 
ATOM   272 N N   . PHE A 1 37  ? 5.46751   -2.39805  9.70617   1.000 30.41588 ? 37  PHE A N   1 
ATOM   273 C CA  . PHE A 1 37  ? 6.15450   -1.88979  8.53179   1.000 30.64309 ? 37  PHE A CA  1 
ATOM   274 C C   . PHE A 1 37  ? 5.81798   -0.41837  8.35186   1.000 31.51450 ? 37  PHE A C   1 
ATOM   275 O O   . PHE A 1 37  ? 4.77394   0.05563   8.80594   1.000 30.69508 ? 37  PHE A O   1 
ATOM   276 C CB  . PHE A 1 37  ? 5.79313   -2.68068  7.26456   1.000 30.71789 ? 37  PHE A CB  1 
ATOM   277 C CG  . PHE A 1 37  ? 4.34272   -2.58297  6.86400   1.000 30.89430 ? 37  PHE A CG  1 
ATOM   278 C CD1 . PHE A 1 37  ? 3.93323   -1.66334  5.91163   1.000 31.20638 ? 37  PHE A CD1 1 
ATOM   279 C CD2 . PHE A 1 37  ? 3.39464   -3.42837  7.42146   1.000 30.74104 ? 37  PHE A CD2 1 
ATOM   280 C CE1 . PHE A 1 37  ? 2.60589   -1.57828  5.53719   1.000 31.26044 ? 37  PHE A CE1 1 
ATOM   281 C CE2 . PHE A 1 37  ? 2.06455   -3.34104  7.05442   1.000 30.61985 ? 37  PHE A CE2 1 
ATOM   282 C CZ  . PHE A 1 37  ? 1.67140   -2.42100  6.10649   1.000 30.81931 ? 37  PHE A CZ  1 
ATOM   283 N N   . LEU A 1 38  ? 6.73054   0.29696   7.70613   1.000 30.44112 ? 38  LEU A N   1 
ATOM   284 C CA  . LEU A 1 38  ? 6.50900   1.67257   7.29796   1.000 31.43866 ? 38  LEU A CA  1 
ATOM   285 C C   . LEU A 1 38  ? 6.13376   1.69664   5.82569   1.000 32.18768 ? 38  LEU A C   1 
ATOM   286 O O   . LEU A 1 38  ? 6.51869   0.81511   5.05282   1.000 31.93787 ? 38  LEU A O   1 
ATOM   287 C CB  . LEU A 1 38  ? 7.75049   2.53329   7.54625   1.000 30.46209 ? 38  LEU A CB  1 
ATOM   288 C CG  . LEU A 1 38  ? 8.17087   2.60649   9.01748   1.000 30.41295 ? 38  LEU A CG  1 
ATOM   289 C CD1 . LEU A 1 38  ? 9.47830   3.37007   9.18932   1.000 29.94135 ? 38  LEU A CD1 1 
ATOM   290 C CD2 . LEU A 1 38  ? 7.06688   3.23176   9.85845   1.000 30.07535 ? 38  LEU A CD2 1 
ATOM   291 N N   . ASP A 1 39  ? 5.35383   2.70526   5.45248   1.000 32.86342 ? 39  ASP A N   1 
ATOM   292 C CA  . ASP A 1 39  ? 4.89124   2.86557   4.08295   1.000 33.54280 ? 39  ASP A CA  1 
ATOM   293 C C   . ASP A 1 39  ? 5.04147   4.32883   3.70777   1.000 34.11537 ? 39  ASP A C   1 
ATOM   294 O O   . ASP A 1 39  ? 4.57843   5.21051   4.43625   1.000 34.87549 ? 39  ASP A O   1 
ATOM   295 C CB  . ASP A 1 39  ? 3.43529   2.41047   3.93247   1.000 33.64484 ? 39  ASP A CB  1 
ATOM   296 C CG  . ASP A 1 39  ? 3.02565   2.21504   2.48567   1.000 35.12987 ? 39  ASP A CG  1 
ATOM   297 O OD1 . ASP A 1 39  ? 3.49153   2.97989   1.61431   0.611 35.08389 ? 39  ASP A OD1 1 
ATOM   298 O OD2 . ASP A 1 39  ? 2.22723   1.29212   2.21528   0.519 35.38524 ? 39  ASP A OD2 1 
ATOM   299 N N   . VAL A 1 40  ? 5.72280   4.57872   2.59758   1.000 34.16210 ? 40  VAL A N   1 
ATOM   300 C CA  . VAL A 1 40  ? 5.79063   5.89114   1.97790   1.000 35.36284 ? 40  VAL A CA  1 
ATOM   301 C C   . VAL A 1 40  ? 5.46266   5.70829   0.50651   1.000 35.73396 ? 40  VAL A C   1 
ATOM   302 O O   . VAL A 1 40  ? 5.74010   4.66055   -0.08663  1.000 34.89167 ? 40  VAL A O   1 
ATOM   303 C CB  . VAL A 1 40  ? 7.17160   6.56262   2.15195   1.000 36.31480 ? 40  VAL A CB  1 
ATOM   304 C CG1 . VAL A 1 40  ? 7.46897   6.79785   3.62715   1.000 36.19419 ? 40  VAL A CG1 1 
ATOM   305 C CG2 . VAL A 1 40  ? 8.25863   5.70794   1.52066   1.000 35.84764 ? 40  VAL A CG2 1 
ATOM   306 N N   . GLY A 1 41  ? 4.85595   6.73173   -0.08070  1.000 36.05444 ? 41  GLY A N   1 
ATOM   307 C CA  . GLY A 1 41  ? 4.48725   6.64570   -1.47507  1.000 36.27061 ? 41  GLY A CA  1 
ATOM   308 C C   . GLY A 1 41  ? 4.05065   7.96970   -2.05989  1.000 37.52681 ? 41  GLY A C   1 
ATOM   309 O O   . GLY A 1 41  ? 3.50783   8.82363   -1.35391  1.000 39.00267 ? 41  GLY A O   1 
ATOM   310 N N   . TYR A 1 42  ? 4.30084   8.15296   -3.35097  1.000 37.35066 ? 42  TYR A N   1 
ATOM   311 C CA  . TYR A 1 42  ? 3.86846   9.33209   -4.08727  1.000 38.14068 ? 42  TYR A CA  1 
ATOM   312 C C   . TYR A 1 42  ? 2.75886   8.90664   -5.03468  1.000 37.79998 ? 42  TYR A C   1 
ATOM   313 O O   . TYR A 1 42  ? 2.90911   7.92467   -5.77302  1.000 36.60601 ? 42  TYR A O   1 
ATOM   314 C CB  . TYR A 1 42  ? 5.03191   9.96335   -4.85185  1.000 39.23162 ? 42  TYR A CB  1 
ATOM   315 C CG  . TYR A 1 42  ? 4.70425   11.27752  -5.53253  1.000 41.28358 ? 42  TYR A CG  1 
ATOM   316 C CD1 . TYR A 1 42  ? 4.90204   12.48993  -4.88418  1.000 42.09145 ? 42  TYR A CD1 1 
ATOM   317 C CD2 . TYR A 1 42  ? 4.20511   11.30343  -6.82604  1.000 41.71217 ? 42  TYR A CD2 1 
ATOM   318 C CE1 . TYR A 1 42  ? 4.60659   13.69261  -5.50765  1.000 44.20811 ? 42  TYR A CE1 1 
ATOM   319 C CE2 . TYR A 1 42  ? 3.90642   12.49780  -7.45585  1.000 43.02125 ? 42  TYR A CE2 1 
ATOM   320 C CZ  . TYR A 1 42  ? 4.11229   13.68989  -6.79366  1.000 44.18930 ? 42  TYR A CZ  1 
ATOM   321 O OH  . TYR A 1 42  ? 3.81815   14.88347  -7.41711  1.000 49.95402 ? 42  TYR A OH  1 
ATOM   322 N N   . GLY A 1 43  ? 1.64706   9.63232   -4.99994  1.000 38.51455 ? 43  GLY A N   1 
ATOM   323 C CA  . GLY A 1 43  ? 0.49323   9.25550   -5.78072  1.000 38.08421 ? 43  GLY A CA  1 
ATOM   324 C C   . GLY A 1 43  ? -0.06279  10.40213  -6.59292  1.000 38.21274 ? 43  GLY A C   1 
ATOM   325 O O   . GLY A 1 43  ? 0.12212   11.57533  -6.25324  1.000 39.01227 ? 43  GLY A O   1 
ATOM   326 N N   . TRP A 1 44  ? -0.74433  10.06215  -7.67941  1.000 37.05116 ? 44  TRP A N   1 
ATOM   327 C CA  . TRP A 1 44  ? -1.39368  11.03174  -8.54535  1.000 37.10200 ? 44  TRP A CA  1 
ATOM   328 C C   . TRP A 1 44  ? -2.83991  10.61078  -8.74619  1.000 37.10298 ? 44  TRP A C   1 
ATOM   329 O O   . TRP A 1 44  ? -3.11283  9.44285   -9.03884  1.000 36.48147 ? 44  TRP A O   1 
ATOM   330 C CB  . TRP A 1 44  ? -0.66747  11.14046  -9.88938  1.000 37.28470 ? 44  TRP A CB  1 
ATOM   331 C CG  . TRP A 1 44  ? -1.39580  11.96786  -10.89536 1.000 36.98021 ? 44  TRP A CG  1 
ATOM   332 C CD1 . TRP A 1 44  ? -1.38115  13.32648  -11.00601 0.605 37.07593 ? 44  TRP A CD1 1 
ATOM   333 C CD2 . TRP A 1 44  ? -2.24976  11.48855  -11.93981 0.885 36.33368 ? 44  TRP A CD2 1 
ATOM   334 N NE1 . TRP A 1 44  ? -2.17546  13.72440  -12.05452 1.000 36.54980 ? 44  TRP A NE1 1 
ATOM   335 C CE2 . TRP A 1 44  ? -2.71931  12.61353  -12.64420 1.000 36.73314 ? 44  TRP A CE2 1 
ATOM   336 C CE3 . TRP A 1 44  ? -2.66076  10.21753  -12.34896 1.000 35.83925 ? 44  TRP A CE3 1 
ATOM   337 C CZ2 . TRP A 1 44  ? -3.58189  12.50477  -13.73186 1.000 36.34866 ? 44  TRP A CZ2 1 
ATOM   338 C CZ3 . TRP A 1 44  ? -3.51799  10.11119  -13.42454 1.000 35.81886 ? 44  TRP A CZ3 1 
ATOM   339 C CH2 . TRP A 1 44  ? -3.96837  11.24789  -14.10617 1.000 35.96748 ? 44  TRP A CH2 1 
ATOM   340 N N   . ASN A 1 45  ? -3.75908  11.55826  -8.57605  1.000 37.25644 ? 45  ASN A N   1 
ATOM   341 C CA  . ASN A 1 45  ? -5.18257  11.33062  -8.77120  1.000 36.64282 ? 45  ASN A CA  1 
ATOM   342 C C   . ASN A 1 45  ? -5.61990  12.03750  -10.04635 1.000 36.21605 ? 45  ASN A C   1 
ATOM   343 O O   . ASN A 1 45  ? -5.22736  13.18092  -10.29547 1.000 36.24475 ? 45  ASN A O   1 
ATOM   344 C CB  . ASN A 1 45  ? -5.97956  11.83901  -7.56382  1.000 37.38114 ? 45  ASN A CB  1 
ATOM   345 C CG  . ASN A 1 45  ? -7.47428  11.57824  -7.68512  1.000 36.65832 ? 45  ASN A CG  1 
ATOM   346 O OD1 . ASN A 1 45  ? -8.22124  12.40168  -8.21492  1.000 35.94932 ? 45  ASN A OD1 1 
ATOM   347 N ND2 . ASN A 1 45  ? -7.91934  10.43972  -7.16860  1.000 36.92350 ? 45  ASN A ND2 1 
ATOM   348 N N   . ASN A 1 46  ? -6.42281  11.34833  -10.86080 1.000 35.42591 ? 46  ASN A N   1 
ATOM   349 C CA  . ASN A 1 46  ? -6.80670  11.90242  -12.15752 1.000 35.21247 ? 46  ASN A CA  1 
ATOM   350 C C   . ASN A 1 46  ? -7.70255  13.12244  -12.04569 1.000 35.17605 ? 46  ASN A C   1 
ATOM   351 O O   . ASN A 1 46  ? -8.22761  13.56278  -13.07178 1.000 35.04705 ? 46  ASN A O   1 
ATOM   352 C CB  . ASN A 1 46  ? -7.49034  10.83709  -13.01600 1.000 34.70033 ? 46  ASN A CB  1 
ATOM   353 C CG  . ASN A 1 46  ? -8.79365  10.35956  -12.42364 1.000 35.43355 ? 46  ASN A CG  1 
ATOM   354 O OD1 . ASN A 1 46  ? -9.05061  10.53774  -11.23473 1.000 35.74928 ? 46  ASN A OD1 1 
ATOM   355 N ND2 . ASN A 1 46  ? -9.62143  9.73236   -13.24746 1.000 35.26918 ? 46  ASN A ND2 1 
ATOM   356 N N   . SER A 1 47  ? -7.92181  13.68045  -10.85647 1.000 35.36493 ? 47  SER A N   1 
ATOM   357 C CA  . SER A 1 47  ? -8.55726  14.98120  -10.71694 1.000 35.25999 ? 47  SER A CA  1 
ATOM   358 C C   . SER A 1 47  ? -7.53177  16.09472  -10.53600 1.000 36.14192 ? 47  SER A C   1 
ATOM   359 O O   . SER A 1 47  ? -7.88149  17.17735  -10.05145 1.000 35.92501 ? 47  SER A O   1 
ATOM   360 C CB  . SER A 1 47  ? -9.54944  14.97104  -9.55317  1.000 34.54214 ? 47  SER A CB  1 
ATOM   361 O OG  . SER A 1 47  ? -8.88855  14.80813  -8.31133  1.000 35.42176 ? 47  SER A OG  1 
ATOM   362 N N   . SER A 1 48  ? -6.27708  15.84613  -10.92963 1.000 36.24423 ? 48  SER A N   1 
ATOM   363 C CA  . SER A 1 48  ? -5.16814  16.79606  -10.80772 1.000 36.64665 ? 48  SER A CA  1 
ATOM   364 C C   . SER A 1 48  ? -4.91672  17.14467  -9.33745  1.000 37.58964 ? 48  SER A C   1 
ATOM   365 O O   . SER A 1 48  ? -5.20084  18.24212  -8.84953  1.000 37.89057 ? 48  SER A O   1 
ATOM   366 C CB  . SER A 1 48  ? -5.41051  18.05179  -11.65489 1.000 36.21142 ? 48  SER A CB  1 
ATOM   367 O OG  . SER A 1 48  ? -4.76310  17.92727  -12.90795 1.000 35.70892 ? 48  SER A OG  1 
ATOM   368 N N   . LEU A 1 49  ? -4.35143  16.15224  -8.64824  1.000 38.70403 ? 49  LEU A N   1 
ATOM   369 C CA  . LEU A 1 49  ? -4.13028  16.23472  -7.20873  1.000 40.05950 ? 49  LEU A CA  1 
ATOM   370 C C   . LEU A 1 49  ? -3.03737  15.21805  -6.87698  1.000 40.82904 ? 49  LEU A C   1 
ATOM   371 O O   . LEU A 1 49  ? -3.30235  14.01361  -6.85522  1.000 39.79911 ? 49  LEU A O   1 
ATOM   372 C CB  . LEU A 1 49  ? -5.41549  15.95074  -6.44670  1.000 40.04413 ? 49  LEU A CB  1 
ATOM   373 C CG  . LEU A 1 49  ? -5.36219  15.94299  -4.91791  1.000 43.06938 ? 49  LEU A CG  1 
ATOM   374 C CD1 . LEU A 1 49  ? -5.18828  17.35393  -4.39197  1.000 45.11943 ? 49  LEU A CD1 1 
ATOM   375 C CD2 . LEU A 1 49  ? -6.61584  15.30913  -4.33320  1.000 42.90678 ? 49  LEU A CD2 1 
ATOM   376 N N   . ASN A 1 50  ? -1.82013  15.70912  -6.66652  1.000 41.48827 ? 50  ASN A N   1 
ATOM   377 C CA  . ASN A 1 50  ? -0.71739  14.89159  -6.18531  1.000 41.27627 ? 50  ASN A CA  1 
ATOM   378 C C   . ASN A 1 50  ? -0.73145  14.86180  -4.66347  0.867 41.80048 ? 50  ASN A C   1 
ATOM   379 O O   . ASN A 1 50  ? -1.20093  15.79832  -4.01243  1.000 43.35072 ? 50  ASN A O   1 
ATOM   380 C CB  . ASN A 1 50  ? 0.62680   15.43795  -6.67312  1.000 42.30477 ? 50  ASN A CB  1 
ATOM   381 C CG  . ASN A 1 50  ? 0.80853   15.30904  -8.17295  1.000 41.20590 ? 50  ASN A CG  1 
ATOM   382 O OD1 . ASN A 1 50  ? 0.40962   14.31409  -8.77711  1.000 41.20553 ? 50  ASN A OD1 1 
ATOM   383 N ND2 . ASN A 1 50  ? 1.43101   16.31341  -8.78051  1.000 42.24230 ? 50  ASN A ND2 1 
ATOM   384 N N   . PHE A 1 51  ? -0.20395  13.78034  -4.09397  1.000 40.95378 ? 51  PHE A N   1 
ATOM   385 C CA  . PHE A 1 51  ? -0.15906  13.67466  -2.64395  1.000 42.10956 ? 51  PHE A CA  1 
ATOM   386 C C   . PHE A 1 51  ? 1.02349   12.82194  -2.21573  1.000 41.67941 ? 51  PHE A C   1 
ATOM   387 O O   . PHE A 1 51  ? 1.38394   11.84866  -2.88096  1.000 41.01866 ? 51  PHE A O   1 
ATOM   388 C CB  . PHE A 1 51  ? -1.45392  13.08429  -2.07524  1.000 42.42878 ? 51  PHE A CB  1 
ATOM   389 C CG  . PHE A 1 51  ? -1.71402  11.67273  -2.50410  1.000 41.66284 ? 51  PHE A CG  1 
ATOM   390 C CD1 . PHE A 1 51  ? -1.25021  10.60550  -1.75154  1.000 42.08344 ? 51  PHE A CD1 1 
ATOM   391 C CD2 . PHE A 1 51  ? -2.42726  11.41115  -3.65891  1.000 41.19730 ? 51  PHE A CD2 1 
ATOM   392 C CE1 . PHE A 1 51  ? -1.48921  9.30521   -2.14673  1.000 42.28569 ? 51  PHE A CE1 1 
ATOM   393 C CE2 . PHE A 1 51  ? -2.67338  10.11240  -4.05749  1.000 40.77729 ? 51  PHE A CE2 1 
ATOM   394 C CZ  . PHE A 1 51  ? -2.20329  9.05776   -3.30110  1.000 40.75180 ? 51  PHE A CZ  1 
ATOM   395 N N   . LEU A 1 52  ? 1.61192   13.20197  -1.08718  0.699 42.37711 ? 52  LEU A N   1 
ATOM   396 C CA  . LEU A 1 52  ? 2.65185   12.42883  -0.42500  1.000 41.86761 ? 52  LEU A CA  1 
ATOM   397 C C   . LEU A 1 52  ? 1.99783   11.63359  0.69871   1.000 42.00470 ? 52  LEU A C   1 
ATOM   398 O O   . LEU A 1 52  ? 1.33627   12.21116  1.56918   0.525 42.79874 ? 52  LEU A O   1 
ATOM   399 C CB  . LEU A 1 52  ? 3.74462   13.35133  0.11659   1.000 42.74474 ? 52  LEU A CB  1 
ATOM   400 C CG  . LEU A 1 52  ? 5.14987   12.80195  0.36030   1.000 43.48593 ? 52  LEU A CG  1 
ATOM   401 C CD1 . LEU A 1 52  ? 6.14241   13.95334  0.44590   1.000 44.40006 ? 52  LEU A CD1 1 
ATOM   402 C CD2 . LEU A 1 52  ? 5.20369   11.96803  1.62577   1.000 42.29923 ? 52  LEU A CD2 1 
ATOM   403 N N   . GLU A 1 53  ? 2.17520   10.31733  0.67643   1.000 41.35051 ? 53  GLU A N   1 
ATOM   404 C CA  . GLU A 1 53  ? 1.54593   9.42399   1.63941   1.000 41.55745 ? 53  GLU A CA  1 
ATOM   405 C C   . GLU A 1 53  ? 2.59937   8.83312   2.56443   1.000 39.98465 ? 53  GLU A C   1 
ATOM   406 O O   . GLU A 1 53  ? 3.63769   8.34921   2.10116   1.000 39.08054 ? 53  GLU A O   1 
ATOM   407 C CB  . GLU A 1 53  ? 0.78179   8.30877   0.92820   1.000 43.61022 ? 53  GLU A CB  1 
ATOM   408 C CG  . GLU A 1 53  ? 0.25559   7.23599   1.85437   1.000 46.52879 ? 53  GLU A CG  1 
ATOM   409 C CD  . GLU A 1 53  ? -0.53721  6.18183   1.11075   1.000 58.32095 ? 53  GLU A CD  1 
ATOM   410 O OE1 . GLU A 1 53  ? -1.31762  6.55659   0.20491   1.000 55.18217 ? 53  GLU A OE1 1 
ATOM   411 O OE2 . GLU A 1 53  ? -0.36831  4.98119   1.42152   1.000 57.05722 ? 53  GLU A OE2 1 
ATOM   412 N N   . VAL A 1 54  ? 2.33109   8.88674   3.86850   1.000 39.47919 ? 54  VAL A N   1 
ATOM   413 C CA  . VAL A 1 54  ? 3.21194   8.33398   4.89241   1.000 37.30572 ? 54  VAL A CA  1 
ATOM   414 C C   . VAL A 1 54  ? 2.34927   7.61397   5.91816   1.000 36.91812 ? 54  VAL A C   1 
ATOM   415 O O   . VAL A 1 54  ? 1.32650   8.14608   6.36058   1.000 37.56086 ? 54  VAL A O   1 
ATOM   416 C CB  . VAL A 1 54  ? 4.06972   9.42074   5.57248   1.000 37.40917 ? 54  VAL A CB  1 
ATOM   417 C CG1 . VAL A 1 54  ? 4.74678   8.86900   6.81682   1.000 36.60057 ? 54  VAL A CG1 1 
ATOM   418 C CG2 . VAL A 1 54  ? 5.11185   9.95771   4.60639   1.000 38.05506 ? 54  VAL A CG2 1 
ATOM   419 N N   . GLY A 1 55  ? 2.75317   6.40506   6.28329   1.000 35.68116 ? 55  GLY A N   1 
ATOM   420 C CA  . GLY A 1 55  ? 2.02241   5.64832   7.27575   1.000 34.33172 ? 55  GLY A CA  1 
ATOM   421 C C   . GLY A 1 55  ? 2.65618   4.28967   7.46166   1.000 33.36951 ? 55  GLY A C   1 
ATOM   422 O O   . GLY A 1 55  ? 3.80635   4.06939   7.08427   1.000 32.87944 ? 55  GLY A O   1 
ATOM   423 N N   . GLY A 1 56  ? 1.88607   3.37850   8.03465   1.000 33.47974 ? 56  GLY A N   1 
ATOM   424 C CA  . GLY A 1 56  ? 2.35073   2.01859   8.21071   1.000 32.74339 ? 56  GLY A CA  1 
ATOM   425 C C   . GLY A 1 56  ? 1.24107   1.16262   8.77334   1.000 32.26740 ? 56  GLY A C   1 
ATOM   426 O O   . GLY A 1 56  ? 0.09399   1.59853   8.89108   1.000 32.79712 ? 56  GLY A O   1 
ATOM   427 N N   . GLY A 1 57  ? 1.59108   -0.06554  9.12514   1.000 31.92175 ? 57  GLY A N   1 
ATOM   428 C CA  . GLY A 1 57  ? 0.60323   -0.95074  9.70440   1.000 31.95969 ? 57  GLY A CA  1 
ATOM   429 C C   . GLY A 1 57  ? 1.20565   -2.25672  10.15910  1.000 31.40865 ? 57  GLY A C   1 
ATOM   430 O O   . GLY A 1 57  ? 2.40729   -2.35322  10.41604  1.000 31.14889 ? 57  GLY A O   1 
ATOM   431 N N   . VAL A 1 58  ? 0.34037   -3.26082  10.26478  1.000 31.00660 ? 58  VAL A N   1 
ATOM   432 C CA  . VAL A 1 58  ? 0.72080   -4.59363  10.70815  1.000 30.90495 ? 58  VAL A CA  1 
ATOM   433 C C   . VAL A 1 58  ? 0.60067   -5.54775  9.52988   1.000 31.08865 ? 58  VAL A C   1 
ATOM   434 O O   . VAL A 1 58  ? -0.27231  -5.39453  8.66874   1.000 30.51128 ? 58  VAL A O   1 
ATOM   435 C CB  . VAL A 1 58  ? -0.14979  -5.06063  11.89369  1.000 30.92071 ? 58  VAL A CB  1 
ATOM   436 C CG1 . VAL A 1 58  ? 0.46796   -6.27876  12.56550  1.000 31.78416 ? 58  VAL A CG1 1 
ATOM   437 C CG2 . VAL A 1 58  ? -0.32995  -3.93106  12.88481  1.000 30.84174 ? 58  VAL A CG2 1 
ATOM   438 N N   . SER A 1 59  ? 1.49584   -6.53328  9.48502   1.000 30.69578 ? 59  SER A N   1 
ATOM   439 C CA  . SER A 1 59  ? 1.47226   -7.51793  8.41435   1.000 30.80668 ? 59  SER A CA  1 
ATOM   440 C C   . SER A 1 59  ? 2.15241   -8.79455  8.88838   1.000 31.62949 ? 59  SER A C   1 
ATOM   441 O O   . SER A 1 59  ? 3.09559   -8.74468  9.67861   1.000 31.46666 ? 59  SER A O   1 
ATOM   442 C CB  . SER A 1 59  ? 2.16424   -6.98597  7.15620   1.000 30.77864 ? 59  SER A CB  1 
ATOM   443 O OG  . SER A 1 59  ? 2.04928   -7.90716  6.08502   1.000 31.11762 ? 59  SER A OG  1 
ATOM   444 N N   . TYR A 1 60  ? 1.65577   -9.92945  8.40390   1.000 31.45412 ? 60  TYR A N   1 
ATOM   445 C CA  . TYR A 1 60  ? 2.26080   -11.22865 8.65550   1.000 31.64804 ? 60  TYR A CA  1 
ATOM   446 C C   . TYR A 1 60  ? 1.99395   -12.10773 7.44596   1.000 31.45808 ? 60  TYR A C   1 
ATOM   447 O O   . TYR A 1 60  ? 1.23101   -11.74552 6.54710   1.000 31.19356 ? 60  TYR A O   1 
ATOM   448 C CB  . TYR A 1 60  ? 1.71827   -11.88070 9.93393   1.000 31.87751 ? 60  TYR A CB  1 
ATOM   449 C CG  . TYR A 1 60  ? 0.32783   -12.47896 9.81152   1.000 32.32154 ? 60  TYR A CG  1 
ATOM   450 C CD1 . TYR A 1 60  ? 0.13218   -13.85830 9.88756   1.000 32.08401 ? 60  TYR A CD1 1 
ATOM   451 C CD2 . TYR A 1 60  ? -0.78622  -11.66983 9.62618   1.000 32.10677 ? 60  TYR A CD2 1 
ATOM   452 C CE1 . TYR A 1 60  ? -1.13641  -14.41353 9.78460   1.000 31.58388 ? 60  TYR A CE1 1 
ATOM   453 C CE2 . TYR A 1 60  ? -2.05723  -12.21491 9.52125   1.000 32.11765 ? 60  TYR A CE2 1 
ATOM   454 C CZ  . TYR A 1 60  ? -2.22853  -13.58323 9.60493   1.000 32.11924 ? 60  TYR A CZ  1 
ATOM   455 O OH  . TYR A 1 60  ? -3.49523  -14.11791 9.50063   1.000 32.19879 ? 60  TYR A OH  1 
ATOM   456 N N   . LYS A 1 61  ? 2.62936   -13.27338 7.43170   1.000 31.69783 ? 61  LYS A N   1 
ATOM   457 C CA  . LYS A 1 61  ? 2.52545   -14.21092 6.32110   1.000 31.97973 ? 61  LYS A CA  1 
ATOM   458 C C   . LYS A 1 61  ? 1.69545   -15.41040 6.76108   1.000 32.69125 ? 61  LYS A C   1 
ATOM   459 O O   . LYS A 1 61  ? 2.06505   -16.11683 7.70509   0.857 32.58907 ? 61  LYS A O   1 
ATOM   460 C CB  . LYS A 1 61  ? 3.91058   -14.63649 5.84670   1.000 32.33229 ? 61  LYS A CB  1 
ATOM   461 C CG  . LYS A 1 61  ? 4.74770   -13.49307 5.31256   1.000 32.38860 ? 61  LYS A CG  1 
ATOM   462 C CD  . LYS A 1 61  ? 6.12957   -13.96184 4.87908   1.000 33.86179 ? 61  LYS A CD  1 
ATOM   463 C CE  . LYS A 1 61  ? 6.97059   -12.78341 4.41089   1.000 33.60448 ? 61  LYS A CE  1 
ATOM   464 N NZ  . LYS A 1 61  ? 8.37418   -13.15839 4.10969   1.000 34.29267 ? 61  LYS A NZ  1 
ATOM   465 N N   . VAL A 1 62  ? 0.56265   -15.62207 6.08672   1.000 32.33819 ? 62  VAL A N   1 
ATOM   466 C CA  . VAL A 1 62  ? -0.24094  -16.81582 6.33243   1.000 32.94646 ? 62  VAL A CA  1 
ATOM   467 C C   . VAL A 1 62  ? 0.42981   -18.03326 5.71905   1.000 33.51665 ? 62  VAL A C   1 
ATOM   468 O O   . VAL A 1 62  ? 0.32887   -19.14871 6.24473   1.000 34.02828 ? 62  VAL A O   1 
ATOM   469 C CB  . VAL A 1 62  ? -1.66344  -16.61906 5.77290   1.000 32.28447 ? 62  VAL A CB  1 
ATOM   470 C CG1 . VAL A 1 62  ? -2.44568  -17.92073 5.81114   1.000 33.45714 ? 62  VAL A CG1 1 
ATOM   471 C CG2 . VAL A 1 62  ? -2.39538  -15.54234 6.54760   1.000 31.68393 ? 62  VAL A CG2 1 
ATOM   472 N N   . SER A 1 63  ? 1.13792   -17.82756 4.61804   1.000 33.98118 ? 63  SER A N   1 
ATOM   473 C CA  A SER A 1 63  ? 1.75938   -18.90143 3.85420   0.491 35.87334 ? 63  SER A CA  1 
ATOM   474 C CA  B SER A 1 63  ? 1.77965   -18.90278 3.87476   0.509 33.77192 ? 63  SER A CA  1 
ATOM   475 C C   . SER A 1 63  ? 2.84989   -18.27538 2.99598   1.000 35.44445 ? 63  SER A C   1 
ATOM   476 O O   . SER A 1 63  ? 2.91747   -17.04593 2.86698   1.000 34.93891 ? 63  SER A O   1 
ATOM   477 C CB  A SER A 1 63  ? 0.71888   -19.63329 2.98573   0.491 33.72081 ? 63  SER A CB  1 
ATOM   478 C CB  B SER A 1 63  ? 0.75651   -19.68019 3.02983   0.509 36.74978 ? 63  SER A CB  1 
ATOM   479 O OG  A SER A 1 63  ? 1.04779   -20.99869 2.80428   0.491 35.76795 ? 63  SER A OG  1 
ATOM   480 O OG  B SER A 1 63  ? 0.09272   -18.81244 2.12897   0.509 34.72863 ? 63  SER A OG  1 
ATOM   481 N N   . PRO A 1 64  ? 3.72507   -19.09071 2.39168   1.000 36.35063 ? 64  PRO A N   1 
ATOM   482 C CA  . PRO A 1 64  ? 4.67905   -18.51966 1.42510   1.000 36.63023 ? 64  PRO A CA  1 
ATOM   483 C C   . PRO A 1 64  ? 4.01352   -17.83617 0.23710   1.000 37.29209 ? 64  PRO A C   1 
ATOM   484 O O   . PRO A 1 64  ? 4.71292   -17.16781 -0.53328  0.932 37.93248 ? 64  PRO A O   1 
ATOM   485 C CB  . PRO A 1 64  ? 5.49692   -19.73545 0.97647   1.000 37.76991 ? 64  PRO A CB  1 
ATOM   486 C CG  . PRO A 1 64  ? 5.46287   -20.64488 2.13946   1.000 36.40561 ? 64  PRO A CG  1 
ATOM   487 C CD  . PRO A 1 64  ? 4.09518   -20.47269 2.75449   1.000 36.85293 ? 64  PRO A CD  1 
ATOM   488 N N   . ASP A 1 65  ? 2.69446   -17.97428 0.06528   1.000 36.85265 ? 65  ASP A N   1 
ATOM   489 C CA  . ASP A 1 65  ? 1.98655   -17.35772 -1.05035  1.000 36.58448 ? 65  ASP A CA  1 
ATOM   490 C C   . ASP A 1 65  ? 1.15821   -16.14305 -0.66725  1.000 35.18898 ? 65  ASP A C   1 
ATOM   491 O O   . ASP A 1 65  ? 0.85172   -15.32852 -1.54392  1.000 34.45635 ? 65  ASP A O   1 
ATOM   492 C CB  . ASP A 1 65  ? 1.04060   -18.36341 -1.72368  1.000 37.97023 ? 65  ASP A CB  1 
ATOM   493 C CG  . ASP A 1 65  ? 1.67089   -19.72284 -1.91813  1.000 39.40387 ? 65  ASP A CG  1 
ATOM   494 O OD1 . ASP A 1 65  ? 1.62708   -20.53375 -0.97062  1.000 44.47588 ? 65  ASP A OD1 1 
ATOM   495 O OD2 . ASP A 1 65  ? 2.19721   -19.98183 -3.01989  1.000 41.25822 ? 65  ASP A OD2 1 
ATOM   496 N N   . LEU A 1 66  ? 0.76015   -16.01373 0.59600   1.000 34.71753 ? 66  LEU A N   1 
ATOM   497 C CA  . LEU A 1 66  ? -0.17174  -14.97440 1.01392   1.000 33.02082 ? 66  LEU A CA  1 
ATOM   498 C C   . LEU A 1 66  ? 0.41095   -14.19772 2.18452   1.000 32.67651 ? 66  LEU A C   1 
ATOM   499 O O   . LEU A 1 66  ? 0.89618   -14.79306 3.15198   1.000 32.14579 ? 66  LEU A O   1 
ATOM   500 C CB  . LEU A 1 66  ? -1.52669  -15.57879 1.39357   1.000 31.88930 ? 66  LEU A CB  1 
ATOM   501 C CG  . LEU A 1 66  ? -2.57131  -14.65743 2.02228   1.000 31.10856 ? 66  LEU A CG  1 
ATOM   502 C CD1 . LEU A 1 66  ? -2.93379  -13.51693 1.08688   1.000 31.28866 ? 66  LEU A CD1 1 
ATOM   503 C CD2 . LEU A 1 66  ? -3.80591  -15.45224 2.39036   1.000 31.77332 ? 66  LEU A CD2 1 
ATOM   504 N N   . GLU A 1 67  ? 0.35855   -12.86916 2.08632   1.000 31.29971 ? 67  GLU A N   1 
ATOM   505 C CA  . GLU A 1 67  ? 0.85914   -11.97292 3.12653   1.000 30.67291 ? 67  GLU A CA  1 
ATOM   506 C C   . GLU A 1 67  ? -0.15851  -10.86364 3.34880   1.000 31.44143 ? 67  GLU A C   1 
ATOM   507 O O   . GLU A 1 67  ? -0.11306  -9.81474  2.69371   1.000 29.82984 ? 67  GLU A O   1 
ATOM   508 C CB  . GLU A 1 67  ? 2.22621   -11.39435 2.75743   1.000 30.72583 ? 67  GLU A CB  1 
ATOM   509 C CG  . GLU A 1 67  ? 2.75448   -10.41315 3.79470   1.000 30.82313 ? 67  GLU A CG  1 
ATOM   510 C CD  . GLU A 1 67  ? 4.16312   -9.93548  3.51140   1.000 31.19255 ? 67  GLU A CD  1 
ATOM   511 O OE1 . GLU A 1 67  ? 4.71872   -10.26931 2.44437   1.000 31.57092 ? 67  GLU A OE1 1 
ATOM   512 O OE2 . GLU A 1 67  ? 4.72228   -9.22008  4.36719   1.000 32.31342 ? 67  GLU A OE2 1 
ATOM   513 N N   . PRO A 1 68  ? -1.09907  -11.06420 4.26742   1.000 30.75516 ? 68  PRO A N   1 
ATOM   514 C CA  . PRO A 1 68  ? -2.09398  -10.02470 4.54480   1.000 30.06220 ? 68  PRO A CA  1 
ATOM   515 C C   . PRO A 1 68  ? -1.46999  -8.84813  5.27781   1.000 31.03470 ? 68  PRO A C   1 
ATOM   516 O O   . PRO A 1 68  ? -0.43626  -8.96677  5.93585   1.000 30.23096 ? 68  PRO A O   1 
ATOM   517 C CB  . PRO A 1 68  ? -3.12359  -10.73956 5.42912   1.000 30.34849 ? 68  PRO A CB  1 
ATOM   518 C CG  . PRO A 1 68  ? -2.81330  -12.21350 5.30558   1.000 30.48940 ? 68  PRO A CG  1 
ATOM   519 C CD  . PRO A 1 68  ? -1.35294  -12.29450 5.03200   1.000 30.69441 ? 68  PRO A CD  1 
ATOM   520 N N   . TYR A 1 69  ? -2.12680  -7.69399  5.16557   1.000 29.69962 ? 69  TYR A N   1 
ATOM   521 C CA  . TYR A 1 69  ? -1.67373  -6.51056  5.87950   1.000 30.37290 ? 69  TYR A CA  1 
ATOM   522 C C   . TYR A 1 69  ? -2.84665  -5.56485  6.08406   1.000 30.73046 ? 69  TYR A C   1 
ATOM   523 O O   . TYR A 1 69  ? -3.79657  -5.54518  5.29624   1.000 30.33846 ? 69  TYR A O   1 
ATOM   524 C CB  . TYR A 1 69  ? -0.53321  -5.79294  5.13850   1.000 30.34456 ? 69  TYR A CB  1 
ATOM   525 C CG  . TYR A 1 69  ? -0.92967  -5.17201  3.81885   1.000 30.30554 ? 69  TYR A CG  1 
ATOM   526 C CD1 . TYR A 1 69  ? -1.32245  -3.84208  3.74836   1.000 31.18978 ? 69  TYR A CD1 1 
ATOM   527 C CD2 . TYR A 1 69  ? -0.91047  -5.91333  2.64391   1.000 30.59684 ? 69  TYR A CD2 1 
ATOM   528 C CE1 . TYR A 1 69  ? -1.69004  -3.26674  2.55080   1.000 31.95534 ? 69  TYR A CE1 1 
ATOM   529 C CE2 . TYR A 1 69  ? -1.27707  -5.34293  1.43480   1.000 31.21984 ? 69  TYR A CE2 1 
ATOM   530 C CZ  . TYR A 1 69  ? -1.66771  -4.01882  1.39860   1.000 31.90248 ? 69  TYR A CZ  1 
ATOM   531 O OH  . TYR A 1 69  ? -2.03279  -3.44596  0.20338   1.000 32.73537 ? 69  TYR A OH  1 
ATOM   532 N N   . VAL A 1 70  ? -2.77546  -4.80554  7.17036   1.000 30.56530 ? 70  VAL A N   1 
ATOM   533 C CA  . VAL A 1 70  ? -3.64173  -3.65898  7.40191   1.000 31.26928 ? 70  VAL A CA  1 
ATOM   534 C C   . VAL A 1 70  ? -2.72770  -2.46971  7.64810   1.000 31.61121 ? 70  VAL A C   1 
ATOM   535 O O   . VAL A 1 70  ? -1.65189  -2.61753  8.23684   1.000 31.29658 ? 70  VAL A O   1 
ATOM   536 C CB  . VAL A 1 70  ? -4.61796  -3.88842  8.57956   1.000 31.15402 ? 70  VAL A CB  1 
ATOM   537 C CG1 . VAL A 1 70  ? -3.86236  -4.14651  9.87199   1.000 31.15055 ? 70  VAL A CG1 1 
ATOM   538 C CG2 . VAL A 1 70  ? -5.59121  -2.71391  8.73480   1.000 31.17367 ? 70  VAL A CG2 1 
ATOM   539 N N   . LYS A 1 71  ? -3.11973  -1.30420  7.14799   1.000 32.19639 ? 71  LYS A N   1 
ATOM   540 C CA  . LYS A 1 71  ? -2.25000  -0.14614  7.25496   1.000 32.96595 ? 71  LYS A CA  1 
ATOM   541 C C   . LYS A 1 71  ? -3.09956  1.10533   7.37037   1.000 34.25404 ? 71  LYS A C   1 
ATOM   542 O O   . LYS A 1 71  ? -4.26410  1.13128   6.96594   1.000 34.76337 ? 71  LYS A O   1 
ATOM   543 C CB  . LYS A 1 71  ? -1.29935  -0.03839  6.05733   1.000 32.97161 ? 71  LYS A CB  1 
ATOM   544 C CG  . LYS A 1 71  ? -1.95635  0.42639   4.77349   1.000 34.00672 ? 71  LYS A CG  1 
ATOM   545 C CD  . LYS A 1 71  ? -0.94095  0.51311   3.64622   1.000 35.97839 ? 71  LYS A CD  1 
ATOM   546 C CE  . LYS A 1 71  ? -1.56130  1.12345   2.39805   1.000 37.97463 ? 71  LYS A CE  1 
ATOM   547 N NZ  . LYS A 1 71  ? -0.62267  1.13153   1.24329   1.000 39.85882 ? 71  LYS A NZ  1 
ATOM   548 N N   . ALA A 1 72  ? -2.49751  2.14208   7.94475   1.000 34.75887 ? 72  ALA A N   1 
ATOM   549 C CA  . ALA A 1 72  ? -3.12523  3.44815   8.03598   1.000 35.94823 ? 72  ALA A CA  1 
ATOM   550 C C   . ALA A 1 72  ? -2.03765  4.50462   7.94573   1.000 35.13822 ? 72  ALA A C   1 
ATOM   551 O O   . ALA A 1 72  ? -0.88397  4.26138   8.31022   1.000 34.45279 ? 72  ALA A O   1 
ATOM   552 C CB  . ALA A 1 72  ? -3.93113  3.61109   9.33135   1.000 34.95543 ? 72  ALA A CB  1 
ATOM   553 N N   . GLY A 1 73  ? -2.41457  5.67589   7.44657   1.000 36.46374 ? 73  GLY A N   1 
ATOM   554 C CA  . GLY A 1 73  ? -1.47876  6.77411   7.33567   1.000 37.44221 ? 73  GLY A CA  1 
ATOM   555 C C   . GLY A 1 73  ? -2.15635  8.08265   6.98993   1.000 39.43582 ? 73  GLY A C   1 
ATOM   556 O O   . GLY A 1 73  ? -3.32687  8.29197   7.32351   1.000 39.63977 ? 73  GLY A O   1 
ATOM   557 N N   . PHE A 1 74  ? -1.43151  8.96847   6.31186   1.000 39.35740 ? 74  PHE A N   1 
ATOM   558 C CA  . PHE A 1 74  ? -1.96030  10.26721  5.92980   1.000 40.53140 ? 74  PHE A CA  1 
ATOM   559 C C   . PHE A 1 74  ? -1.47628  10.61665  4.53201   1.000 41.36358 ? 74  PHE A C   1 
ATOM   560 O O   . PHE A 1 74  ? -0.36496  10.25662  4.13418   1.000 40.58121 ? 74  PHE A O   1 
ATOM   561 C CB  . PHE A 1 74  ? -1.54292  11.35902  6.92278   1.000 41.40749 ? 74  PHE A CB  1 
ATOM   562 C CG  . PHE A 1 74  ? -2.02921  11.11919  8.32103   1.000 40.42982 ? 74  PHE A CG  1 
ATOM   563 C CD1 . PHE A 1 74  ? -3.27249  11.57284  8.72147   1.000 40.91056 ? 74  PHE A CD1 1 
ATOM   564 C CD2 . PHE A 1 74  ? -1.24609  10.43393  9.23316   1.000 40.31990 ? 74  PHE A CD2 1 
ATOM   565 C CE1 . PHE A 1 74  ? -3.72495  11.35396  10.00752  1.000 40.86960 ? 74  PHE A CE1 1 
ATOM   566 C CE2 . PHE A 1 74  ? -1.69527  10.20638  10.52082  1.000 40.64668 ? 74  PHE A CE2 1 
ATOM   567 C CZ  . PHE A 1 74  ? -2.93489  10.66947  10.90656  1.000 41.09533 ? 74  PHE A CZ  1 
ATOM   568 N N   . GLU A 1 75  ? -2.32925  11.31411  3.78740   1.000 42.64475 ? 75  GLU A N   1 
ATOM   569 C CA  . GLU A 1 75  ? -2.01197  11.78067  2.44322   1.000 42.84634 ? 75  GLU A CA  1 
ATOM   570 C C   . GLU A 1 75  ? -1.88808  13.29682  2.48222   1.000 43.46549 ? 75  GLU A C   1 
ATOM   571 O O   . GLU A 1 75  ? -2.88518  14.00342  2.66192   1.000 44.16903 ? 75  GLU A O   1 
ATOM   572 C CB  . GLU A 1 75  ? -3.07447  11.33662  1.44121   1.000 42.79607 ? 75  GLU A CB  1 
ATOM   573 C CG  . GLU A 1 75  ? -3.10720  9.83443   1.22996   1.000 43.92724 ? 75  GLU A CG  1 
ATOM   574 C CD  . GLU A 1 75  ? -4.15738  9.40215   0.23275   1.000 44.19014 ? 75  GLU A CD  1 
ATOM   575 O OE1 . GLU A 1 75  ? -4.88109  10.27497  -0.28911  1.000 44.05469 ? 75  GLU A OE1 1 
ATOM   576 O OE2 . GLU A 1 75  ? -4.25631  8.18509   -0.02978  1.000 44.88906 ? 75  GLU A OE2 1 
ATOM   577 N N   . TYR A 1 76  ? -0.66345  13.78881  2.32150   1.000 44.07487 ? 76  TYR A N   1 
ATOM   578 C CA  . TYR A 1 76  ? -0.38751  15.22202  2.26657   1.000 44.94284 ? 76  TYR A CA  1 
ATOM   579 C C   . TYR A 1 76  ? -0.65221  15.67802  0.83828   1.000 44.62617 ? 76  TYR A C   1 
ATOM   580 O O   . TYR A 1 76  ? 0.19716   15.54642  -0.04516  1.000 44.33176 ? 76  TYR A O   1 
ATOM   581 C CB  . TYR A 1 76  ? 1.04554   15.51311  2.69836   1.000 45.43127 ? 76  TYR A CB  1 
ATOM   582 C CG  . TYR A 1 76  ? 1.38725   15.04845  4.10260   1.000 47.74473 ? 76  TYR A CG  1 
ATOM   583 C CD1 . TYR A 1 76  ? 1.54621   13.69644  4.39584   1.000 46.54553 ? 76  TYR A CD1 1 
ATOM   584 C CD2 . TYR A 1 76  ? 1.57484   15.96355  5.12936   1.000 52.70586 ? 76  TYR A CD2 1 
ATOM   585 C CE1 . TYR A 1 76  ? 1.85894   13.27357  5.67504   1.000 46.60570 ? 76  TYR A CE1 1 
ATOM   586 C CE2 . TYR A 1 76  ? 1.88884   15.54882  6.40828   1.000 52.96079 ? 76  TYR A CE2 1 
ATOM   587 C CZ  . TYR A 1 76  ? 2.03044   14.20555  6.67371   0.765 49.76035 ? 76  TYR A CZ  1 
ATOM   588 O OH  . TYR A 1 76  ? 2.34595   13.80025  7.94766   1.000 49.60013 ? 76  TYR A OH  1 
ATOM   589 N N   . ASN A 1 77  ? -1.84971  16.21752  0.61155   0.846 44.73314 ? 77  ASN A N   1 
ATOM   590 C CA  . ASN A 1 77  ? -2.29546  16.55181  -0.73151  0.846 44.83270 ? 77  ASN A CA  1 
ATOM   591 C C   . ASN A 1 77  ? -1.67911  17.86318  -1.20564  0.846 45.60233 ? 77  ASN A C   1 
ATOM   592 O O   . ASN A 1 77  ? -1.17857  18.67222  -0.42017  0.846 45.79331 ? 77  ASN A O   1 
ATOM   593 C CB  . ASN A 1 77  ? -3.81836  16.67300  -0.78299  0.846 44.94233 ? 77  ASN A CB  1 
ATOM   594 C CG  . ASN A 1 77  ? -4.52226  15.49123  -0.15771  0.846 45.04783 ? 77  ASN A CG  1 
ATOM   595 O OD1 . ASN A 1 77  ? -5.16437  15.62162  0.88466   0.846 45.41963 ? 77  ASN A OD1 1 
ATOM   596 N ND2 . ASN A 1 77  ? -4.41612  14.32963  -0.79442  0.846 44.01042 ? 77  ASN A ND2 1 
ATOM   597 N N   . THR A 1 78  ? -1.74679  18.07871  -2.51717  0.956 46.39929 ? 78  THR A N   1 
ATOM   598 C CA  . THR A 1 78  ? -1.25934  19.31811  -3.10486  0.956 48.59803 ? 78  THR A CA  1 
ATOM   599 C C   . THR A 1 78  ? -2.27199  20.45296  -3.00654  0.956 48.48605 ? 78  THR A C   1 
ATOM   600 O O   . THR A 1 78  ? -2.01626  21.53910  -3.53789  0.956 48.09319 ? 78  THR A O   1 
ATOM   601 C CB  . THR A 1 78  ? -0.86112  19.08934  -4.56592  0.956 49.88094 ? 78  THR A CB  1 
ATOM   602 O OG1 . THR A 1 78  ? -0.26962  20.28138  -5.09421  0.956 64.61856 ? 78  THR A OG1 1 
ATOM   603 C CG2 . THR A 1 78  ? -2.06871  18.71663  -5.40190  0.956 46.81420 ? 78  THR A CG2 1 
ATOM   604 N N   . ASP A 1 79  ? -3.41025  20.22483  -2.35049  1.000 48.94498 ? 79  ASP A N   1 
ATOM   605 C CA  . ASP A 1 79  ? -4.34085  21.28148  -1.98235  1.000 48.37468 ? 79  ASP A CA  1 
ATOM   606 C C   . ASP A 1 79  ? -4.06812  21.82935  -0.58845  1.000 48.02977 ? 79  ASP A C   1 
ATOM   607 O O   . ASP A 1 79  ? -4.93649  22.49945  -0.01595  1.000 47.52739 ? 79  ASP A O   1 
ATOM   608 C CB  . ASP A 1 79  ? -5.78242  20.77442  -2.06944  1.000 49.73194 ? 79  ASP A CB  1 
ATOM   609 C CG  . ASP A 1 79  ? -6.22765  20.53249  -3.49537  1.000 52.53877 ? 79  ASP A CG  1 
ATOM   610 O OD1 . ASP A 1 79  ? -5.40976  20.75135  -4.41348  1.000 60.75899 ? 79  ASP A OD1 1 
ATOM   611 O OD2 . ASP A 1 79  ? -7.39213  20.12719  -3.70053  1.000 53.06488 ? 79  ASP A OD2 1 
ATOM   612 N N   . ASN A 1 80  ? -2.88217  21.55412  -0.03730  1.000 47.34504 ? 80  ASN A N   1 
ATOM   613 C CA  . ASN A 1 80  ? -2.51989  21.93189  1.32911   1.000 47.36441 ? 80  ASN A CA  1 
ATOM   614 C C   . ASN A 1 80  ? -3.43490  21.26534  2.35085   1.000 47.64246 ? 80  ASN A C   1 
ATOM   615 O O   . ASN A 1 80  ? -3.62264  21.77194  3.45951   1.000 48.26185 ? 80  ASN A O   1 
ATOM   616 C CB  . ASN A 1 80  ? -2.52102  23.45338  1.51415   1.000 46.90108 ? 80  ASN A CB  1 
ATOM   617 N N   . THR A 1 81  ? -4.00434  20.12237  1.98136   1.000 46.45520 ? 81  THR A N   1 
ATOM   618 C CA  . THR A 1 81  ? -4.91410  19.37230  2.83222   1.000 45.92706 ? 81  THR A CA  1 
ATOM   619 C C   . THR A 1 81  ? -4.23254  18.09472  3.30590   1.000 46.51362 ? 81  THR A C   1 
ATOM   620 O O   . THR A 1 81  ? -3.47078  17.47407  2.55764   1.000 45.91385 ? 81  THR A O   1 
ATOM   621 C CB  . THR A 1 81  ? -6.20511  19.03508  2.07955   1.000 45.98651 ? 81  THR A CB  1 
ATOM   622 O OG1 . THR A 1 81  ? -6.76749  20.23577  1.53600   0.233 47.23904 ? 81  THR A OG1 1 
ATOM   623 C CG2 . THR A 1 81  ? -7.21901  18.39333  3.00991   1.000 46.86667 ? 81  THR A CG2 1 
ATOM   624 N N   . ILE A 1 82  ? -4.49412  17.71737  4.55567   1.000 46.01172 ? 82  ILE A N   1 
ATOM   625 C CA  . ILE A 1 82  ? -3.98162  16.48379  5.14458   1.000 45.49261 ? 82  ILE A CA  1 
ATOM   626 C C   . ILE A 1 82  ? -5.18042  15.62285  5.51893   1.000 44.59226 ? 82  ILE A C   1 
ATOM   627 O O   . ILE A 1 82  ? -6.02857  16.04671  6.31447   1.000 44.80793 ? 82  ILE A O   1 
ATOM   628 C CB  . ILE A 1 82  ? -3.10115  16.75395  6.37575   1.000 45.90668 ? 82  ILE A CB  1 
ATOM   629 C CG1 . ILE A 1 82  ? -2.20952  17.97646  6.15061   1.000 46.73841 ? 82  ILE A CG1 1 
ATOM   630 C CG2 . ILE A 1 82  ? -2.25696  15.53203  6.70617   1.000 45.52515 ? 82  ILE A CG2 1 
ATOM   631 C CD1 . ILE A 1 82  ? -1.25464  17.83670  4.99190   1.000 46.76297 ? 82  ILE A CD1 1 
ATOM   632 N N   . LYS A 1 83  ? -5.25255  14.41867  4.95306   1.000 43.18973 ? 83  LYS A N   1 
ATOM   633 C CA  . LYS A 1 83  ? -6.38074  13.53891  5.21016   1.000 42.67832 ? 83  LYS A CA  1 
ATOM   634 C C   . LYS A 1 83  ? -5.90308  12.17408  5.68758   1.000 42.42663 ? 83  LYS A C   1 
ATOM   635 O O   . LYS A 1 83  ? -4.88646  11.66181  5.20140   1.000 42.16225 ? 83  LYS A O   1 
ATOM   636 C CB  . LYS A 1 83  ? -7.24351  13.37205  3.95157   1.000 42.64675 ? 83  LYS A CB  1 
ATOM   637 N N   . PRO A 1 84  ? -6.61366  11.56191  6.63427   1.000 42.41441 ? 84  PRO A N   1 
ATOM   638 C CA  . PRO A 1 84  ? -6.23806  10.21922  7.08882   1.000 42.10474 ? 84  PRO A CA  1 
ATOM   639 C C   . PRO A 1 84  ? -6.77336  9.14444   6.15628   1.000 41.54386 ? 84  PRO A C   1 
ATOM   640 O O   . PRO A 1 84  ? -7.87432  9.25297   5.61068   0.768 41.53338 ? 84  PRO A O   1 
ATOM   641 C CB  . PRO A 1 84  ? -6.88715  10.12586  8.47444   1.000 42.64977 ? 84  PRO A CB  1 
ATOM   642 C CG  . PRO A 1 84  ? -8.09533  10.99971  8.36636   1.000 42.87833 ? 84  PRO A CG  1 
ATOM   643 C CD  . PRO A 1 84  ? -7.74646  12.11097  7.40151   1.000 43.27954 ? 84  PRO A CD  1 
ATOM   644 N N   . THR A 1 85  ? -5.97136  8.09869   5.96577   1.000 40.81014 ? 85  THR A N   1 
ATOM   645 C CA  . THR A 1 85  ? -6.34305  6.98148   5.11042   1.000 40.72273 ? 85  THR A CA  1 
ATOM   646 C C   . THR A 1 85  ? -5.95544  5.67851   5.79023   1.000 39.89385 ? 85  THR A C   1 
ATOM   647 O O   . THR A 1 85  ? -4.91258  5.59836   6.44384   1.000 39.11097 ? 85  THR A O   1 
ATOM   648 C CB  . THR A 1 85  ? -5.66232  7.05546   3.73503   1.000 41.97402 ? 85  THR A CB  1 
ATOM   649 O OG1 . THR A 1 85  ? -4.24569  6.91621   3.89320   1.000 41.83854 ? 85  THR A OG1 1 
ATOM   650 C CG2 . THR A 1 85  ? -5.96337  8.37735   3.04571   1.000 43.09820 ? 85  THR A CG2 1 
ATOM   651 N N   . ALA A 1 86  ? -6.79804  4.66169   5.63789   1.000 40.16046 ? 86  ALA A N   1 
ATOM   652 C CA  . ALA A 1 86  ? -6.47308  3.32003   6.09407   1.000 38.72676 ? 86  ALA A CA  1 
ATOM   653 C C   . ALA A 1 86  ? -6.65366  2.34283   4.94224   1.000 38.48065 ? 86  ALA A C   1 
ATOM   654 O O   . ALA A 1 86  ? -7.34716  2.62547   3.96091   1.000 39.71422 ? 86  ALA A O   1 
ATOM   655 C CB  . ALA A 1 86  ? -7.33177  2.89748   7.29361   1.000 39.84863 ? 86  ALA A CB  1 
ATOM   656 N N   . GLY A 1 87  ? -6.01223  1.18502   5.06930   1.000 36.53095 ? 87  GLY A N   1 
ATOM   657 C CA  . GLY A 1 87  ? -6.07327  0.17841   4.02841   1.000 35.61947 ? 87  GLY A CA  1 
ATOM   658 C C   . GLY A 1 87  ? -6.09765  -1.21536  4.61436   1.000 34.26412 ? 87  GLY A C   1 
ATOM   659 O O   . GLY A 1 87  ? -5.69259  -1.44456  5.75845   1.000 33.75341 ? 87  GLY A O   1 
ATOM   660 N N   . ALA A 1 88  ? -6.59454  -2.14854  3.80754   1.000 33.79677 ? 88  ALA A N   1 
ATOM   661 C CA  . ALA A 1 88  ? -6.61417  -3.56298  4.16822   1.000 32.43025 ? 88  ALA A CA  1 
ATOM   662 C C   . ALA A 1 88  ? -6.38262  -4.35138  2.88962   1.000 32.50725 ? 88  ALA A C   1 
ATOM   663 O O   . ALA A 1 88  ? -7.19010  -4.27246  1.95760   1.000 32.81824 ? 88  ALA A O   1 
ATOM   664 C CB  . ALA A 1 88  ? -7.93562  -3.95527  4.82370   1.000 32.26015 ? 88  ALA A CB  1 
ATOM   665 N N   . GLY A 1 89  ? -5.28580  -5.09606  2.83520   1.000 31.02650 ? 89  GLY A N   1 
ATOM   666 C CA  . GLY A 1 89  ? -4.96921  -5.79930  1.61261   1.000 30.99315 ? 89  GLY A CA  1 
ATOM   667 C C   . GLY A 1 89  ? -4.13237  -7.04137  1.81130   1.000 30.64824 ? 89  GLY A C   1 
ATOM   668 O O   . GLY A 1 89  ? -4.00384  -7.54989  2.92892   1.000 30.05611 ? 89  GLY A O   1 
ATOM   669 N N   . ALA A 1 90  ? -3.56369  -7.54661  0.72402   1.000 30.39283 ? 90  ALA A N   1 
ATOM   670 C CA  . ALA A 1 90  ? -2.66235  -8.67964  0.83775   1.000 30.75297 ? 90  ALA A CA  1 
ATOM   671 C C   . ALA A 1 90  ? -1.72134  -8.69315  -0.35458  1.000 31.30678 ? 90  ALA A C   1 
ATOM   672 O O   . ALA A 1 90  ? -2.01811  -8.12596  -1.41080  1.000 30.34018 ? 90  ALA A O   1 
ATOM   673 C CB  . ALA A 1 90  ? -3.42646  -10.00419 0.93040   1.000 30.57307 ? 90  ALA A CB  1 
ATOM   674 N N   . LEU A 1 91  ? -0.57812  -9.33598  -0.15891  1.000 30.01733 ? 91  LEU A N   1 
ATOM   675 C CA  A LEU A 1 91  ? 0.39568   -9.57319  -1.21477  0.194 30.72091 ? 91  LEU A CA  1 
ATOM   676 C CA  B LEU A 1 91  ? 0.39134   -9.57325  -1.21712  0.806 30.86848 ? 91  LEU A CA  1 
ATOM   677 C C   . LEU A 1 91  ? 0.38575   -11.05238 -1.56857  1.000 30.93929 ? 91  LEU A C   1 
ATOM   678 O O   . LEU A 1 91  ? 0.50021   -11.90583 -0.68250  1.000 31.42550 ? 91  LEU A O   1 
ATOM   679 C CB  A LEU A 1 91  ? 1.80241   -9.14888  -0.78574  0.194 30.44051 ? 91  LEU A CB  1 
ATOM   680 C CB  B LEU A 1 91  ? 1.79226   -9.13764  -0.78844  0.806 30.61549 ? 91  LEU A CB  1 
ATOM   681 C CG  A LEU A 1 91  ? 2.22702   -7.69606  -1.00380  0.194 30.61325 ? 91  LEU A CG  1 
ATOM   682 C CG  B LEU A 1 91  ? 1.95152   -7.65188  -0.48774  0.806 30.88131 ? 91  LEU A CG  1 
ATOM   683 C CD1 A LEU A 1 91  ? 1.49453   -6.76481  -0.05980  0.194 30.65384 ? 91  LEU A CD1 1 
ATOM   684 C CD1 B LEU A 1 91  ? 3.33417   -7.37634  0.06210   0.806 31.04507 ? 91  LEU A CD1 1 
ATOM   685 C CD2 A LEU A 1 91  ? 3.73051   -7.55992  -0.83428  0.194 30.90927 ? 91  LEU A CD2 1 
ATOM   686 C CD2 B LEU A 1 91  ? 1.71123   -6.85627  -1.74658  0.806 30.38295 ? 91  LEU A CD2 1 
ATOM   687 N N   . TYR A 1 92  ? 0.25213   -11.34772 -2.85261  1.000 31.17563 ? 92  TYR A N   1 
ATOM   688 C CA  . TYR A 1 92  ? 0.23961   -12.71294 -3.36473  1.000 31.95212 ? 92  TYR A CA  1 
ATOM   689 C C   . TYR A 1 92  ? 1.55617   -12.93947 -4.10128  1.000 32.22106 ? 92  TYR A C   1 
ATOM   690 O O   . TYR A 1 92  ? 1.73662   -12.46458 -5.22478  1.000 31.90454 ? 92  TYR A O   1 
ATOM   691 C CB  . TYR A 1 92  ? -0.96808  -12.93388 -4.27074  1.000 32.06199 ? 92  TYR A CB  1 
ATOM   692 C CG  . TYR A 1 92  ? -2.28797  -12.74985 -3.55462  1.000 32.17078 ? 92  TYR A CG  1 
ATOM   693 C CD1 . TYR A 1 92  ? -2.89460  -11.50166 -3.47281  1.000 31.32365 ? 92  TYR A CD1 1 
ATOM   694 C CD2 . TYR A 1 92  ? -2.91651  -13.82503 -2.94472  1.000 32.83456 ? 92  TYR A CD2 1 
ATOM   695 C CE1 . TYR A 1 92  ? -4.09990  -11.33790 -2.81268  1.000 31.97141 ? 92  TYR A CE1 1 
ATOM   696 C CE2 . TYR A 1 92  ? -4.11460  -13.67242 -2.28300  1.000 32.11683 ? 92  TYR A CE2 1 
ATOM   697 C CZ  . TYR A 1 92  ? -4.70338  -12.43085 -2.21833  1.000 32.71179 ? 92  TYR A CZ  1 
ATOM   698 O OH  . TYR A 1 92  ? -5.89863  -12.28914 -1.55028  1.000 33.29170 ? 92  TYR A OH  1 
ATOM   699 N N   . ARG A 1 93  ? 2.47658   -13.65754 -3.46106  1.000 32.93735 ? 93  ARG A N   1 
ATOM   700 C CA  . ARG A 1 93  ? 3.77189   -13.92896 -4.07075  1.000 33.62844 ? 93  ARG A CA  1 
ATOM   701 C C   . ARG A 1 93  ? 3.60151   -14.72714 -5.35594  1.000 34.19234 ? 93  ARG A C   1 
ATOM   702 O O   . ARG A 1 93  ? 2.91090   -15.75040 -5.38129  1.000 34.98953 ? 93  ARG A O   1 
ATOM   703 C CB  . ARG A 1 93  ? 4.66565   -14.68216 -3.08144  1.000 34.78674 ? 93  ARG A CB  1 
ATOM   704 C CG  . ARG A 1 93  ? 5.72878   -15.58614 -3.70051  1.000 36.98814 ? 93  ARG A CG  1 
ATOM   705 C CD  . ARG A 1 93  ? 5.24728   -17.03395 -3.75635  1.000 39.82859 ? 93  ARG A CD  1 
ATOM   706 N NE  . ARG A 1 93  ? 6.31878   -18.00303 -3.55913  1.000 44.84603 ? 93  ARG A NE  1 
ATOM   707 C CZ  . ARG A 1 93  ? 6.11758   -19.30944 -3.42277  1.000 52.23654 ? 93  ARG A CZ  1 
ATOM   708 N NH1 . ARG A 1 93  ? 7.14636   -20.12723 -3.24108  1.000 56.63943 ? 93  ARG A NH1 1 
ATOM   709 N NH2 . ARG A 1 93  ? 4.88364   -19.79729 -3.46458  1.000 46.09829 ? 93  ARG A NH2 1 
ATOM   710 N N   . VAL A 1 94  ? 4.22199   -14.24804 -6.43058  1.000 33.53260 ? 94  VAL A N   1 
ATOM   711 C CA  . VAL A 1 94  ? 4.26327   -14.98580 -7.68810  1.000 33.35634 ? 94  VAL A CA  1 
ATOM   712 C C   . VAL A 1 94  ? 5.67637   -15.34843 -8.10925  1.000 32.84901 ? 94  VAL A C   1 
ATOM   713 O O   . VAL A 1 94  ? 5.84286   -16.21150 -8.98412  1.000 32.73677 ? 94  VAL A O   1 
ATOM   714 C CB  . VAL A 1 94  ? 3.55201   -14.21897 -8.82362  1.000 32.24232 ? 94  VAL A CB  1 
ATOM   715 C CG1 . VAL A 1 94  ? 2.05672   -14.16352 -8.55865  0.451 31.98203 ? 94  VAL A CG1 1 
ATOM   716 C CG2 . VAL A 1 94  ? 4.12908   -12.82345 -8.97751  1.000 31.86798 ? 94  VAL A CG2 1 
ATOM   717 N N   . SER A 1 95  ? 6.69301   -14.73076 -7.52315  1.000 32.73267 ? 95  SER A N   1 
ATOM   718 C CA  . SER A 1 95  ? 8.07606   -15.12726 -7.74062  1.000 32.67102 ? 95  SER A CA  1 
ATOM   719 C C   . SER A 1 95  ? 8.87168   -14.71598 -6.51440  1.000 33.32050 ? 95  SER A C   1 
ATOM   720 O O   . SER A 1 95  ? 8.34736   -14.02567 -5.63118  0.869 33.19927 ? 95  SER A O   1 
ATOM   721 C CB  . SER A 1 95  ? 8.65213   -14.47918 -9.00811  1.000 32.49348 ? 95  SER A CB  1 
ATOM   722 O OG  . SER A 1 95  ? 9.15928   -13.18850 -8.71960  1.000 32.61333 ? 95  SER A OG  1 
ATOM   723 N N   . PRO A 1 96  ? 10.12833  -15.15012 -6.40883  1.000 33.80184 ? 96  PRO A N   1 
ATOM   724 C CA  . PRO A 1 96  ? 10.98268  -14.62711 -5.33311  1.000 35.22537 ? 96  PRO A CA  1 
ATOM   725 C C   . PRO A 1 96  ? 11.19505  -13.13157 -5.42462  1.000 35.23121 ? 96  PRO A C   1 
ATOM   726 O O   . PRO A 1 96  ? 11.56709  -12.50234 -4.42568  1.000 36.25683 ? 96  PRO A O   1 
ATOM   727 C CB  . PRO A 1 96  ? 12.29321  -15.39691 -5.52948  1.000 36.91668 ? 96  PRO A CB  1 
ATOM   728 C CG  . PRO A 1 96  ? 11.86269  -16.67988 -6.14393  1.000 35.33729 ? 96  PRO A CG  1 
ATOM   729 C CD  . PRO A 1 96  ? 10.74477  -16.31217 -7.07359  1.000 34.06083 ? 96  PRO A CD  1 
ATOM   730 N N   . ASN A 1 97  ? 10.95897  -12.54520 -6.59418  1.000 33.79110 ? 97  ASN A N   1 
ATOM   731 C CA  . ASN A 1 97  ? 11.16643  -11.13026 -6.82590  1.000 33.55290 ? 97  ASN A CA  1 
ATOM   732 C C   . ASN A 1 97  ? 9.87964   -10.32199 -6.85049  1.000 33.47190 ? 97  ASN A C   1 
ATOM   733 O O   . ASN A 1 97  ? 9.92809   -9.10665  -6.63176  1.000 33.62689 ? 97  ASN A O   1 
ATOM   734 C CB  . ASN A 1 97  ? 11.89625  -10.92656 -8.16059  1.000 33.13908 ? 97  ASN A CB  1 
ATOM   735 C CG  . ASN A 1 97  ? 12.86551  -9.78545  -8.10990  1.000 35.58869 ? 97  ASN A CG  1 
ATOM   736 O OD1 . ASN A 1 97  ? 12.97298  -9.10404  -7.09148  1.000 36.78866 ? 97  ASN A OD1 1 
ATOM   737 N ND2 . ASN A 1 97  ? 13.59908  -9.57355  -9.19805  1.000 35.86368 ? 97  ASN A ND2 1 
ATOM   738 N N   . LEU A 1 98  ? 8.73903   -10.95998 -7.09975  1.000 32.96798 ? 98  LEU A N   1 
ATOM   739 C CA  . LEU A 1 98  ? 7.52401   -10.25711 -7.47163  1.000 31.42288 ? 98  LEU A CA  1 
ATOM   740 C C   . LEU A 1 98  ? 6.33304   -10.77357 -6.68002  1.000 32.00730 ? 98  LEU A C   1 
ATOM   741 O O   . LEU A 1 98  ? 6.26539   -11.94985 -6.31182  1.000 31.38770 ? 98  LEU A O   1 
ATOM   742 C CB  . LEU A 1 98  ? 7.24989   -10.41222 -8.96679  1.000 31.26908 ? 98  LEU A CB  1 
ATOM   743 C CG  . LEU A 1 98  ? 6.06213   -9.66049  -9.56883  1.000 30.95943 ? 98  LEU A CG  1 
ATOM   744 C CD1 . LEU A 1 98  ? 6.23082   -8.16166  -9.40460  1.000 30.88970 ? 98  LEU A CD1 1 
ATOM   745 C CD2 . LEU A 1 98  ? 5.92812   -10.03377 -11.02823 1.000 30.64429 ? 98  LEU A CD2 1 
ATOM   746 N N   . ALA A 1 99  ? 5.37844   -9.87606  -6.44696  1.000 30.43318 ? 99  ALA A N   1 
ATOM   747 C CA  . ALA A 1 99  ? 4.14562   -10.21909 -5.76424  1.000 30.50605 ? 99  ALA A CA  1 
ATOM   748 C C   . ALA A 1 99  ? 3.02769   -9.36419  -6.33570  1.000 30.83108 ? 99  ALA A C   1 
ATOM   749 O O   . ALA A 1 99  ? 3.24235   -8.20810  -6.70570  1.000 29.80589 ? 99  ALA A O   1 
ATOM   750 C CB  . ALA A 1 99  ? 4.26120   -10.00745 -4.25103  1.000 30.24993 ? 99  ALA A CB  1 
ATOM   751 N N   . LEU A 1 100 ? 1.83937   -9.95168  -6.42214  1.000 30.31446 ? 100 LEU A N   1 
ATOM   752 C CA  . LEU A 1 100 ? 0.64854   -9.21560  -6.81434  1.000 30.38710 ? 100 LEU A CA  1 
ATOM   753 C C   . LEU A 1 100 ? 0.01231   -8.60066  -5.58095  1.000 31.06246 ? 100 LEU A C   1 
ATOM   754 O O   . LEU A 1 100 ? -0.05050  -9.22588  -4.51855  1.000 29.96581 ? 100 LEU A O   1 
ATOM   755 C CB  . LEU A 1 100 ? -0.35034  -10.12476 -7.52261  1.000 30.01416 ? 100 LEU A CB  1 
ATOM   756 C CG  . LEU A 1 100 ? 0.27033   -10.91325 -8.67253  1.000 30.28594 ? 100 LEU A CG  1 
ATOM   757 C CD1 . LEU A 1 100 ? -0.76177  -11.82849 -9.28231  1.000 30.83283 ? 100 LEU A CD1 1 
ATOM   758 C CD2 . LEU A 1 100 ? 0.86032   -9.96788  -9.70674  1.000 30.22783 ? 100 LEU A CD2 1 
ATOM   759 N N   . MET A 1 101 ? -0.45509  -7.36850  -5.72884  1.000 30.29620 ? 101 MET A N   1 
ATOM   760 C CA  . MET A 1 101 ? -0.92963  -6.57372  -4.60944  1.000 30.53311 ? 101 MET A CA  1 
ATOM   761 C C   . MET A 1 101 ? -2.36935  -6.16909  -4.86752  1.000 31.53316 ? 101 MET A C   1 
ATOM   762 O O   . MET A 1 101 ? -2.69175  -5.65995  -5.94508  1.000 31.58059 ? 101 MET A O   1 
ATOM   763 C CB  . MET A 1 101 ? -0.04670  -5.34256  -4.41667  1.000 30.64422 ? 101 MET A CB  1 
ATOM   764 C CG  . MET A 1 101 ? -0.44997  -4.43629  -3.27620  1.000 30.62828 ? 101 MET A CG  1 
ATOM   765 S SD  . MET A 1 101 ? 0.70692   -3.05984  -3.19555  1.000 33.42117 ? 101 MET A SD  1 
ATOM   766 C CE  . MET A 1 101 ? 0.07905   -2.15625  -1.78806  1.000 33.64463 ? 101 MET A CE  1 
ATOM   767 N N   . VAL A 1 102 ? -3.23055  -6.41470  -3.89041  1.000 31.29969 ? 102 VAL A N   1 
ATOM   768 C CA  . VAL A 1 102 ? -4.60928  -5.95248  -3.91547  1.000 31.73020 ? 102 VAL A CA  1 
ATOM   769 C C   . VAL A 1 102 ? -4.90922  -5.34238  -2.55798  1.000 32.31237 ? 102 VAL A C   1 
ATOM   770 O O   . VAL A 1 102 ? -4.46737  -5.85277  -1.52132  1.000 31.54388 ? 102 VAL A O   1 
ATOM   771 C CB  . VAL A 1 102 ? -5.60335  -7.08401  -4.24883  1.000 31.58819 ? 102 VAL A CB  1 
ATOM   772 C CG1 . VAL A 1 102 ? -5.28393  -7.67999  -5.60968  1.000 31.21921 ? 102 VAL A CG1 1 
ATOM   773 C CG2 . VAL A 1 102 ? -5.58364  -8.15859  -3.17512  1.000 31.70758 ? 102 VAL A CG2 1 
ATOM   774 N N   . GLU A 1 103 ? -5.63908  -4.23599  -2.56649  1.000 32.58891 ? 103 GLU A N   1 
ATOM   775 C CA  . GLU A 1 103 ? -5.84635  -3.47410  -1.34838  1.000 33.04991 ? 103 GLU A CA  1 
ATOM   776 C C   . GLU A 1 103 ? -7.19345  -2.78202  -1.40917  1.000 34.18634 ? 103 GLU A C   1 
ATOM   777 O O   . GLU A 1 103 ? -7.48989  -2.07800  -2.37808  1.000 34.55333 ? 103 GLU A O   1 
ATOM   778 C CB  . GLU A 1 103 ? -4.73428  -2.44397  -1.15773  1.000 32.76584 ? 103 GLU A CB  1 
ATOM   779 C CG  . GLU A 1 103 ? -4.98677  -1.47810  -0.03035  1.000 34.21801 ? 103 GLU A CG  1 
ATOM   780 C CD  . GLU A 1 103 ? -3.80038  -0.58852  0.22412   1.000 35.45656 ? 103 GLU A CD  1 
ATOM   781 O OE1 . GLU A 1 103 ? -2.65820  -1.06553  0.04732   1.000 35.81342 ? 103 GLU A OE1 1 
ATOM   782 O OE2 . GLU A 1 103 ? -4.01054  0.58492   0.59444   1.000 36.62919 ? 103 GLU A OE2 1 
ATOM   783 N N   . TYR A 1 104 ? -8.00053  -2.99413  -0.37974  1.000 34.69063 ? 104 TYR A N   1 
ATOM   784 C CA  . TYR A 1 104 ? -9.19503  -2.20112  -0.14895  1.000 36.32595 ? 104 TYR A CA  1 
ATOM   785 C C   . TYR A 1 104 ? -8.85890  -1.12291  0.86999   1.000 37.22704 ? 104 TYR A C   1 
ATOM   786 O O   . TYR A 1 104 ? -8.28832  -1.41792  1.92580   1.000 36.51932 ? 104 TYR A O   1 
ATOM   787 C CB  . TYR A 1 104 ? -10.34623 -3.07392  0.34627   1.000 36.83342 ? 104 TYR A CB  1 
ATOM   788 C CG  . TYR A 1 104 ? -11.55326 -2.28283  0.77523   1.000 38.77873 ? 104 TYR A CG  1 
ATOM   789 C CD1 . TYR A 1 104 ? -11.87619 -2.14937  2.11828   1.000 39.73654 ? 104 TYR A CD1 1 
ATOM   790 C CD2 . TYR A 1 104 ? -12.36517 -1.65984  -0.16203  1.000 39.45550 ? 104 TYR A CD2 1 
ATOM   791 C CE1 . TYR A 1 104 ? -12.97965 -1.42442  2.51597   1.000 40.71338 ? 104 TYR A CE1 1 
ATOM   792 C CE2 . TYR A 1 104 ? -13.46829 -0.92980  0.22443   1.000 40.83318 ? 104 TYR A CE2 1 
ATOM   793 C CZ  . TYR A 1 104 ? -13.77174 -0.81528  1.56327   1.000 41.79064 ? 104 TYR A CZ  1 
ATOM   794 O OH  . TYR A 1 104 ? -14.87256 -0.09170  1.95303   1.000 43.31987 ? 104 TYR A OH  1 
ATOM   795 N N   . GLY A 1 105 ? -9.19298  0.12394   0.54691   1.000 38.41057 ? 105 GLY A N   1 
ATOM   796 C CA  . GLY A 1 105 ? -8.84018  1.23500   1.40328   1.000 39.41136 ? 105 GLY A CA  1 
ATOM   797 C C   . GLY A 1 105 ? -9.98097  2.22416   1.51993   1.000 40.63707 ? 105 GLY A C   1 
ATOM   798 O O   . GLY A 1 105 ? -10.84280 2.32541   0.64458   1.000 40.70811 ? 105 GLY A O   1 
ATOM   799 N N   . TRP A 1 106 ? -9.97301  2.95222   2.63210   1.000 42.28521 ? 106 TRP A N   1 
ATOM   800 C CA  . TRP A 1 106 ? -10.93945 4.00932   2.87357   1.000 44.74790 ? 106 TRP A CA  1 
ATOM   801 C C   . TRP A 1 106 ? -10.21113 5.25623   3.35363   1.000 45.07069 ? 106 TRP A C   1 
ATOM   802 O O   . TRP A 1 106 ? -9.12764  5.17796   3.93871   1.000 43.82080 ? 106 TRP A O   1 
ATOM   803 C CB  . TRP A 1 106 ? -12.02449 3.58011   3.88553   1.000 45.16925 ? 106 TRP A CB  1 
ATOM   804 C CG  . TRP A 1 106 ? -11.52926 3.16325   5.23762   1.000 45.28412 ? 106 TRP A CG  1 
ATOM   805 C CD1 . TRP A 1 106 ? -11.21137 1.89854   5.64121   1.000 45.33205 ? 106 TRP A CD1 1 
ATOM   806 C CD2 . TRP A 1 106 ? -11.32804 4.00995   6.37646   1.000 46.69195 ? 106 TRP A CD2 1 
ATOM   807 N NE1 . TRP A 1 106 ? -10.81075 1.90735   6.95682   1.000 46.21029 ? 106 TRP A NE1 1 
ATOM   808 C CE2 . TRP A 1 106 ? -10.87292 3.19127   7.43110   1.000 46.44347 ? 106 TRP A CE2 1 
ATOM   809 C CE3 . TRP A 1 106 ? -11.47657 5.38252   6.60251   1.000 47.53390 ? 106 TRP A CE3 1 
ATOM   810 C CZ2 . TRP A 1 106 ? -10.56809 3.69898   8.69401   1.000 48.89623 ? 106 TRP A CZ2 1 
ATOM   811 C CZ3 . TRP A 1 106 ? -11.17627 5.88617   7.85647   1.000 48.72261 ? 106 TRP A CZ3 1 
ATOM   812 C CH2 . TRP A 1 106 ? -10.72753 5.04541   8.88758   1.000 53.87168 ? 106 TRP A CH2 1 
ATOM   813 N N   . ASN A 1 107 ? -10.81292 6.40990   3.08048   1.000 46.20380 ? 107 ASN A N   1 
ATOM   814 C CA  . ASN A 1 107 ? -10.19511 7.69499   3.37818   1.000 45.95300 ? 107 ASN A CA  1 
ATOM   815 C C   . ASN A 1 107 ? -11.08080 8.50719   4.31426   1.000 46.89535 ? 107 ASN A C   1 
ATOM   816 O O   . ASN A 1 107 ? -11.98799 7.96406   4.94515   1.000 47.28673 ? 107 ASN A O   1 
ATOM   817 C CB  . ASN A 1 107 ? -9.93123  8.47363   2.08543   1.000 46.28368 ? 107 ASN A CB  1 
ATOM   818 C CG  . ASN A 1 107 ? -9.32889  7.60423   0.98883   1.000 47.64163 ? 107 ASN A CG  1 
ATOM   819 O OD1 . ASN A 1 107 ? -8.11057  7.53579   0.83133   1.000 48.10147 ? 107 ASN A OD1 1 
ATOM   820 N ND2 . ASN A 1 107 ? -10.18664 6.93727   0.22401   1.000 44.99723 ? 107 ASN A ND2 1 
ATOM   821 N N   . SER A 1 110 ? -15.66152 8.85614   4.06520   1.000 52.97300 ? 110 SER A N   1 
ATOM   822 C CA  . SER A 1 110 ? -16.70735 8.10416   3.37844   1.000 53.72068 ? 110 SER A CA  1 
ATOM   823 C C   . SER A 1 110 ? -16.31325 7.80226   1.93763   1.000 52.35028 ? 110 SER A C   1 
ATOM   824 O O   . SER A 1 110 ? -17.16448 7.49628   1.10367   1.000 52.57773 ? 110 SER A O   1 
ATOM   825 C CB  . SER A 1 110 ? -18.02412 8.87475   3.39683   1.000 55.60405 ? 110 SER A CB  1 
ATOM   826 O OG  . SER A 1 110 ? -17.92436 10.03448  2.59002   1.000 57.20479 ? 110 SER A OG  1 
ATOM   827 N N   . LEU A 1 111 ? -15.01983 7.90859   1.65073   1.000 49.77679 ? 111 LEU A N   1 
ATOM   828 C CA  . LEU A 1 111 ? -14.46180 7.61972   0.33597   1.000 46.78025 ? 111 LEU A CA  1 
ATOM   829 C C   . LEU A 1 111 ? -13.70128 6.30327   0.41778   1.000 46.12378 ? 111 LEU A C   1 
ATOM   830 O O   . LEU A 1 111 ? -12.76325 6.17928   1.21129   1.000 46.48136 ? 111 LEU A O   1 
ATOM   831 C CB  . LEU A 1 111 ? -13.54031 8.75197   -0.12006  1.000 46.12329 ? 111 LEU A CB  1 
ATOM   832 C CG  . LEU A 1 111 ? -12.70907 8.53893   -1.38607  1.000 44.01546 ? 111 LEU A CG  1 
ATOM   833 C CD1 . LEU A 1 111 ? -13.58212 8.63047   -2.62573  1.000 41.15978 ? 111 LEU A CD1 1 
ATOM   834 C CD2 . LEU A 1 111 ? -11.56000 9.53890   -1.45577  1.000 43.43645 ? 111 LEU A CD2 1 
ATOM   835 N N   . GLN A 1 112 ? -14.11119 5.32472   -0.38610  1.000 44.98286 ? 112 GLN A N   1 
ATOM   836 C CA  . GLN A 1 112 ? -13.47357 4.01631   -0.42630  1.000 43.14553 ? 112 GLN A CA  1 
ATOM   837 C C   . GLN A 1 112 ? -12.79633 3.79977   -1.77191  1.000 41.28037 ? 112 GLN A C   1 
ATOM   838 O O   . GLN A 1 112 ? -13.14386 4.42436   -2.77741  0.859 40.60901 ? 112 GLN A O   1 
ATOM   839 C CB  . GLN A 1 112 ? -14.48340 2.89027   -0.17851  1.000 44.12064 ? 112 GLN A CB  1 
ATOM   840 C CG  . GLN A 1 112 ? -15.15625 2.93781   1.17652   1.000 46.24490 ? 112 GLN A CG  1 
ATOM   841 C CD  . GLN A 1 112 ? -16.58068 3.44536   1.09954   1.000 48.21412 ? 112 GLN A CD  1 
ATOM   842 O OE1 . GLN A 1 112 ? -17.23025 3.35355   0.05696   1.000 51.10035 ? 112 GLN A OE1 1 
ATOM   843 N NE2 . GLN A 1 112 ? -17.07498 3.98672   2.20623   1.000 50.38979 ? 112 GLN A NE2 1 
ATOM   844 N N   . LYS A 1 113 ? -11.82750 2.88892   -1.78530  1.000 40.13945 ? 113 LYS A N   1 
ATOM   845 C CA  . LYS A 1 113 ? -11.07587 2.62843   -3.00093  1.000 38.62351 ? 113 LYS A CA  1 
ATOM   846 C C   . LYS A 1 113 ? -10.63059 1.17652   -3.03451  1.000 38.26691 ? 113 LYS A C   1 
ATOM   847 O O   . LYS A 1 113 ? -10.41410 0.54718   -1.99532  1.000 38.61621 ? 113 LYS A O   1 
ATOM   848 C CB  . LYS A 1 113 ? -9.85565  3.54889   -3.11740  1.000 38.98713 ? 113 LYS A CB  1 
ATOM   849 C CG  . LYS A 1 113 ? -8.80864  3.33238   -2.04121  1.000 40.50042 ? 113 LYS A CG  1 
ATOM   850 C CD  . LYS A 1 113 ? -7.63535  4.29078   -2.20089  1.000 42.27435 ? 113 LYS A CD  1 
ATOM   851 C CE  . LYS A 1 113 ? -6.88514  4.03622   -3.49679  1.000 41.66486 ? 113 LYS A CE  1 
ATOM   852 N NZ  . LYS A 1 113 ? -5.59853  4.78852   -3.54572  1.000 46.69302 ? 113 LYS A NZ  1 
ATOM   853 N N   . VAL A 1 114 ? -10.50892 0.65448   -4.24969  1.000 36.55174 ? 114 VAL A N   1 
ATOM   854 C CA  . VAL A 1 114 ? -9.90182  -0.64218  -4.51145  1.000 35.75409 ? 114 VAL A CA  1 
ATOM   855 C C   . VAL A 1 114 ? -8.69361  -0.39605  -5.39798  1.000 35.31257 ? 114 VAL A C   1 
ATOM   856 O O   . VAL A 1 114 ? -8.80154  0.28373   -6.42537  1.000 35.07468 ? 114 VAL A O   1 
ATOM   857 C CB  . VAL A 1 114 ? -10.89317 -1.61578  -5.16756  1.000 36.01354 ? 114 VAL A CB  1 
ATOM   858 C CG1 . VAL A 1 114 ? -10.18064 -2.87086  -5.64125  1.000 35.26692 ? 114 VAL A CG1 1 
ATOM   859 C CG2 . VAL A 1 114 ? -11.99983 -1.96856  -4.18389  1.000 36.71837 ? 114 VAL A CG2 1 
ATOM   860 N N   . ALA A 1 115 ? -7.54286  -0.91889  -4.98820  1.000 34.61155 ? 115 ALA A N   1 
ATOM   861 C CA  . ALA A 1 115 ? -6.29929  -0.72867  -5.71358  1.000 34.24304 ? 115 ALA A CA  1 
ATOM   862 C C   . ALA A 1 115 ? -5.65275  -2.07677  -5.99030  1.000 33.82913 ? 115 ALA A C   1 
ATOM   863 O O   . ALA A 1 115 ? -5.63936  -2.96040  -5.12706  1.000 33.36108 ? 115 ALA A O   1 
ATOM   864 C CB  . ALA A 1 115 ? -5.33109  0.17008   -4.93673  1.000 33.88357 ? 115 ALA A CB  1 
ATOM   865 N N   . ILE A 1 116 ? -5.13541  -2.22894  -7.20716  1.000 33.73443 ? 116 ILE A N   1 
ATOM   866 C CA  . ILE A 1 116 ? -4.40260  -3.41554  -7.61943  1.000 33.40608 ? 116 ILE A CA  1 
ATOM   867 C C   . ILE A 1 116 ? -3.05905  -2.96957  -8.17199  1.000 32.75716 ? 116 ILE A C   1 
ATOM   868 O O   . ILE A 1 116 ? -2.92061  -1.86461  -8.70670  1.000 32.50050 ? 116 ILE A O   1 
ATOM   869 C CB  . ILE A 1 116 ? -5.17506  -4.24561  -8.66584  1.000 34.29909 ? 116 ILE A CB  1 
ATOM   870 C CG1 . ILE A 1 116 ? -5.45824  -3.39685  -9.90624  1.000 35.45045 ? 116 ILE A CG1 1 
ATOM   871 C CG2 . ILE A 1 116 ? -6.46614  -4.79007  -8.06955  1.000 34.00462 ? 116 ILE A CG2 1 
ATOM   872 C CD1 . ILE A 1 116 ? -6.19303  -4.13763  -11.00108 1.000 43.05270 ? 116 ILE A CD1 1 
ATOM   873 N N   . GLY A 1 117 ? -2.06421  -3.83485  -8.03208  1.000 31.21615 ? 117 GLY A N   1 
ATOM   874 C CA  . GLY A 1 117 ? -0.72873  -3.49086  -8.47259  1.000 30.78307 ? 117 GLY A CA  1 
ATOM   875 C C   . GLY A 1 117 ? 0.23043   -4.62703  -8.20364  1.000 29.97255 ? 117 GLY A C   1 
ATOM   876 O O   . GLY A 1 117 ? -0.17592  -5.75616  -7.92491  0.961 30.07494 ? 117 GLY A O   1 
ATOM   877 N N   . ILE A 1 118 ? 1.51926   -4.31368  -8.30747  1.000 29.80723 ? 118 ILE A N   1 
ATOM   878 C CA  . ILE A 1 118 ? 2.57671   -5.28336  -8.06488  1.000 29.40841 ? 118 ILE A CA  1 
ATOM   879 C C   . ILE A 1 118 ? 3.49009   -4.74739  -6.97474  1.000 30.38905 ? 118 ILE A C   1 
ATOM   880 O O   . ILE A 1 118 ? 3.53567   -3.54710  -6.69418  1.000 30.12795 ? 118 ILE A O   1 
ATOM   881 C CB  . ILE A 1 118 ? 3.39493   -5.60013  -9.33094  1.000 29.32042 ? 118 ILE A CB  1 
ATOM   882 C CG1 . ILE A 1 118 ? 4.10965   -4.33820  -9.81535  1.000 29.15212 ? 118 ILE A CG1 1 
ATOM   883 C CG2 . ILE A 1 118 ? 2.51079   -6.21792  -10.40456 1.000 29.58517 ? 118 ILE A CG2 1 
ATOM   884 C CD1 . ILE A 1 118 ? 4.84611   -4.50171  -11.11826 1.000 29.45303 ? 118 ILE A CD1 1 
ATOM   885 N N   . ALA A 1 119 ? 4.23498   -5.66384  -6.36348  1.000 30.24951 ? 119 ALA A N   1 
ATOM   886 C CA  . ALA A 1 119 ? 5.18000   -5.32953  -5.30834  1.000 30.57346 ? 119 ALA A CA  1 
ATOM   887 C C   . ALA A 1 119 ? 6.49326   -6.03206  -5.60769  1.000 31.45941 ? 119 ALA A C   1 
ATOM   888 O O   . ALA A 1 119 ? 6.55234   -7.26686  -5.61547  1.000 31.01038 ? 119 ALA A O   1 
ATOM   889 C CB  . ALA A 1 119 ? 4.64036   -5.72948  -3.93268  1.000 31.17832 ? 119 ALA A CB  1 
ATOM   890 N N   . TYR A 1 120 ? 7.53299   -5.24492  -5.86653  1.000 31.75402 ? 120 TYR A N   1 
ATOM   891 C CA  . TYR A 1 120 ? 8.84636   -5.74888  -6.24118  1.000 32.46083 ? 120 TYR A CA  1 
ATOM   892 C C   . TYR A 1 120 ? 9.75984   -5.70873  -5.02678  1.000 33.65032 ? 120 TYR A C   1 
ATOM   893 O O   . TYR A 1 120 ? 9.86438   -4.67340  -4.36229  1.000 33.48047 ? 120 TYR A O   1 
ATOM   894 C CB  . TYR A 1 120 ? 9.43132   -4.90815  -7.37571  1.000 33.10175 ? 120 TYR A CB  1 
ATOM   895 C CG  . TYR A 1 120 ? 10.73199  -5.41442  -7.96575  1.000 34.57450 ? 120 TYR A CG  1 
ATOM   896 C CD1 . TYR A 1 120 ? 11.95962  -4.98497  -7.47387  1.000 34.88891 ? 120 TYR A CD1 1 
ATOM   897 C CD2 . TYR A 1 120 ? 10.73104  -6.29193  -9.03977  1.000 34.22987 ? 120 TYR A CD2 1 
ATOM   898 C CE1 . TYR A 1 120 ? 13.15198  -5.43208  -8.02607  1.000 34.78038 ? 120 TYR A CE1 1 
ATOM   899 C CE2 . TYR A 1 120 ? 11.91446  -6.74174  -9.59756  1.000 34.71819 ? 120 TYR A CE2 1 
ATOM   900 C CZ  . TYR A 1 120 ? 13.11935  -6.31123  -9.08775  1.000 35.36609 ? 120 TYR A CZ  1 
ATOM   901 O OH  . TYR A 1 120 ? 14.28506  -6.77132  -9.65571  1.000 35.15802 ? 120 TYR A OH  1 
ATOM   902 N N   . LYS A 1 121 ? 10.42007  -6.82940  -4.74479  1.000 33.77257 ? 121 LYS A N   1 
ATOM   903 C CA  . LYS A 1 121 ? 11.25290  -6.96558  -3.55616  1.000 35.00679 ? 121 LYS A CA  1 
ATOM   904 C C   . LYS A 1 121 ? 12.69231  -6.61624  -3.91628  1.000 35.79327 ? 121 LYS A C   1 
ATOM   905 O O   . LYS A 1 121 ? 13.34298  -7.34079  -4.67580  1.000 36.13720 ? 121 LYS A O   1 
ATOM   906 C CB  . LYS A 1 121 ? 11.15112  -8.38037  -2.99271  1.000 35.13990 ? 121 LYS A CB  1 
ATOM   907 C CG  . LYS A 1 121 ? 11.89779  -8.57101  -1.68861  1.000 36.02441 ? 121 LYS A CG  1 
ATOM   908 C CD  . LYS A 1 121 ? 11.77090  -9.99405  -1.16324  1.000 39.09629 ? 121 LYS A CD  1 
ATOM   909 C CE  . LYS A 1 121 ? 12.55370  -10.15720 0.13249   0.973 41.04247 ? 121 LYS A CE  1 
ATOM   910 N NZ  . LYS A 1 121 ? 12.30739  -11.46814 0.78485   0.421 44.31568 ? 121 LYS A NZ  1 
ATOM   911 N N   . VAL A 1 122 ? 13.18563  -5.50451  -3.38017  1.000 35.69261 ? 122 VAL A N   1 
ATOM   912 C CA  . VAL A 1 122 ? 14.55234  -5.07409  -3.65242  1.000 36.22026 ? 122 VAL A CA  1 
ATOM   913 C C   . VAL A 1 122 ? 15.47103  -5.48055  -2.50616  1.000 36.77132 ? 122 VAL A C   1 
ATOM   914 O O   . VAL A 1 122 ? 15.94440  -6.61520  -2.45872  1.000 37.43803 ? 122 VAL A O   1 
ATOM   915 C CB  . VAL A 1 122 ? 14.62959  -3.55394  -3.90474  1.000 35.93038 ? 122 VAL A CB  1 
ATOM   916 C CG1 . VAL A 1 122 ? 14.18166  -3.22261  -5.32123  1.000 36.25918 ? 122 VAL A CG1 1 
ATOM   917 C CG2 . VAL A 1 122 ? 13.78525  -2.80096  -2.89829  1.000 35.36291 ? 122 VAL A CG2 1 
HETATM 918 O O   . HOH B 2 .   ? 15.04675  -8.29758  -6.71711  1.000 36.58307 ? 201 HOH A O   1 
HETATM 919 O O   . HOH B 2 .   ? -0.32844  0.90916   -1.01600  1.000 37.20236 ? 202 HOH A O   1 
HETATM 920 O O   . HOH B 2 .   ? -2.95334  16.66250  -13.55329 1.000 36.20164 ? 203 HOH A O   1 
HETATM 921 O O   . HOH B 2 .   ? -3.73361  3.06463   0.69219   1.000 42.53695 ? 204 HOH A O   1 
HETATM 922 O O   . HOH B 2 .   ? -6.65540  9.99350   -3.41100  1.000 41.15831 ? 205 HOH A O   1 
HETATM 923 O O   . HOH B 2 .   ? 8.27397   -4.89425  3.17140   1.000 33.47557 ? 206 HOH A O   1 
HETATM 924 O O   . HOH B 2 .   ? 1.00516   -16.91079 11.59672  1.000 34.68353 ? 207 HOH A O   1 
HETATM 925 O O   . HOH B 2 .   ? 3.18535   -15.58692 12.80661  1.000 35.08942 ? 208 HOH A O   1 
HETATM 926 O O   . HOH B 2 .   ? 6.54473   -6.75815  4.14171   1.000 33.51824 ? 209 HOH A O   1 
HETATM 927 O O   . HOH B 2 .   ? -2.85927  4.04495   -2.31983  1.000 44.43939 ? 210 HOH A O   1 
HETATM 928 O O   . HOH B 2 .   ? 6.67763   -6.89187  15.62559  1.000 30.62235 ? 211 HOH A O   1 
HETATM 929 O O   . HOH B 2 .   ? 11.51249  -13.62868 4.04383   1.000 39.12945 ? 212 HOH A O   1 
HETATM 930 O O   . HOH B 2 .   ? -1.00132  3.13351   -1.39369  1.000 40.65223 ? 213 HOH A O   1 
HETATM 931 O O   . HOH B 2 .   ? 4.47775   1.34582   12.04557  1.000 31.46961 ? 214 HOH A O   1 
HETATM 932 O O   . HOH B 2 .   ? 3.04911   17.20596  -2.00828  1.000 42.14156 ? 215 HOH A O   1 
HETATM 933 O O   . HOH B 2 .   ? 2.66006   19.29126  -0.70806  1.000 42.59489 ? 216 HOH A O   1 
HETATM 934 O O   . HOH B 2 .   ? 15.46130  -9.35595  1.76356   1.000 45.40801 ? 217 HOH A O   1 
HETATM 935 O O   . HOH B 2 .   ? -3.77684  -8.19766  9.03773   1.000 31.61313 ? 218 HOH A O   1 
HETATM 936 O O   . HOH B 2 .   ? 5.51906   -18.94781 12.77182  1.000 37.16705 ? 219 HOH A O   1 
HETATM 937 O O   . HOH B 2 .   ? 18.08682  -3.75916  -0.17545  1.000 50.06863 ? 220 HOH A O   1 
HETATM 938 O O   . HOH B 2 .   ? -3.86368  -20.43000 2.70942   1.000 36.85640 ? 221 HOH A O   1 
HETATM 939 O O   . HOH B 2 .   ? -6.76330  -15.42133 -4.66115  1.000 36.58615 ? 222 HOH A O   1 
HETATM 940 O O   . HOH B 2 .   ? 11.00040  -0.51079  15.69658  1.000 35.00119 ? 223 HOH A O   1 
HETATM 941 O O   . HOH B 2 .   ? 10.10082  -18.10506 -10.62253 0.33  31.31547 ? 224 HOH A O   1 
HETATM 942 O O   . HOH B 2 .   ? -1.44535  -12.12790 13.64252  1.000 34.91838 ? 225 HOH A O   1 
HETATM 943 O O   . HOH B 2 .   ? 19.92877  -8.77307  7.50683   1.000 40.48998 ? 226 HOH A O   1 
HETATM 944 O O   . HOH B 2 .   ? 0.35951   -10.55394 14.02862  1.000 35.34778 ? 227 HOH A O   1 
HETATM 945 O O   . HOH B 2 .   ? -4.38228  -7.92037  -10.31321 1.000 34.51588 ? 228 HOH A O   1 
HETATM 946 O O   . HOH B 2 .   ? -2.82881  -10.29563 13.01704  1.000 36.20489 ? 229 HOH A O   1 
HETATM 947 O O   . HOH B 2 .   ? -3.63118  -8.44996  11.82266  1.000 34.16002 ? 230 HOH A O   1 
# 
